data_2DD4
#
_entry.id   2DD4
#
_cell.length_a   170.307
_cell.length_b   175.602
_cell.length_c   114.791
_cell.angle_alpha   90.00
_cell.angle_beta   90.00
_cell.angle_gamma   90.00
#
_symmetry.space_group_name_H-M   'P 21 21 21'
#
loop_
_entity.id
_entity.type
_entity.pdbx_description
1 polymer 'Thiocyanate hydrolase alpha subunit'
2 polymer 'Thiocyanate hydrolase beta subunit'
3 polymer 'Thiocyanate hydrolase gamma subunit'
4 non-polymer beta-D-fructofuranose
5 non-polymer 'L(+)-TARTARIC ACID'
6 water water
#
loop_
_entity_poly.entity_id
_entity_poly.type
_entity_poly.pdbx_seq_one_letter_code
_entity_poly.pdbx_strand_id
1 'polypeptide(L)'
;MSDSHHKPVWDRTHHAKMATGIGDPQCFKGMAGKSKFNVGDRVRIKDLPDLFYTRTMTYTRGATGTIVRLVYESPAAEDE
AFGNEENVEWFYSIVFAQKDLWPEYSDTFANDTLETEIPERYLEKA
;
A,D,G,J
2 'polypeptide(L)'
;MSSSIREEVHRHLGTVALMQPALHQQTHAPAPTEITHTLFRAYTRVPHDVGGEADVPIEYHEKEEEIWELNTFATCECLA
WRGVWTAEERRRKQNCDVGQTVYLGMPYYGRWLLTAARILVDKQFVTLTELHNKIVEMRERVASGQGLGEYLPPKAK
;
B,E,H,K
3 'polypeptide(L)'
;MSADHDHDHDHDHDHKPAPMVEEVSDFEILEMAVRELAIEKGLFSAEDHRVWKDYVHTLGPLPAARLVAKAWLDPEYKKL
CIEDGVEASKAVGVNWVTSPPTQFGTPSDYCNLRVLADSPTLKHVVVCTLCSCYPRPILGQSPEWYRSPNYRRRLVRWPR
QVLAEFGLQLPSEVQIRVADSNQKTRYIVMPVRPEGTDGWTEDQLAEIVTRDCLIGVAVPKPGITVNAKRPVLKANRPVH
HDH
;
C,F,I,L
#
loop_
_chem_comp.id
_chem_comp.type
_chem_comp.name
_chem_comp.formula
FRU D-saccharide, beta linking beta-D-fructofuranose 'C6 H12 O6'
TLA non-polymer 'L(+)-TARTARIC ACID' 'C4 H6 O6'
#
# COMPACT_ATOMS: atom_id res chain seq x y z
N VAL A 9 45.65 -3.88 -8.00
CA VAL A 9 44.89 -5.05 -7.49
C VAL A 9 44.01 -5.62 -8.61
N TRP A 10 43.41 -4.73 -9.40
CA TRP A 10 42.54 -5.14 -10.49
C TRP A 10 43.18 -4.99 -11.86
N ASP A 11 43.17 -6.06 -12.65
CA ASP A 11 43.75 -6.06 -13.99
C ASP A 11 42.76 -5.38 -14.94
N ARG A 12 43.12 -4.21 -15.43
CA ARG A 12 42.23 -3.48 -16.33
C ARG A 12 42.58 -3.60 -17.81
N THR A 13 43.47 -4.53 -18.14
CA THR A 13 43.87 -4.71 -19.54
C THR A 13 43.54 -6.10 -20.09
N HIS A 14 43.27 -7.04 -19.19
CA HIS A 14 42.96 -8.40 -19.60
C HIS A 14 41.92 -8.55 -20.71
N HIS A 15 40.73 -7.98 -20.50
CA HIS A 15 39.65 -8.10 -21.48
C HIS A 15 40.03 -7.52 -22.84
N ALA A 16 40.52 -6.28 -22.85
CA ALA A 16 40.92 -5.63 -24.09
C ALA A 16 41.99 -6.43 -24.83
N LYS A 17 43.02 -6.86 -24.10
CA LYS A 17 44.10 -7.64 -24.70
C LYS A 17 43.58 -8.91 -25.34
N MET A 18 42.56 -9.50 -24.72
CA MET A 18 41.96 -10.72 -25.20
C MET A 18 40.96 -10.56 -26.34
N ALA A 19 40.16 -9.50 -26.29
CA ALA A 19 39.14 -9.29 -27.31
C ALA A 19 39.44 -8.34 -28.46
N THR A 20 40.46 -7.49 -28.32
CA THR A 20 40.77 -6.55 -29.40
C THR A 20 40.99 -7.22 -30.74
N GLY A 21 40.32 -6.69 -31.77
CA GLY A 21 40.44 -7.23 -33.11
C GLY A 21 39.73 -8.57 -33.29
N ILE A 22 39.07 -9.04 -32.23
CA ILE A 22 38.36 -10.32 -32.28
C ILE A 22 36.89 -10.17 -31.91
N GLY A 23 36.65 -9.45 -30.82
CA GLY A 23 35.28 -9.25 -30.38
C GLY A 23 34.88 -10.20 -29.26
N ASP A 24 33.71 -9.92 -28.67
CA ASP A 24 33.13 -10.69 -27.58
C ASP A 24 31.75 -11.06 -28.12
N PRO A 25 31.37 -12.34 -28.04
CA PRO A 25 32.03 -13.54 -27.51
C PRO A 25 33.02 -14.28 -28.41
N GLN A 26 33.35 -13.72 -29.57
CA GLN A 26 34.30 -14.38 -30.48
C GLN A 26 35.58 -14.82 -29.76
N CYS A 27 36.05 -13.99 -28.84
CA CYS A 27 37.28 -14.29 -28.12
C CYS A 27 37.22 -15.55 -27.26
N PHE A 28 36.03 -16.09 -27.05
CA PHE A 28 35.88 -17.29 -26.22
C PHE A 28 35.68 -18.53 -27.09
N LYS A 29 35.68 -18.33 -28.41
CA LYS A 29 35.46 -19.45 -29.33
C LYS A 29 36.42 -20.62 -29.11
N GLY A 30 35.85 -21.82 -29.06
CA GLY A 30 36.64 -23.02 -28.88
C GLY A 30 36.99 -23.37 -27.44
N MET A 31 36.69 -22.47 -26.52
CA MET A 31 37.02 -22.73 -25.12
C MET A 31 36.05 -23.63 -24.36
N ALA A 32 34.87 -23.83 -24.93
CA ALA A 32 33.87 -24.69 -24.28
C ALA A 32 34.05 -26.15 -24.62
N GLY A 33 34.82 -26.45 -25.66
CA GLY A 33 35.03 -27.82 -26.05
C GLY A 33 33.84 -28.35 -26.83
N LYS A 34 33.53 -29.64 -26.67
CA LYS A 34 32.41 -30.23 -27.38
C LYS A 34 31.07 -29.89 -26.74
N SER A 35 30.10 -29.51 -27.57
CA SER A 35 28.77 -29.18 -27.09
C SER A 35 28.04 -30.42 -26.61
N LYS A 36 27.33 -30.29 -25.51
CA LYS A 36 26.59 -31.42 -24.94
C LYS A 36 25.30 -31.70 -25.69
N PHE A 37 24.77 -30.67 -26.36
CA PHE A 37 23.54 -30.80 -27.11
C PHE A 37 23.71 -30.28 -28.53
N ASN A 38 22.76 -30.60 -29.40
CA ASN A 38 22.83 -30.13 -30.77
C ASN A 38 21.47 -29.64 -31.26
N VAL A 39 21.48 -28.91 -32.37
CA VAL A 39 20.26 -28.37 -32.96
C VAL A 39 19.24 -29.50 -33.12
N GLY A 40 18.00 -29.24 -32.73
CA GLY A 40 16.96 -30.25 -32.85
C GLY A 40 16.63 -30.95 -31.54
N ASP A 41 17.56 -30.97 -30.59
CA ASP A 41 17.32 -31.63 -29.31
C ASP A 41 16.24 -30.96 -28.47
N ARG A 42 15.46 -31.78 -27.77
CA ARG A 42 14.42 -31.31 -26.88
C ARG A 42 15.06 -31.23 -25.50
N VAL A 43 15.05 -30.05 -24.90
CA VAL A 43 15.64 -29.87 -23.59
C VAL A 43 14.70 -29.20 -22.61
N ARG A 44 14.85 -29.55 -21.33
CA ARG A 44 14.04 -28.95 -20.27
C ARG A 44 14.99 -28.06 -19.47
N ILE A 45 14.47 -26.94 -18.99
CA ILE A 45 15.28 -26.00 -18.21
C ILE A 45 15.31 -26.36 -16.74
N LYS A 46 16.51 -26.65 -16.23
CA LYS A 46 16.68 -26.98 -14.82
C LYS A 46 16.44 -25.73 -13.99
N ASP A 47 15.77 -25.90 -12.86
CA ASP A 47 15.51 -24.76 -11.99
C ASP A 47 16.64 -24.63 -10.97
N LEU A 48 17.81 -24.24 -11.46
CA LEU A 48 18.99 -24.08 -10.60
C LEU A 48 18.81 -22.90 -9.68
N PRO A 49 19.47 -22.92 -8.50
CA PRO A 49 19.36 -21.81 -7.55
C PRO A 49 19.69 -20.52 -8.29
N ASP A 50 18.97 -19.45 -7.99
CA ASP A 50 19.20 -18.18 -8.66
C ASP A 50 19.63 -17.07 -7.70
N LEU A 51 20.06 -17.46 -6.50
CA LEU A 51 20.48 -16.49 -5.50
C LEU A 51 21.53 -15.52 -6.08
N PHE A 52 21.32 -14.23 -5.82
CA PHE A 52 22.21 -13.17 -6.26
C PHE A 52 22.19 -12.79 -7.75
N TYR A 53 22.21 -13.79 -8.65
CA TYR A 53 22.20 -13.46 -10.07
C TYR A 53 21.92 -14.64 -11.00
N THR A 54 21.27 -14.33 -12.12
CA THR A 54 20.96 -15.30 -13.16
C THR A 54 20.39 -14.56 -14.35
N ARG A 55 20.60 -15.12 -15.54
CA ARG A 55 20.05 -14.54 -16.77
C ARG A 55 19.14 -15.57 -17.44
N THR A 56 18.74 -16.56 -16.67
CA THR A 56 17.83 -17.59 -17.15
C THR A 56 16.54 -17.29 -16.42
N MET A 57 15.68 -16.54 -17.10
CA MET A 57 14.40 -16.10 -16.55
C MET A 57 13.59 -17.16 -15.84
N THR A 58 12.99 -16.74 -14.72
CA THR A 58 12.14 -17.60 -13.92
C THR A 58 11.03 -18.22 -14.76
N TYR A 59 10.49 -17.47 -15.71
CA TYR A 59 9.38 -17.98 -16.51
C TYR A 59 9.71 -19.20 -17.38
N THR A 60 10.99 -19.48 -17.56
CA THR A 60 11.39 -20.63 -18.38
C THR A 60 11.70 -21.89 -17.57
N ARG A 61 11.84 -21.75 -16.26
CA ARG A 61 12.20 -22.89 -15.40
C ARG A 61 11.23 -24.07 -15.49
N GLY A 62 11.78 -25.26 -15.72
CA GLY A 62 10.94 -26.44 -15.80
C GLY A 62 10.21 -26.61 -17.14
N ALA A 63 10.39 -25.66 -18.05
CA ALA A 63 9.74 -25.73 -19.35
C ALA A 63 10.63 -26.47 -20.34
N THR A 64 10.02 -27.10 -21.33
CA THR A 64 10.78 -27.84 -22.34
C THR A 64 10.71 -27.10 -23.66
N GLY A 65 11.85 -27.03 -24.34
CA GLY A 65 11.89 -26.34 -25.62
C GLY A 65 12.78 -27.06 -26.62
N THR A 66 12.92 -26.47 -27.80
CA THR A 66 13.74 -27.04 -28.86
C THR A 66 14.92 -26.15 -29.18
N ILE A 67 16.11 -26.76 -29.21
CA ILE A 67 17.32 -26.02 -29.55
C ILE A 67 17.31 -25.78 -31.04
N VAL A 68 17.43 -24.53 -31.46
CA VAL A 68 17.43 -24.22 -32.89
C VAL A 68 18.76 -23.68 -33.38
N ARG A 69 19.69 -23.47 -32.46
CA ARG A 69 21.01 -22.96 -32.82
C ARG A 69 22.00 -22.89 -31.67
N LEU A 70 23.26 -23.18 -31.97
CA LEU A 70 24.34 -23.07 -30.99
C LEU A 70 24.89 -21.71 -31.37
N VAL A 71 24.53 -20.68 -30.61
CA VAL A 71 24.93 -19.31 -30.92
C VAL A 71 26.39 -18.91 -30.73
N TYR A 72 27.02 -19.42 -29.67
CA TYR A 72 28.42 -19.09 -29.38
C TYR A 72 28.87 -19.73 -28.08
N GLU A 73 30.11 -19.45 -27.70
CA GLU A 73 30.70 -19.96 -26.47
C GLU A 73 31.03 -18.74 -25.63
N SER A 74 30.90 -18.87 -24.32
CA SER A 74 31.17 -17.75 -23.43
C SER A 74 31.02 -18.13 -21.97
N PRO A 75 31.69 -17.42 -21.08
CA PRO A 75 31.52 -17.80 -19.68
C PRO A 75 30.06 -17.45 -19.33
N ALA A 76 29.45 -18.22 -18.43
CA ALA A 76 28.08 -17.94 -18.04
C ALA A 76 28.04 -16.56 -17.40
N ALA A 77 26.89 -15.89 -17.53
CA ALA A 77 26.75 -14.55 -16.94
C ALA A 77 26.88 -14.66 -15.43
N GLU A 78 26.44 -15.80 -14.89
CA GLU A 78 26.51 -16.06 -13.45
C GLU A 78 27.96 -15.93 -12.96
N ASP A 79 28.92 -16.22 -13.83
CA ASP A 79 30.33 -16.13 -13.48
C ASP A 79 30.94 -14.82 -13.95
N GLU A 80 30.65 -14.44 -15.18
CA GLU A 80 31.17 -13.21 -15.76
C GLU A 80 30.81 -11.97 -14.92
N ALA A 81 29.57 -11.93 -14.44
CA ALA A 81 29.10 -10.79 -13.65
C ALA A 81 29.80 -10.63 -12.30
N PHE A 82 30.63 -11.61 -11.95
CA PHE A 82 31.38 -11.56 -10.70
C PHE A 82 32.88 -11.66 -10.96
N GLY A 83 33.28 -11.38 -12.20
CA GLY A 83 34.69 -11.40 -12.57
C GLY A 83 35.33 -12.77 -12.69
N ASN A 84 34.50 -13.80 -12.88
CA ASN A 84 35.01 -15.16 -13.01
C ASN A 84 34.81 -15.66 -14.44
N GLU A 85 35.89 -15.64 -15.23
CA GLU A 85 35.81 -16.05 -16.63
C GLU A 85 36.62 -17.29 -16.99
N GLU A 86 37.12 -18.01 -15.99
CA GLU A 86 37.93 -19.19 -16.24
C GLU A 86 37.18 -20.30 -16.97
N ASN A 87 35.87 -20.37 -16.78
CA ASN A 87 35.07 -21.40 -17.43
C ASN A 87 34.20 -20.83 -18.55
N VAL A 88 34.21 -21.54 -19.68
CA VAL A 88 33.43 -21.14 -20.84
C VAL A 88 32.54 -22.30 -21.25
N GLU A 89 31.28 -22.01 -21.57
CA GLU A 89 30.36 -23.06 -21.99
C GLU A 89 29.55 -22.63 -23.20
N TRP A 90 28.88 -23.60 -23.82
CA TRP A 90 28.06 -23.32 -25.00
C TRP A 90 26.74 -22.65 -24.65
N PHE A 91 26.32 -21.72 -25.51
CA PHE A 91 25.03 -21.05 -25.33
C PHE A 91 24.12 -21.54 -26.45
N TYR A 92 22.87 -21.82 -26.09
CA TYR A 92 21.91 -22.33 -27.06
C TYR A 92 20.67 -21.45 -27.20
N SER A 93 20.21 -21.25 -28.43
CA SER A 93 19.00 -20.46 -28.63
C SER A 93 17.90 -21.52 -28.62
N ILE A 94 16.94 -21.36 -27.73
CA ILE A 94 15.86 -22.33 -27.56
C ILE A 94 14.47 -21.75 -27.84
N VAL A 95 13.64 -22.54 -28.51
CA VAL A 95 12.28 -22.12 -28.84
C VAL A 95 11.25 -22.89 -28.04
N PHE A 96 10.38 -22.14 -27.35
CA PHE A 96 9.33 -22.69 -26.52
C PHE A 96 7.98 -22.38 -27.15
N ALA A 97 7.02 -23.30 -26.99
CA ALA A 97 5.67 -23.06 -27.48
C ALA A 97 5.05 -22.19 -26.38
N GLN A 98 4.38 -21.12 -26.75
CA GLN A 98 3.78 -20.24 -25.74
C GLN A 98 2.90 -20.96 -24.74
N LYS A 99 2.14 -21.95 -25.21
CA LYS A 99 1.25 -22.68 -24.32
C LYS A 99 1.99 -23.48 -23.25
N ASP A 100 3.27 -23.76 -23.47
CA ASP A 100 4.05 -24.51 -22.48
C ASP A 100 4.60 -23.59 -21.40
N LEU A 101 4.46 -22.29 -21.61
CA LEU A 101 4.95 -21.32 -20.63
C LEU A 101 3.79 -20.72 -19.85
N TRP A 102 2.75 -20.33 -20.59
CA TRP A 102 1.59 -19.69 -20.00
C TRP A 102 0.34 -20.55 -20.08
N PRO A 103 -0.14 -21.06 -18.94
CA PRO A 103 -1.32 -21.92 -18.87
C PRO A 103 -2.54 -21.38 -19.59
N GLU A 104 -2.73 -20.06 -19.54
CA GLU A 104 -3.89 -19.45 -20.17
C GLU A 104 -3.79 -19.14 -21.65
N TYR A 105 -2.64 -19.43 -22.27
CA TYR A 105 -2.49 -19.14 -23.69
C TYR A 105 -3.61 -19.80 -24.51
N SER A 106 -4.18 -19.02 -25.42
CA SER A 106 -5.28 -19.48 -26.26
C SER A 106 -4.91 -20.43 -27.39
N ASP A 107 -5.68 -21.51 -27.53
CA ASP A 107 -5.45 -22.48 -28.60
C ASP A 107 -5.66 -21.83 -29.96
N THR A 108 -6.30 -20.67 -29.98
CA THR A 108 -6.53 -19.98 -31.25
C THR A 108 -5.19 -19.56 -31.84
N PHE A 109 -4.23 -19.26 -30.97
CA PHE A 109 -2.88 -18.86 -31.39
C PHE A 109 -1.91 -19.99 -31.04
N ALA A 110 -2.23 -21.19 -31.49
CA ALA A 110 -1.42 -22.38 -31.19
C ALA A 110 0.00 -22.43 -31.76
N ASN A 111 0.32 -21.56 -32.71
CA ASN A 111 1.65 -21.57 -33.31
C ASN A 111 2.64 -20.57 -32.71
N ASP A 112 2.17 -19.72 -31.80
CA ASP A 112 3.04 -18.72 -31.20
C ASP A 112 4.15 -19.34 -30.36
N THR A 113 5.32 -18.71 -30.42
CA THR A 113 6.49 -19.18 -29.71
C THR A 113 7.30 -18.06 -29.05
N LEU A 114 8.29 -18.46 -28.27
CA LEU A 114 9.20 -17.54 -27.61
C LEU A 114 10.60 -18.14 -27.75
N GLU A 115 11.55 -17.32 -28.17
CA GLU A 115 12.92 -17.78 -28.35
C GLU A 115 13.83 -16.96 -27.46
N THR A 116 14.74 -17.64 -26.75
CA THR A 116 15.67 -16.95 -25.88
C THR A 116 16.90 -17.83 -25.72
N GLU A 117 17.99 -17.27 -25.19
CA GLU A 117 19.22 -18.03 -25.04
C GLU A 117 19.52 -18.49 -23.62
N ILE A 118 19.97 -19.74 -23.50
CA ILE A 118 20.29 -20.33 -22.21
C ILE A 118 21.61 -21.08 -22.30
N PRO A 119 22.50 -20.90 -21.30
CA PRO A 119 23.79 -21.60 -21.32
C PRO A 119 23.61 -23.07 -20.96
N GLU A 120 24.49 -23.91 -21.48
CA GLU A 120 24.44 -25.36 -21.28
C GLU A 120 24.10 -25.87 -19.87
N ARG A 121 24.61 -25.21 -18.84
CA ARG A 121 24.36 -25.66 -17.47
C ARG A 121 22.89 -25.80 -17.05
N TYR A 122 21.99 -25.09 -17.71
CA TYR A 122 20.57 -25.16 -17.36
C TYR A 122 19.81 -26.20 -18.17
N LEU A 123 20.51 -26.91 -19.04
CA LEU A 123 19.86 -27.88 -19.90
C LEU A 123 20.04 -29.35 -19.56
N GLU A 124 18.97 -30.11 -19.75
CA GLU A 124 18.97 -31.56 -19.54
C GLU A 124 18.08 -32.12 -20.64
N LYS A 125 18.45 -33.26 -21.21
CA LYS A 125 17.66 -33.85 -22.28
C LYS A 125 16.21 -33.99 -21.83
N ALA A 126 15.28 -33.69 -22.72
CA ALA A 126 13.87 -33.77 -22.40
C ALA A 126 13.41 -35.21 -22.60
N SER B 3 -9.72 18.57 -24.73
CA SER B 3 -10.94 18.82 -23.90
C SER B 3 -10.62 18.85 -22.41
N SER B 4 -11.05 19.91 -21.75
CA SER B 4 -10.82 20.07 -20.32
C SER B 4 -11.55 18.94 -19.57
N ILE B 5 -12.79 18.67 -19.96
CA ILE B 5 -13.54 17.61 -19.30
C ILE B 5 -12.86 16.25 -19.52
N ARG B 6 -12.43 15.98 -20.75
CA ARG B 6 -11.77 14.71 -21.03
C ARG B 6 -10.47 14.59 -20.23
N GLU B 7 -9.73 15.68 -20.11
CA GLU B 7 -8.50 15.64 -19.34
C GLU B 7 -8.83 15.30 -17.88
N GLU B 8 -9.93 15.85 -17.38
CA GLU B 8 -10.33 15.57 -16.00
C GLU B 8 -10.78 14.11 -15.85
N VAL B 9 -11.43 13.59 -16.89
CA VAL B 9 -11.89 12.20 -16.87
C VAL B 9 -10.71 11.24 -16.81
N HIS B 10 -9.70 11.47 -17.63
CA HIS B 10 -8.53 10.60 -17.63
C HIS B 10 -7.72 10.76 -16.35
N ARG B 11 -7.72 11.98 -15.80
CA ARG B 11 -7.00 12.24 -14.57
C ARG B 11 -7.70 11.43 -13.47
N HIS B 12 -9.03 11.38 -13.55
CA HIS B 12 -9.84 10.65 -12.58
C HIS B 12 -9.57 9.15 -12.66
N LEU B 13 -9.59 8.60 -13.87
CA LEU B 13 -9.35 7.17 -14.07
C LEU B 13 -7.98 6.74 -13.54
N GLY B 14 -7.01 7.64 -13.59
CA GLY B 14 -5.69 7.33 -13.08
C GLY B 14 -5.64 7.50 -11.57
N THR B 15 -6.32 8.51 -11.06
CA THR B 15 -6.34 8.80 -9.62
C THR B 15 -7.01 7.75 -8.74
N VAL B 16 -8.15 7.21 -9.18
CA VAL B 16 -8.84 6.21 -8.35
C VAL B 16 -7.99 4.97 -8.09
N ALA B 17 -7.00 4.72 -8.92
CA ALA B 17 -6.11 3.58 -8.73
C ALA B 17 -5.41 3.67 -7.38
N LEU B 18 -5.16 4.90 -6.93
CA LEU B 18 -4.50 5.13 -5.65
C LEU B 18 -5.35 4.62 -4.49
N MET B 19 -6.66 4.61 -4.71
CA MET B 19 -7.61 4.19 -3.68
C MET B 19 -8.04 2.73 -3.76
N GLN B 20 -7.43 1.98 -4.67
CA GLN B 20 -7.74 0.55 -4.83
C GLN B 20 -7.56 -0.15 -3.48
N PRO B 21 -8.63 -0.74 -2.95
CA PRO B 21 -8.54 -1.44 -1.67
C PRO B 21 -7.52 -2.57 -1.67
N ALA B 22 -6.91 -2.81 -0.52
CA ALA B 22 -5.93 -3.87 -0.39
C ALA B 22 -5.73 -4.21 1.07
N LEU B 23 -5.17 -5.39 1.31
CA LEU B 23 -4.86 -5.82 2.67
C LEU B 23 -3.36 -5.50 2.68
N HIS B 24 -3.02 -4.37 3.27
CA HIS B 24 -1.65 -3.87 3.33
C HIS B 24 -0.94 -4.30 4.61
N GLN B 25 -0.06 -5.28 4.48
CA GLN B 25 0.68 -5.81 5.62
C GLN B 25 2.11 -5.29 5.70
N GLN B 26 2.37 -4.34 6.59
CA GLN B 26 3.71 -3.80 6.73
C GLN B 26 4.62 -4.89 7.31
N THR B 27 5.85 -4.93 6.83
CA THR B 27 6.81 -5.93 7.30
C THR B 27 7.94 -5.23 8.05
N HIS B 28 8.10 -5.59 9.32
CA HIS B 28 9.13 -4.99 10.16
C HIS B 28 10.09 -6.05 10.72
N ALA B 29 10.99 -6.55 9.87
CA ALA B 29 11.94 -7.57 10.29
C ALA B 29 11.25 -8.75 10.98
N PRO B 30 10.36 -9.46 10.27
CA PRO B 30 9.67 -10.59 10.89
C PRO B 30 10.61 -11.75 11.20
N ALA B 31 10.21 -12.58 12.16
CA ALA B 31 11.00 -13.74 12.56
C ALA B 31 11.05 -14.78 11.45
N PRO B 32 12.07 -15.65 11.46
CA PRO B 32 12.23 -16.69 10.44
C PRO B 32 10.99 -17.56 10.27
N THR B 33 10.27 -17.78 11.37
CA THR B 33 9.05 -18.60 11.33
C THR B 33 7.93 -17.96 10.53
N GLU B 34 8.09 -16.68 10.17
CA GLU B 34 7.07 -15.99 9.39
C GLU B 34 7.41 -15.97 7.90
N ILE B 35 8.52 -16.60 7.54
CA ILE B 35 8.95 -16.65 6.15
C ILE B 35 8.75 -18.04 5.57
N THR B 36 7.80 -18.17 4.65
CA THR B 36 7.52 -19.44 3.99
C THR B 36 8.51 -19.58 2.84
N HIS B 37 8.55 -20.75 2.19
CA HIS B 37 9.48 -20.91 1.08
C HIS B 37 9.10 -19.98 -0.07
N THR B 38 7.81 -19.80 -0.28
CA THR B 38 7.34 -18.91 -1.35
C THR B 38 7.83 -17.48 -1.13
N LEU B 39 7.80 -17.02 0.13
CA LEU B 39 8.26 -15.67 0.44
C LEU B 39 9.78 -15.61 0.34
N PHE B 40 10.46 -16.67 0.79
CA PHE B 40 11.92 -16.69 0.72
C PHE B 40 12.34 -16.51 -0.74
N ARG B 41 11.71 -17.26 -1.65
CA ARG B 41 12.04 -17.15 -3.06
C ARG B 41 11.72 -15.77 -3.63
N ALA B 42 10.61 -15.17 -3.19
CA ALA B 42 10.25 -13.85 -3.68
C ALA B 42 11.19 -12.75 -3.17
N TYR B 43 11.63 -12.87 -1.91
CA TYR B 43 12.54 -11.88 -1.31
C TYR B 43 13.96 -11.96 -1.85
N THR B 44 14.44 -13.18 -2.10
CA THR B 44 15.80 -13.38 -2.61
C THR B 44 15.86 -13.42 -4.13
N ARG B 45 14.75 -13.04 -4.77
CA ARG B 45 14.64 -12.99 -6.22
C ARG B 45 15.68 -12.04 -6.79
N VAL B 46 15.97 -12.17 -8.09
CA VAL B 46 16.87 -11.27 -8.76
C VAL B 46 15.90 -10.24 -9.37
N PRO B 47 15.91 -9.00 -8.84
CA PRO B 47 15.04 -7.90 -9.26
C PRO B 47 14.74 -7.67 -10.75
N HIS B 48 15.74 -7.87 -11.61
CA HIS B 48 15.54 -7.62 -13.04
C HIS B 48 14.70 -8.64 -13.80
N ASP B 49 14.43 -9.78 -13.17
CA ASP B 49 13.67 -10.87 -13.78
C ASP B 49 12.15 -10.66 -13.65
N VAL B 50 11.58 -9.83 -14.52
CA VAL B 50 10.15 -9.52 -14.45
C VAL B 50 9.25 -10.13 -15.52
N GLY B 51 9.84 -10.82 -16.50
CA GLY B 51 9.04 -11.42 -17.56
C GLY B 51 7.93 -12.33 -17.08
N GLY B 52 6.70 -12.08 -17.55
CA GLY B 52 5.59 -12.93 -17.14
C GLY B 52 4.73 -12.33 -16.04
N GLU B 53 5.23 -11.29 -15.38
CA GLU B 53 4.46 -10.64 -14.32
C GLU B 53 3.28 -9.89 -14.93
N ALA B 54 2.14 -9.95 -14.27
CA ALA B 54 0.95 -9.26 -14.76
C ALA B 54 1.12 -7.76 -14.59
N ASP B 55 0.77 -7.02 -15.63
CA ASP B 55 0.85 -5.55 -15.57
C ASP B 55 -0.29 -5.03 -16.43
N VAL B 56 -0.59 -3.75 -16.30
CA VAL B 56 -1.69 -3.14 -17.06
C VAL B 56 -1.24 -2.56 -18.39
N PRO B 57 -2.19 -2.13 -19.23
CA PRO B 57 -1.81 -1.54 -20.52
C PRO B 57 -1.48 -0.09 -20.24
N ILE B 58 -0.42 0.43 -20.86
CA ILE B 58 -0.09 1.85 -20.69
C ILE B 58 0.15 2.43 -22.07
N GLU B 59 -0.18 3.70 -22.25
CA GLU B 59 0.04 4.35 -23.52
C GLU B 59 1.53 4.66 -23.52
N TYR B 60 2.29 3.84 -24.23
CA TYR B 60 3.73 4.00 -24.30
C TYR B 60 4.16 5.36 -24.83
N HIS B 61 5.20 5.92 -24.21
CA HIS B 61 5.71 7.21 -24.63
C HIS B 61 7.19 7.15 -24.93
N GLU B 62 7.67 8.15 -25.67
CA GLU B 62 9.08 8.27 -26.00
C GLU B 62 9.54 9.29 -24.95
N LYS B 63 10.84 9.38 -24.70
CA LYS B 63 11.33 10.38 -23.74
C LYS B 63 12.62 10.98 -24.25
N GLU B 64 12.73 12.31 -24.20
CA GLU B 64 13.93 12.98 -24.65
C GLU B 64 15.08 12.58 -23.73
N GLU B 65 16.28 12.47 -24.30
CA GLU B 65 17.44 12.12 -23.50
C GLU B 65 17.91 13.34 -22.72
N GLU B 66 18.22 13.14 -21.44
CA GLU B 66 18.73 14.22 -20.61
C GLU B 66 20.21 14.29 -20.93
N ILE B 67 20.80 15.48 -20.82
CA ILE B 67 22.23 15.62 -21.07
C ILE B 67 22.98 14.68 -20.14
N TRP B 68 22.57 14.63 -18.86
CA TRP B 68 23.26 13.77 -17.91
C TRP B 68 23.11 12.28 -18.20
N GLU B 69 22.02 11.90 -18.86
CA GLU B 69 21.80 10.50 -19.20
C GLU B 69 22.80 10.09 -20.28
N LEU B 70 23.01 10.96 -21.27
CA LEU B 70 23.96 10.66 -22.33
C LEU B 70 25.36 10.57 -21.73
N ASN B 71 25.69 11.49 -20.82
CA ASN B 71 27.00 11.50 -20.18
C ASN B 71 27.19 10.26 -19.30
N THR B 72 26.09 9.80 -18.69
CA THR B 72 26.15 8.63 -17.83
C THR B 72 26.41 7.38 -18.69
N PHE B 73 25.71 7.29 -19.81
CA PHE B 73 25.87 6.16 -20.71
C PHE B 73 27.33 6.07 -21.18
N ALA B 74 27.87 7.19 -21.66
CA ALA B 74 29.25 7.25 -22.13
C ALA B 74 30.22 6.84 -21.03
N THR B 75 29.96 7.30 -19.80
CA THR B 75 30.82 6.97 -18.68
C THR B 75 30.85 5.48 -18.39
N CYS B 76 29.68 4.85 -18.39
CA CYS B 76 29.59 3.42 -18.12
C CYS B 76 30.27 2.58 -19.18
N GLU B 77 30.15 2.98 -20.45
CA GLU B 77 30.77 2.24 -21.53
C GLU B 77 32.29 2.48 -21.53
N CYS B 78 32.72 3.68 -21.18
CA CYS B 78 34.15 3.98 -21.13
C CYS B 78 34.82 3.24 -19.98
N LEU B 79 34.11 3.12 -18.85
CA LEU B 79 34.66 2.39 -17.70
C LEU B 79 34.88 0.94 -18.11
N ALA B 80 33.95 0.41 -18.91
CA ALA B 80 34.04 -0.97 -19.38
C ALA B 80 35.15 -1.09 -20.43
N TRP B 81 35.19 -0.10 -21.32
CA TRP B 81 36.18 -0.02 -22.39
C TRP B 81 37.57 -0.13 -21.78
N ARG B 82 37.81 0.64 -20.72
CA ARG B 82 39.12 0.66 -20.06
C ARG B 82 39.32 -0.38 -18.96
N GLY B 83 38.52 -1.43 -18.98
CA GLY B 83 38.66 -2.51 -18.01
C GLY B 83 38.27 -2.35 -16.55
N VAL B 84 37.51 -1.33 -16.19
CA VAL B 84 37.09 -1.17 -14.80
C VAL B 84 36.07 -2.28 -14.47
N TRP B 85 35.31 -2.67 -15.48
CA TRP B 85 34.31 -3.73 -15.33
C TRP B 85 33.82 -4.18 -16.70
N THR B 86 33.11 -5.31 -16.73
CA THR B 86 32.54 -5.80 -17.98
C THR B 86 31.07 -5.41 -17.89
N ALA B 87 30.38 -5.41 -19.03
CA ALA B 87 28.97 -5.04 -19.03
C ALA B 87 28.17 -5.95 -18.09
N GLU B 88 28.52 -7.24 -18.05
CA GLU B 88 27.80 -8.16 -17.18
C GLU B 88 27.93 -7.79 -15.70
N GLU B 89 29.11 -7.31 -15.30
CA GLU B 89 29.30 -6.91 -13.93
C GLU B 89 28.40 -5.70 -13.68
N ARG B 90 28.30 -4.82 -14.68
CA ARG B 90 27.45 -3.65 -14.55
C ARG B 90 25.98 -4.04 -14.39
N ARG B 91 25.50 -4.94 -15.24
CA ARG B 91 24.09 -5.35 -15.16
C ARG B 91 23.75 -5.95 -13.80
N ARG B 92 24.63 -6.83 -13.32
CA ARG B 92 24.41 -7.46 -12.03
C ARG B 92 24.30 -6.43 -10.90
N LYS B 93 25.24 -5.49 -10.86
CA LYS B 93 25.25 -4.46 -9.83
C LYS B 93 24.14 -3.45 -10.01
N GLN B 94 23.89 -3.08 -11.25
CA GLN B 94 22.90 -2.08 -11.60
C GLN B 94 21.44 -2.53 -11.60
N ASN B 95 21.19 -3.71 -12.14
CA ASN B 95 19.83 -4.20 -12.25
C ASN B 95 19.38 -5.22 -11.19
N CYS B 96 20.31 -5.64 -10.35
CA CYS B 96 19.97 -6.62 -9.33
C CYS B 96 20.41 -6.20 -7.92
N ASP B 97 21.68 -5.89 -7.75
CA ASP B 97 22.20 -5.49 -6.45
C ASP B 97 21.53 -4.26 -5.85
N VAL B 98 20.97 -3.40 -6.68
CA VAL B 98 20.31 -2.20 -6.14
C VAL B 98 19.09 -2.52 -5.29
N GLY B 99 18.59 -3.76 -5.41
CA GLY B 99 17.43 -4.15 -4.61
C GLY B 99 16.08 -3.72 -5.18
N GLN B 100 15.04 -4.45 -4.78
CA GLN B 100 13.67 -4.21 -5.25
C GLN B 100 13.17 -2.77 -5.25
N THR B 101 13.26 -2.09 -4.10
CA THR B 101 12.77 -0.72 -3.99
C THR B 101 13.41 0.27 -4.96
N VAL B 102 14.73 0.37 -4.94
CA VAL B 102 15.41 1.30 -5.85
C VAL B 102 15.22 0.85 -7.29
N TYR B 103 15.20 -0.46 -7.52
CA TYR B 103 15.05 -0.98 -8.88
C TYR B 103 13.82 -0.41 -9.59
N LEU B 104 12.71 -0.27 -8.89
CA LEU B 104 11.49 0.24 -9.51
C LEU B 104 11.10 1.65 -9.10
N GLY B 105 11.70 2.16 -8.01
CA GLY B 105 11.36 3.49 -7.54
C GLY B 105 12.16 4.62 -8.20
N MET B 106 13.40 4.33 -8.54
CA MET B 106 14.27 5.32 -9.18
C MET B 106 14.24 5.16 -10.70
N PRO B 107 14.74 6.17 -11.44
CA PRO B 107 14.76 6.12 -12.90
C PRO B 107 15.84 5.20 -13.47
N TYR B 108 15.57 4.70 -14.67
CA TYR B 108 16.47 3.82 -15.43
C TYR B 108 17.92 4.32 -15.34
N TYR B 109 18.20 5.50 -15.89
CA TYR B 109 19.56 6.03 -15.87
C TYR B 109 20.03 6.46 -14.49
N GLY B 110 19.10 6.61 -13.55
CA GLY B 110 19.49 6.97 -12.20
C GLY B 110 20.25 5.78 -11.63
N ARG B 111 19.79 4.58 -11.97
CA ARG B 111 20.43 3.36 -11.50
C ARG B 111 21.79 3.18 -12.18
N TRP B 112 21.86 3.52 -13.46
CA TRP B 112 23.13 3.43 -14.19
C TRP B 112 24.19 4.29 -13.49
N LEU B 113 23.81 5.54 -13.22
CA LEU B 113 24.69 6.50 -12.58
C LEU B 113 25.11 6.10 -11.16
N LEU B 114 24.12 5.72 -10.35
CA LEU B 114 24.42 5.30 -8.98
C LEU B 114 25.40 4.12 -9.01
N THR B 115 25.20 3.23 -9.97
CA THR B 115 26.07 2.06 -10.08
C THR B 115 27.46 2.37 -10.61
N ALA B 116 27.59 3.44 -11.39
CA ALA B 116 28.90 3.84 -11.91
C ALA B 116 29.70 4.33 -10.68
N ALA B 117 29.02 5.07 -9.81
CA ALA B 117 29.64 5.57 -8.59
C ALA B 117 30.03 4.38 -7.71
N ARG B 118 29.15 3.39 -7.66
CA ARG B 118 29.36 2.19 -6.87
C ARG B 118 30.62 1.41 -7.26
N ILE B 119 30.82 1.20 -8.55
CA ILE B 119 31.96 0.44 -8.98
C ILE B 119 33.27 1.13 -8.60
N LEU B 120 33.30 2.46 -8.63
CA LEU B 120 34.50 3.19 -8.26
C LEU B 120 34.86 2.90 -6.81
N VAL B 121 33.84 2.90 -5.95
CA VAL B 121 34.04 2.65 -4.53
C VAL B 121 34.29 1.18 -4.21
N ASP B 122 33.47 0.28 -4.77
CA ASP B 122 33.64 -1.14 -4.49
C ASP B 122 34.99 -1.72 -4.92
N LYS B 123 35.55 -1.24 -6.03
CA LYS B 123 36.85 -1.74 -6.46
C LYS B 123 37.97 -0.83 -5.97
N GLN B 124 37.61 0.03 -5.03
CA GLN B 124 38.52 0.96 -4.39
C GLN B 124 39.34 1.91 -5.27
N PHE B 125 38.79 2.34 -6.40
CA PHE B 125 39.50 3.28 -7.27
C PHE B 125 39.36 4.67 -6.64
N VAL B 126 38.35 4.81 -5.78
CA VAL B 126 38.11 6.04 -5.04
C VAL B 126 37.57 5.59 -3.69
N THR B 127 37.85 6.34 -2.63
CA THR B 127 37.32 5.97 -1.32
C THR B 127 35.91 6.57 -1.26
N LEU B 128 35.07 6.04 -0.39
CA LEU B 128 33.73 6.59 -0.26
C LEU B 128 33.87 8.05 0.16
N THR B 129 34.93 8.33 0.92
CA THR B 129 35.20 9.67 1.39
C THR B 129 35.46 10.63 0.22
N GLU B 130 36.23 10.17 -0.76
CA GLU B 130 36.51 11.00 -1.93
C GLU B 130 35.24 11.28 -2.70
N LEU B 131 34.34 10.29 -2.75
CA LEU B 131 33.08 10.46 -3.48
C LEU B 131 32.22 11.49 -2.73
N HIS B 132 32.10 11.33 -1.42
CA HIS B 132 31.33 12.26 -0.61
C HIS B 132 31.89 13.68 -0.74
N ASN B 133 33.21 13.80 -0.71
CA ASN B 133 33.85 15.12 -0.82
C ASN B 133 33.60 15.75 -2.18
N LYS B 134 33.71 14.96 -3.24
CA LYS B 134 33.50 15.46 -4.59
C LYS B 134 32.05 15.97 -4.74
N ILE B 135 31.11 15.29 -4.10
CA ILE B 135 29.71 15.69 -4.17
C ILE B 135 29.55 17.06 -3.52
N VAL B 136 30.20 17.25 -2.38
CA VAL B 136 30.14 18.52 -1.66
C VAL B 136 30.75 19.63 -2.52
N GLU B 137 31.88 19.35 -3.16
CA GLU B 137 32.54 20.33 -4.01
C GLU B 137 31.66 20.74 -5.18
N MET B 138 31.00 19.75 -5.78
CA MET B 138 30.13 20.00 -6.92
C MET B 138 28.98 20.92 -6.51
N ARG B 139 28.39 20.64 -5.34
CA ARG B 139 27.28 21.45 -4.84
C ARG B 139 27.76 22.89 -4.61
N GLU B 140 28.92 23.04 -3.99
CA GLU B 140 29.45 24.37 -3.72
C GLU B 140 29.74 25.09 -5.02
N ARG B 141 30.23 24.35 -6.01
CA ARG B 141 30.54 24.94 -7.31
C ARG B 141 29.27 25.56 -7.90
N VAL B 142 28.18 24.80 -7.85
CA VAL B 142 26.89 25.26 -8.37
C VAL B 142 26.42 26.51 -7.63
N ALA B 143 26.45 26.46 -6.30
CA ALA B 143 25.99 27.58 -5.48
C ALA B 143 26.85 28.85 -5.58
N SER B 144 28.14 28.69 -5.86
CA SER B 144 29.06 29.84 -5.94
C SER B 144 28.89 30.66 -7.20
N GLY B 145 28.18 30.11 -8.19
CA GLY B 145 28.00 30.84 -9.44
C GLY B 145 29.07 30.46 -10.43
N GLN B 146 29.90 29.48 -10.07
CA GLN B 146 30.98 29.03 -10.93
C GLN B 146 30.45 28.17 -12.10
N GLY B 147 29.18 27.78 -12.01
CA GLY B 147 28.59 26.97 -13.06
C GLY B 147 28.85 25.48 -12.88
N LEU B 148 28.28 24.66 -13.77
CA LEU B 148 28.46 23.22 -13.71
C LEU B 148 28.45 22.60 -15.11
N GLY B 149 29.63 22.43 -15.70
CA GLY B 149 29.72 21.84 -17.02
C GLY B 149 28.71 22.38 -18.01
N GLU B 150 28.09 21.48 -18.76
CA GLU B 150 27.09 21.86 -19.75
C GLU B 150 25.69 21.88 -19.17
N TYR B 151 25.61 21.78 -17.85
CA TYR B 151 24.32 21.77 -17.16
C TYR B 151 23.92 23.16 -16.69
N LEU B 152 24.91 23.94 -16.24
CA LEU B 152 24.65 25.28 -15.75
C LEU B 152 25.81 26.20 -16.09
N PRO B 153 25.55 27.24 -16.90
CA PRO B 153 26.63 28.15 -17.26
C PRO B 153 26.99 29.00 -16.03
N PRO B 154 28.26 29.43 -15.93
CA PRO B 154 28.63 30.25 -14.77
C PRO B 154 27.92 31.60 -14.76
N GLU C 23 17.66 25.04 -12.04
CA GLU C 23 18.46 24.35 -10.99
C GLU C 23 18.98 23.01 -11.49
N VAL C 24 20.16 22.63 -11.04
CA VAL C 24 20.74 21.36 -11.44
C VAL C 24 20.16 20.29 -10.51
N SER C 25 19.95 19.09 -11.04
CA SER C 25 19.38 18.01 -10.25
C SER C 25 20.45 17.24 -9.51
N ASP C 26 20.01 16.34 -8.63
CA ASP C 26 20.93 15.52 -7.86
C ASP C 26 21.66 14.60 -8.84
N PHE C 27 20.99 14.26 -9.94
CA PHE C 27 21.56 13.40 -10.95
C PHE C 27 22.70 14.10 -11.68
N GLU C 28 22.53 15.38 -11.99
CA GLU C 28 23.56 16.13 -12.69
C GLU C 28 24.77 16.37 -11.80
N ILE C 29 24.52 16.59 -10.51
CA ILE C 29 25.60 16.79 -9.55
C ILE C 29 26.41 15.51 -9.47
N LEU C 30 25.73 14.39 -9.30
CA LEU C 30 26.40 13.10 -9.20
C LEU C 30 27.09 12.69 -10.49
N GLU C 31 26.49 13.01 -11.64
CA GLU C 31 27.10 12.67 -12.92
C GLU C 31 28.47 13.34 -13.03
N MET C 32 28.52 14.62 -12.71
CA MET C 32 29.78 15.38 -12.76
C MET C 32 30.79 14.80 -11.78
N ALA C 33 30.33 14.46 -10.58
CA ALA C 33 31.21 13.91 -9.56
C ALA C 33 31.87 12.62 -10.03
N VAL C 34 31.06 11.70 -10.54
CA VAL C 34 31.54 10.41 -11.02
C VAL C 34 32.51 10.55 -12.19
N ARG C 35 32.15 11.37 -13.18
CA ARG C 35 33.00 11.55 -14.35
C ARG C 35 34.36 12.16 -13.98
N GLU C 36 34.35 13.21 -13.17
CA GLU C 36 35.61 13.85 -12.78
C GLU C 36 36.51 12.90 -12.00
N LEU C 37 35.92 12.15 -11.07
CA LEU C 37 36.69 11.20 -10.28
C LEU C 37 37.31 10.13 -11.16
N ALA C 38 36.52 9.59 -12.08
CA ALA C 38 37.00 8.55 -12.98
C ALA C 38 38.20 9.04 -13.80
N ILE C 39 38.07 10.24 -14.36
CA ILE C 39 39.13 10.82 -15.17
C ILE C 39 40.36 11.09 -14.30
N GLU C 40 40.14 11.72 -13.15
CA GLU C 40 41.22 12.03 -12.22
C GLU C 40 42.01 10.79 -11.81
N LYS C 41 41.31 9.69 -11.58
CA LYS C 41 41.96 8.45 -11.18
C LYS C 41 42.52 7.70 -12.38
N GLY C 42 42.33 8.28 -13.57
CA GLY C 42 42.83 7.67 -14.78
C GLY C 42 42.15 6.39 -15.21
N LEU C 43 40.86 6.23 -14.89
CA LEU C 43 40.14 5.02 -15.28
C LEU C 43 39.85 5.11 -16.77
N PHE C 44 39.52 6.31 -17.24
CA PHE C 44 39.30 6.57 -18.65
C PHE C 44 39.64 8.05 -18.87
N SER C 45 39.97 8.40 -20.10
CA SER C 45 40.36 9.79 -20.40
C SER C 45 39.22 10.69 -20.83
N ALA C 46 39.46 12.00 -20.73
CA ALA C 46 38.46 12.98 -21.13
C ALA C 46 38.19 12.75 -22.62
N GLU C 47 39.23 12.35 -23.34
CA GLU C 47 39.11 12.07 -24.76
C GLU C 47 38.24 10.84 -25.00
N ASP C 48 38.39 9.82 -24.16
CA ASP C 48 37.61 8.60 -24.29
C ASP C 48 36.12 8.92 -24.24
N HIS C 49 35.75 9.75 -23.27
CA HIS C 49 34.36 10.15 -23.07
C HIS C 49 33.80 10.93 -24.27
N ARG C 50 34.61 11.83 -24.82
CA ARG C 50 34.17 12.60 -25.98
C ARG C 50 34.04 11.68 -27.18
N VAL C 51 35.03 10.80 -27.33
CA VAL C 51 35.03 9.85 -28.42
C VAL C 51 33.81 8.94 -28.36
N TRP C 52 33.41 8.54 -27.15
CA TRP C 52 32.24 7.67 -27.05
C TRP C 52 30.96 8.41 -27.37
N LYS C 53 30.85 9.67 -26.93
CA LYS C 53 29.66 10.44 -27.22
C LYS C 53 29.57 10.69 -28.73
N ASP C 54 30.72 10.93 -29.36
CA ASP C 54 30.76 11.14 -30.81
C ASP C 54 30.22 9.90 -31.50
N TYR C 55 30.71 8.73 -31.07
CA TYR C 55 30.28 7.46 -31.63
C TYR C 55 28.77 7.31 -31.48
N VAL C 56 28.27 7.55 -30.28
CA VAL C 56 26.83 7.43 -30.02
C VAL C 56 26.04 8.34 -30.94
N HIS C 57 26.58 9.53 -31.19
CA HIS C 57 25.91 10.50 -32.05
C HIS C 57 25.79 10.04 -33.50
N THR C 58 26.64 9.10 -33.90
CA THR C 58 26.59 8.61 -35.28
C THR C 58 25.63 7.44 -35.43
N LEU C 59 25.16 6.91 -34.30
CA LEU C 59 24.25 5.76 -34.33
C LEU C 59 22.81 6.13 -34.65
N GLY C 60 22.11 5.19 -35.27
CA GLY C 60 20.72 5.40 -35.64
C GLY C 60 20.16 4.17 -36.34
N PRO C 61 18.88 4.20 -36.74
CA PRO C 61 18.25 3.06 -37.41
C PRO C 61 18.52 2.92 -38.92
N LEU C 62 19.15 3.92 -39.53
CA LEU C 62 19.39 3.88 -40.96
C LEU C 62 20.13 2.66 -41.50
N PRO C 63 21.24 2.26 -40.84
CA PRO C 63 21.97 1.09 -41.34
C PRO C 63 21.15 -0.18 -41.30
N ALA C 64 20.38 -0.37 -40.23
CA ALA C 64 19.54 -1.55 -40.10
C ALA C 64 18.45 -1.56 -41.17
N ALA C 65 17.93 -0.38 -41.48
CA ALA C 65 16.89 -0.27 -42.51
C ALA C 65 17.46 -0.64 -43.87
N ARG C 66 18.71 -0.27 -44.12
CA ARG C 66 19.36 -0.58 -45.40
C ARG C 66 19.63 -2.08 -45.50
N LEU C 67 19.96 -2.70 -44.38
CA LEU C 67 20.22 -4.14 -44.38
C LEU C 67 18.94 -4.85 -44.81
N VAL C 68 17.81 -4.39 -44.28
CA VAL C 68 16.52 -5.00 -44.64
C VAL C 68 16.23 -4.79 -46.12
N ALA C 69 16.40 -3.56 -46.60
CA ALA C 69 16.15 -3.24 -48.00
C ALA C 69 17.01 -4.10 -48.92
N LYS C 70 18.30 -4.20 -48.61
CA LYS C 70 19.23 -4.99 -49.41
C LYS C 70 18.83 -6.46 -49.41
N ALA C 71 18.37 -6.95 -48.26
CA ALA C 71 17.95 -8.34 -48.15
C ALA C 71 16.73 -8.58 -49.03
N TRP C 72 15.79 -7.65 -49.02
CA TRP C 72 14.60 -7.79 -49.87
C TRP C 72 14.99 -7.82 -51.35
N LEU C 73 16.01 -7.06 -51.71
CA LEU C 73 16.45 -6.97 -53.10
C LEU C 73 17.52 -7.99 -53.52
N ASP C 74 18.01 -8.79 -52.59
CA ASP C 74 19.04 -9.78 -52.91
C ASP C 74 18.85 -11.04 -52.07
N PRO C 75 18.26 -12.10 -52.65
CA PRO C 75 18.01 -13.37 -51.97
C PRO C 75 19.24 -13.99 -51.30
N GLU C 76 20.41 -13.82 -51.90
CA GLU C 76 21.64 -14.38 -51.34
C GLU C 76 22.07 -13.61 -50.11
N TYR C 77 21.94 -12.29 -50.16
CA TYR C 77 22.32 -11.46 -49.02
C TYR C 77 21.35 -11.76 -47.88
N LYS C 78 20.09 -11.98 -48.22
CA LYS C 78 19.10 -12.29 -47.20
C LYS C 78 19.52 -13.57 -46.47
N LYS C 79 19.98 -14.57 -47.22
CA LYS C 79 20.42 -15.82 -46.60
C LYS C 79 21.57 -15.53 -45.64
N LEU C 80 22.47 -14.64 -46.06
CA LEU C 80 23.59 -14.27 -45.23
C LEU C 80 23.11 -13.58 -43.95
N CYS C 81 22.12 -12.71 -44.06
CA CYS C 81 21.57 -12.00 -42.91
C CYS C 81 21.03 -12.99 -41.88
N ILE C 82 20.22 -13.93 -42.35
CA ILE C 82 19.61 -14.94 -41.51
C ILE C 82 20.61 -15.88 -40.83
N GLU C 83 21.68 -16.23 -41.53
CA GLU C 83 22.66 -17.15 -40.97
C GLU C 83 23.79 -16.49 -40.19
N ASP C 84 24.26 -15.34 -40.67
CA ASP C 84 25.37 -14.65 -40.03
C ASP C 84 25.14 -13.14 -39.99
N GLY C 85 24.37 -12.67 -39.01
CA GLY C 85 24.10 -11.25 -38.91
C GLY C 85 25.32 -10.35 -38.84
N VAL C 86 26.34 -10.79 -38.10
CA VAL C 86 27.55 -10.00 -37.95
C VAL C 86 28.22 -9.73 -39.30
N GLU C 87 28.36 -10.78 -40.12
CA GLU C 87 28.98 -10.62 -41.42
C GLU C 87 28.13 -9.73 -42.33
N ALA C 88 26.82 -9.99 -42.33
CA ALA C 88 25.89 -9.22 -43.15
C ALA C 88 25.90 -7.73 -42.80
N SER C 89 26.09 -7.43 -41.52
CA SER C 89 26.11 -6.05 -41.05
C SER C 89 27.23 -5.21 -41.69
N LYS C 90 28.30 -5.87 -42.11
CA LYS C 90 29.42 -5.16 -42.73
C LYS C 90 28.97 -4.46 -44.02
N ALA C 91 28.03 -5.08 -44.72
CA ALA C 91 27.51 -4.52 -45.98
C ALA C 91 26.86 -3.15 -45.81
N VAL C 92 26.43 -2.83 -44.59
CA VAL C 92 25.80 -1.53 -44.36
C VAL C 92 26.70 -0.61 -43.54
N GLY C 93 28.01 -0.88 -43.59
CA GLY C 93 28.97 -0.05 -42.89
C GLY C 93 29.02 -0.19 -41.38
N VAL C 94 28.45 -1.25 -40.83
CA VAL C 94 28.49 -1.45 -39.40
C VAL C 94 29.21 -2.74 -39.04
N ASN C 95 30.48 -2.61 -38.69
CA ASN C 95 31.28 -3.75 -38.30
C ASN C 95 31.20 -3.80 -36.78
N TRP C 96 30.46 -4.77 -36.26
CA TRP C 96 30.26 -4.91 -34.82
C TRP C 96 31.53 -5.01 -33.99
N VAL C 97 32.64 -5.40 -34.62
CA VAL C 97 33.89 -5.52 -33.90
C VAL C 97 34.75 -4.25 -34.00
N THR C 98 34.88 -3.71 -35.21
CA THR C 98 35.73 -2.54 -35.41
C THR C 98 35.10 -1.16 -35.55
N SER C 99 33.78 -1.06 -35.68
CA SER C 99 33.16 0.25 -35.79
C SER C 99 33.19 1.00 -34.45
N PRO C 100 32.94 0.29 -33.33
CA PRO C 100 32.97 0.96 -32.02
C PRO C 100 34.41 1.39 -31.71
N PRO C 101 34.59 2.38 -30.83
CA PRO C 101 35.91 2.89 -30.42
C PRO C 101 36.83 1.89 -29.72
N THR C 102 36.26 0.80 -29.21
CA THR C 102 37.03 -0.22 -28.48
C THR C 102 37.86 -1.17 -29.35
N GLN C 103 37.37 -1.43 -30.56
CA GLN C 103 38.02 -2.36 -31.47
C GLN C 103 37.77 -3.80 -31.02
N PHE C 104 36.78 -3.97 -30.16
CA PHE C 104 36.38 -5.29 -29.71
C PHE C 104 34.87 -5.28 -29.46
N GLY C 105 34.20 -4.34 -30.13
CA GLY C 105 32.76 -4.19 -30.02
C GLY C 105 32.42 -3.37 -28.80
N THR C 106 31.19 -2.83 -28.75
CA THR C 106 30.83 -2.06 -27.57
C THR C 106 30.78 -3.02 -26.40
N PRO C 107 31.13 -2.53 -25.20
CA PRO C 107 31.11 -3.40 -24.02
C PRO C 107 29.76 -4.03 -23.73
N SER C 108 28.68 -3.27 -23.94
CA SER C 108 27.34 -3.73 -23.64
C SER C 108 26.52 -4.39 -24.74
N ASP C 109 26.82 -4.10 -26.00
CA ASP C 109 26.06 -4.69 -27.11
C ASP C 109 26.69 -5.96 -27.67
N TYR C 110 27.97 -6.17 -27.37
CA TYR C 110 28.72 -7.34 -27.81
C TYR C 110 28.81 -7.45 -29.33
N CYS C 111 29.20 -8.63 -29.81
CA CYS C 111 29.37 -8.84 -31.24
C CYS C 111 28.66 -10.04 -31.82
N ASN C 112 27.38 -10.20 -31.51
CA ASN C 112 26.61 -11.31 -32.05
C ASN C 112 25.22 -10.90 -32.47
N LEU C 113 25.15 -10.13 -33.56
CA LEU C 113 23.86 -9.70 -34.07
C LEU C 113 23.21 -10.83 -34.83
N ARG C 114 21.92 -11.03 -34.60
CA ARG C 114 21.17 -12.04 -35.32
C ARG C 114 19.99 -11.34 -35.97
N VAL C 115 19.72 -11.66 -37.23
CA VAL C 115 18.61 -11.05 -37.94
C VAL C 115 17.45 -12.06 -38.01
N LEU C 116 16.30 -11.66 -37.49
CA LEU C 116 15.12 -12.53 -37.49
C LEU C 116 14.26 -12.22 -38.71
N ALA C 117 14.15 -13.19 -39.61
CA ALA C 117 13.40 -13.00 -40.85
C ALA C 117 11.93 -13.40 -40.78
N ASP C 118 11.04 -12.40 -40.88
CA ASP C 118 9.62 -12.68 -40.88
C ASP C 118 9.31 -13.39 -42.20
N SER C 119 8.14 -14.02 -42.27
CA SER C 119 7.68 -14.72 -43.46
C SER C 119 6.17 -14.72 -43.39
N PRO C 120 5.50 -15.27 -44.42
CA PRO C 120 4.03 -15.30 -44.41
C PRO C 120 3.46 -16.12 -43.25
N THR C 121 4.30 -16.91 -42.59
CA THR C 121 3.83 -17.74 -41.48
C THR C 121 4.57 -17.47 -40.18
N LEU C 122 5.40 -16.43 -40.17
CA LEU C 122 6.20 -16.10 -38.99
C LEU C 122 6.46 -14.60 -38.87
N LYS C 123 6.23 -14.05 -37.69
CA LYS C 123 6.45 -12.63 -37.45
C LYS C 123 7.11 -12.46 -36.07
N HIS C 124 8.26 -11.77 -36.04
CA HIS C 124 9.01 -11.56 -34.80
C HIS C 124 8.83 -10.20 -34.13
N VAL C 125 9.00 -10.19 -32.81
CA VAL C 125 8.95 -8.97 -32.03
C VAL C 125 10.01 -9.18 -30.94
N VAL C 126 10.82 -8.17 -30.69
CA VAL C 126 11.90 -8.29 -29.73
C VAL C 126 11.73 -7.52 -28.41
N VAL C 127 12.30 -8.09 -27.36
CA VAL C 127 12.27 -7.49 -26.03
C VAL C 127 13.43 -8.07 -25.22
N CYS C 128 13.73 -7.42 -24.10
CA CYS C 128 14.77 -7.87 -23.18
C CYS C 128 14.13 -7.77 -21.81
N THR C 129 13.54 -8.87 -21.35
CA THR C 129 12.86 -8.86 -20.07
C THR C 129 13.77 -8.51 -18.90
N LEU C 130 15.06 -8.85 -18.99
CA LEU C 130 16.01 -8.59 -17.92
C LEU C 130 16.51 -7.15 -17.83
N CYS C 131 16.41 -6.40 -18.92
CA CYS C 131 16.85 -5.01 -18.95
C CYS C 131 16.44 -4.35 -20.27
N SER C 132 17.40 -3.86 -21.04
CA SER C 132 17.05 -3.25 -22.32
C SER C 132 18.07 -3.50 -23.42
N CYS C 133 18.64 -4.70 -23.44
CA CYS C 133 19.62 -5.06 -24.45
C CYS C 133 19.04 -4.65 -25.80
N TYR C 134 19.87 -4.02 -26.62
CA TYR C 134 19.43 -3.48 -27.90
C TYR C 134 20.61 -3.49 -28.89
N PRO C 135 20.34 -3.69 -30.19
CA PRO C 135 21.42 -3.71 -31.19
C PRO C 135 21.90 -2.30 -31.54
N ARG C 136 22.36 -1.58 -30.53
CA ARG C 136 22.82 -0.19 -30.70
C ARG C 136 23.73 0.12 -31.90
N PRO C 137 24.78 -0.68 -32.11
CA PRO C 137 25.67 -0.40 -33.24
C PRO C 137 24.99 -0.21 -34.59
N ILE C 138 23.93 -0.97 -34.85
CA ILE C 138 23.24 -0.88 -36.13
C ILE C 138 21.86 -0.22 -36.07
N LEU C 139 21.32 -0.03 -34.88
CA LEU C 139 19.97 0.54 -34.75
C LEU C 139 19.86 1.84 -33.93
N GLY C 140 20.88 2.14 -33.14
CA GLY C 140 20.82 3.36 -32.35
C GLY C 140 20.40 3.10 -30.91
N GLN C 141 19.94 4.16 -30.24
CA GLN C 141 19.52 4.07 -28.84
C GLN C 141 18.11 3.53 -28.70
N SER C 142 17.87 2.79 -27.62
CA SER C 142 16.58 2.16 -27.37
C SER C 142 15.48 3.14 -26.98
N PRO C 143 14.22 2.83 -27.35
CA PRO C 143 13.07 3.70 -27.03
C PRO C 143 12.83 3.65 -25.53
N GLU C 144 12.23 4.70 -24.99
CA GLU C 144 11.94 4.76 -23.56
C GLU C 144 11.02 3.61 -23.15
N TRP C 145 9.97 3.37 -23.93
CA TRP C 145 9.02 2.31 -23.62
C TRP C 145 9.62 0.91 -23.66
N TYR C 146 10.65 0.73 -24.49
CA TYR C 146 11.32 -0.55 -24.63
C TYR C 146 12.04 -0.93 -23.33
N ARG C 147 12.44 0.09 -22.58
CA ARG C 147 13.16 -0.10 -21.31
C ARG C 147 12.20 -0.26 -20.14
N SER C 148 10.92 0.04 -20.38
CA SER C 148 9.93 -0.02 -19.30
C SER C 148 9.63 -1.39 -18.74
N PRO C 149 9.46 -1.48 -17.41
CA PRO C 149 9.16 -2.74 -16.75
C PRO C 149 7.87 -3.30 -17.34
N ASN C 150 6.97 -2.41 -17.74
CA ASN C 150 5.69 -2.80 -18.33
C ASN C 150 5.86 -3.62 -19.61
N TYR C 151 6.61 -3.09 -20.56
CA TYR C 151 6.86 -3.78 -21.82
C TYR C 151 7.62 -5.08 -21.56
N ARG C 152 8.59 -5.03 -20.65
CA ARG C 152 9.41 -6.20 -20.32
C ARG C 152 8.62 -7.29 -19.59
N ARG C 153 7.56 -6.89 -18.90
CA ARG C 153 6.71 -7.86 -18.19
C ARG C 153 5.70 -8.53 -19.11
N ARG C 154 5.02 -7.73 -19.91
CA ARG C 154 3.93 -8.21 -20.76
C ARG C 154 4.18 -8.81 -22.14
N LEU C 155 5.12 -8.28 -22.90
CA LEU C 155 5.34 -8.78 -24.25
C LEU C 155 5.56 -10.29 -24.40
N VAL C 156 6.37 -10.89 -23.53
CA VAL C 156 6.64 -12.32 -23.63
C VAL C 156 5.42 -13.20 -23.36
N ARG C 157 4.45 -12.66 -22.62
CA ARG C 157 3.26 -13.42 -22.25
C ARG C 157 1.98 -13.08 -23.02
N TRP C 158 1.79 -11.81 -23.35
CA TRP C 158 0.60 -11.36 -24.08
C TRP C 158 1.03 -10.58 -25.33
N PRO C 159 1.87 -11.19 -26.18
CA PRO C 159 2.35 -10.52 -27.39
C PRO C 159 1.26 -10.04 -28.35
N ARG C 160 0.21 -10.85 -28.52
CA ARG C 160 -0.90 -10.49 -29.40
C ARG C 160 -1.57 -9.21 -28.90
N GLN C 161 -1.79 -9.14 -27.58
CA GLN C 161 -2.43 -7.99 -26.97
C GLN C 161 -1.57 -6.73 -27.02
N VAL C 162 -0.28 -6.85 -26.69
CA VAL C 162 0.61 -5.69 -26.72
C VAL C 162 0.77 -5.16 -28.15
N LEU C 163 0.95 -6.08 -29.11
CA LEU C 163 1.11 -5.67 -30.51
C LEU C 163 -0.16 -4.98 -31.02
N ALA C 164 -1.31 -5.45 -30.58
CA ALA C 164 -2.58 -4.84 -30.97
C ALA C 164 -2.63 -3.41 -30.44
N GLU C 165 -2.10 -3.22 -29.24
CA GLU C 165 -2.05 -1.89 -28.63
C GLU C 165 -1.21 -0.97 -29.52
N PHE C 166 -0.19 -1.55 -30.15
CA PHE C 166 0.69 -0.79 -31.04
C PHE C 166 0.08 -0.63 -32.42
N GLY C 167 -1.08 -1.26 -32.62
CA GLY C 167 -1.77 -1.17 -33.89
C GLY C 167 -1.38 -2.25 -34.89
N LEU C 168 -0.77 -3.32 -34.39
CA LEU C 168 -0.36 -4.43 -35.24
C LEU C 168 -1.09 -5.73 -34.90
N GLN C 169 -1.69 -6.34 -35.90
CA GLN C 169 -2.42 -7.59 -35.72
C GLN C 169 -2.05 -8.54 -36.85
N LEU C 170 -1.90 -9.82 -36.54
CA LEU C 170 -1.58 -10.81 -37.56
C LEU C 170 -2.57 -11.96 -37.50
N PRO C 171 -2.67 -12.75 -38.58
CA PRO C 171 -3.59 -13.88 -38.61
C PRO C 171 -3.32 -14.82 -37.43
N SER C 172 -4.36 -15.42 -36.88
CA SER C 172 -4.20 -16.32 -35.75
C SER C 172 -3.32 -17.52 -36.06
N GLU C 173 -3.29 -17.95 -37.32
CA GLU C 173 -2.48 -19.10 -37.70
C GLU C 173 -1.00 -18.75 -37.82
N VAL C 174 -0.71 -17.47 -38.06
CA VAL C 174 0.67 -17.03 -38.19
C VAL C 174 1.41 -17.19 -36.87
N GLN C 175 2.66 -17.62 -36.95
CA GLN C 175 3.47 -17.79 -35.75
C GLN C 175 4.07 -16.48 -35.27
N ILE C 176 3.59 -15.96 -34.15
CA ILE C 176 4.20 -14.76 -33.61
C ILE C 176 5.28 -15.30 -32.69
N ARG C 177 6.52 -14.87 -32.93
CA ARG C 177 7.64 -15.31 -32.10
C ARG C 177 8.24 -14.14 -31.36
N VAL C 178 8.26 -14.22 -30.04
CA VAL C 178 8.86 -13.17 -29.25
C VAL C 178 10.29 -13.62 -28.99
N ALA C 179 11.23 -12.73 -29.26
CA ALA C 179 12.63 -13.00 -29.04
C ALA C 179 13.07 -12.22 -27.81
N ASP C 180 13.51 -12.93 -26.78
CA ASP C 180 13.96 -12.30 -25.54
C ASP C 180 15.49 -12.31 -25.55
N SER C 181 16.10 -11.17 -25.83
CA SER C 181 17.56 -11.08 -25.86
C SER C 181 18.08 -10.94 -24.44
N ASN C 182 18.29 -12.08 -23.81
CA ASN C 182 18.74 -12.15 -22.42
C ASN C 182 20.23 -12.45 -22.24
N GLN C 183 20.93 -12.80 -23.32
CA GLN C 183 22.35 -13.07 -23.20
C GLN C 183 23.14 -12.10 -24.08
N LYS C 184 24.15 -12.58 -24.79
CA LYS C 184 24.96 -11.70 -25.62
C LYS C 184 24.48 -11.43 -27.05
N THR C 185 23.39 -12.08 -27.46
CA THR C 185 22.86 -11.85 -28.80
C THR C 185 21.93 -10.64 -28.84
N ARG C 186 21.98 -9.90 -29.94
CA ARG C 186 21.12 -8.73 -30.14
C ARG C 186 20.38 -9.02 -31.46
N TYR C 187 19.12 -8.60 -31.53
CA TYR C 187 18.31 -8.86 -32.72
C TYR C 187 17.77 -7.63 -33.42
N ILE C 188 17.44 -7.81 -34.70
CA ILE C 188 16.78 -6.79 -35.51
C ILE C 188 15.83 -7.61 -36.34
N VAL C 189 14.62 -7.11 -36.53
CA VAL C 189 13.62 -7.84 -37.30
C VAL C 189 13.63 -7.45 -38.76
N MET C 190 13.63 -8.46 -39.63
CA MET C 190 13.57 -8.23 -41.06
C MET C 190 12.13 -8.58 -41.42
N PRO C 191 11.26 -7.57 -41.50
CA PRO C 191 9.86 -7.84 -41.83
C PRO C 191 9.72 -8.23 -43.30
N VAL C 192 8.58 -8.81 -43.66
CA VAL C 192 8.37 -9.19 -45.05
C VAL C 192 8.17 -7.90 -45.83
N ARG C 193 8.54 -7.92 -47.11
CA ARG C 193 8.40 -6.76 -47.97
C ARG C 193 6.90 -6.52 -48.19
N PRO C 194 6.43 -5.30 -47.90
CA PRO C 194 4.99 -5.02 -48.08
C PRO C 194 4.56 -4.89 -49.55
N GLU C 195 3.27 -5.11 -49.77
CA GLU C 195 2.68 -5.00 -51.10
C GLU C 195 2.74 -3.52 -51.49
N GLY C 196 2.68 -3.24 -52.79
CA GLY C 196 2.71 -1.87 -53.24
C GLY C 196 4.09 -1.23 -53.34
N THR C 197 5.13 -2.02 -53.48
CA THR C 197 6.48 -1.49 -53.59
C THR C 197 7.21 -2.05 -54.81
N ASP C 198 6.44 -2.53 -55.78
CA ASP C 198 7.03 -3.10 -57.00
C ASP C 198 8.00 -2.12 -57.66
N GLY C 199 9.18 -2.60 -58.00
CA GLY C 199 10.17 -1.76 -58.64
C GLY C 199 10.85 -0.70 -57.79
N TRP C 200 10.50 -0.63 -56.51
CA TRP C 200 11.11 0.36 -55.62
C TRP C 200 12.62 0.14 -55.49
N THR C 201 13.36 1.24 -55.42
CA THR C 201 14.81 1.19 -55.28
C THR C 201 15.16 0.85 -53.83
N GLU C 202 16.44 0.65 -53.58
CA GLU C 202 16.89 0.33 -52.22
C GLU C 202 16.53 1.48 -51.28
N ASP C 203 16.80 2.71 -51.70
CA ASP C 203 16.50 3.88 -50.89
C ASP C 203 15.02 3.98 -50.52
N GLN C 204 14.15 3.75 -51.50
CA GLN C 204 12.71 3.81 -51.27
C GLN C 204 12.25 2.75 -50.27
N LEU C 205 12.80 1.55 -50.39
CA LEU C 205 12.44 0.47 -49.50
C LEU C 205 12.96 0.70 -48.08
N ALA C 206 14.21 1.14 -47.96
CA ALA C 206 14.80 1.38 -46.65
C ALA C 206 14.04 2.48 -45.90
N GLU C 207 13.59 3.47 -46.64
CA GLU C 207 12.86 4.60 -46.09
C GLU C 207 11.61 4.22 -45.29
N ILE C 208 10.99 3.09 -45.62
CA ILE C 208 9.80 2.66 -44.90
C ILE C 208 10.07 1.64 -43.79
N VAL C 209 11.33 1.30 -43.60
CA VAL C 209 11.69 0.36 -42.55
C VAL C 209 12.14 1.20 -41.36
N THR C 210 11.18 1.56 -40.52
CA THR C 210 11.44 2.40 -39.35
C THR C 210 12.02 1.60 -38.19
N ARG C 211 12.42 2.33 -37.16
CA ARG C 211 12.98 1.72 -35.95
C ARG C 211 11.98 0.70 -35.41
N ASP C 212 10.72 1.13 -35.29
CA ASP C 212 9.67 0.25 -34.78
C ASP C 212 9.51 -1.03 -35.59
N CYS C 213 9.78 -0.96 -36.89
CA CYS C 213 9.66 -2.15 -37.74
C CYS C 213 10.81 -3.10 -37.40
N LEU C 214 11.96 -2.52 -37.07
CA LEU C 214 13.15 -3.28 -36.74
C LEU C 214 13.07 -3.90 -35.34
N ILE C 215 12.15 -3.39 -34.52
CA ILE C 215 11.94 -3.93 -33.17
C ILE C 215 10.88 -5.03 -33.32
N GLY C 216 9.91 -4.77 -34.19
CA GLY C 216 8.83 -5.72 -34.42
C GLY C 216 7.46 -5.29 -33.94
N VAL C 217 7.34 -4.08 -33.42
CA VAL C 217 6.04 -3.60 -32.94
C VAL C 217 5.24 -2.94 -34.06
N ALA C 218 5.81 -2.93 -35.26
CA ALA C 218 5.14 -2.37 -36.43
C ALA C 218 5.68 -3.04 -37.69
N VAL C 219 4.95 -2.91 -38.79
CA VAL C 219 5.38 -3.47 -40.06
C VAL C 219 5.51 -2.33 -41.06
N PRO C 220 6.43 -2.46 -42.04
CA PRO C 220 6.63 -1.41 -43.03
C PRO C 220 5.42 -1.23 -43.95
N LYS C 221 5.10 0.02 -44.26
CA LYS C 221 3.98 0.33 -45.13
C LYS C 221 4.35 1.46 -46.07
N PRO C 222 3.99 1.35 -47.35
CA PRO C 222 4.31 2.41 -48.30
C PRO C 222 3.73 3.73 -47.81
N GLY C 223 4.51 4.80 -47.90
CA GLY C 223 4.02 6.10 -47.46
C GLY C 223 4.28 6.43 -46.00
N ILE C 224 4.65 5.43 -45.21
CA ILE C 224 4.93 5.67 -43.78
C ILE C 224 6.44 5.59 -43.58
N THR C 225 7.06 6.74 -43.32
CA THR C 225 8.50 6.78 -43.15
C THR C 225 8.98 7.24 -41.77
N VAL C 226 8.08 7.25 -40.80
CA VAL C 226 8.42 7.64 -39.44
C VAL C 226 7.65 6.74 -38.47
N ASN C 227 8.18 6.54 -37.27
CA ASN C 227 7.50 5.72 -36.27
C ASN C 227 6.15 6.33 -35.98
N ALA C 228 5.20 5.50 -35.55
CA ALA C 228 3.88 5.99 -35.22
C ALA C 228 4.02 7.08 -34.15
N LYS C 229 3.29 8.17 -34.32
CA LYS C 229 3.36 9.26 -33.36
C LYS C 229 2.80 8.81 -32.01
N ARG C 230 3.53 9.12 -30.95
CA ARG C 230 3.07 8.78 -29.61
C ARG C 230 3.52 9.86 -28.63
N PRO C 231 2.94 9.89 -27.43
CA PRO C 231 3.33 10.92 -26.46
C PRO C 231 4.84 10.98 -26.24
N VAL C 232 5.37 12.19 -26.15
CA VAL C 232 6.80 12.38 -25.93
C VAL C 232 7.03 13.10 -24.60
N LEU C 233 7.68 12.43 -23.66
CA LEU C 233 7.97 13.02 -22.36
C LEU C 233 9.22 13.88 -22.52
N LYS C 234 9.09 15.16 -22.19
CA LYS C 234 10.22 16.08 -22.32
C LYS C 234 11.23 15.98 -21.19
N ALA C 235 12.50 16.13 -21.55
CA ALA C 235 13.59 16.08 -20.59
C ALA C 235 13.77 17.46 -19.97
N ASN C 236 14.26 17.49 -18.74
CA ASN C 236 14.48 18.75 -18.03
C ASN C 236 15.55 19.55 -18.79
N ARG C 237 16.54 18.84 -19.34
CA ARG C 237 17.61 19.47 -20.09
C ARG C 237 18.06 18.52 -21.20
N PRO C 238 17.33 18.50 -22.32
CA PRO C 238 17.57 17.66 -23.49
C PRO C 238 18.92 17.82 -24.20
N VAL C 239 19.37 16.71 -24.80
CA VAL C 239 20.64 16.68 -25.53
C VAL C 239 20.64 17.75 -26.62
N PRO D 8 -43.84 6.71 9.56
CA PRO D 8 -43.32 6.66 8.17
C PRO D 8 -43.72 5.34 7.52
N VAL D 9 -44.56 5.42 6.49
CA VAL D 9 -45.04 4.23 5.80
C VAL D 9 -44.61 4.18 4.33
N TRP D 10 -44.14 3.01 3.91
CA TRP D 10 -43.71 2.81 2.54
C TRP D 10 -44.74 2.01 1.76
N ASP D 11 -45.11 2.50 0.57
CA ASP D 11 -46.10 1.83 -0.26
C ASP D 11 -45.46 0.64 -0.98
N ARG D 12 -45.82 -0.56 -0.57
CA ARG D 12 -45.27 -1.76 -1.17
C ARG D 12 -46.10 -2.33 -2.32
N THR D 13 -47.20 -1.66 -2.66
CA THR D 13 -48.05 -2.14 -3.74
C THR D 13 -48.00 -1.25 -4.99
N HIS D 14 -47.50 -0.04 -4.84
CA HIS D 14 -47.45 0.89 -5.96
C HIS D 14 -46.86 0.34 -7.25
N HIS D 15 -45.60 -0.09 -7.20
CA HIS D 15 -44.92 -0.61 -8.38
C HIS D 15 -45.67 -1.75 -9.06
N ALA D 16 -46.06 -2.75 -8.27
CA ALA D 16 -46.77 -3.90 -8.81
C ALA D 16 -48.07 -3.49 -9.52
N LYS D 17 -48.84 -2.63 -8.88
CA LYS D 17 -50.11 -2.17 -9.45
C LYS D 17 -49.91 -1.45 -10.78
N MET D 18 -48.80 -0.73 -10.88
CA MET D 18 -48.49 0.03 -12.08
C MET D 18 -47.89 -0.80 -13.22
N ALA D 19 -47.05 -1.77 -12.89
CA ALA D 19 -46.38 -2.56 -13.94
C ALA D 19 -46.96 -3.91 -14.32
N THR D 20 -47.78 -4.52 -13.46
CA THR D 20 -48.34 -5.84 -13.78
C THR D 20 -49.07 -5.83 -15.13
N GLY D 21 -48.78 -6.84 -15.95
CA GLY D 21 -49.40 -6.96 -17.26
C GLY D 21 -48.89 -5.96 -18.29
N ILE D 22 -47.95 -5.12 -17.88
CA ILE D 22 -47.39 -4.11 -18.79
C ILE D 22 -45.88 -4.21 -18.89
N GLY D 23 -45.21 -4.29 -17.73
CA GLY D 23 -43.77 -4.38 -17.72
C GLY D 23 -43.06 -3.06 -17.44
N ASP D 24 -41.76 -3.16 -17.15
CA ASP D 24 -40.92 -2.01 -16.85
C ASP D 24 -39.82 -2.06 -17.91
N PRO D 25 -39.54 -0.94 -18.60
CA PRO D 25 -40.12 0.41 -18.52
C PRO D 25 -41.42 0.68 -19.28
N GLN D 26 -42.04 -0.34 -19.86
CA GLN D 26 -43.29 -0.14 -20.61
C GLN D 26 -44.30 0.71 -19.84
N CYS D 27 -44.37 0.51 -18.53
CA CYS D 27 -45.32 1.24 -17.70
C CYS D 27 -45.12 2.76 -17.65
N PHE D 28 -44.02 3.25 -18.20
CA PHE D 28 -43.72 4.67 -18.20
C PHE D 28 -43.88 5.28 -19.60
N LYS D 29 -44.28 4.46 -20.56
CA LYS D 29 -44.46 4.93 -21.93
C LYS D 29 -45.36 6.15 -22.00
N GLY D 30 -44.95 7.14 -22.79
CA GLY D 30 -45.74 8.34 -22.96
C GLY D 30 -45.64 9.40 -21.88
N MET D 31 -45.00 9.07 -20.76
CA MET D 31 -44.89 10.02 -19.66
C MET D 31 -43.78 11.08 -19.79
N ALA D 32 -42.86 10.89 -20.73
CA ALA D 32 -41.76 11.83 -20.93
C ALA D 32 -42.12 12.96 -21.89
N GLY D 33 -43.25 12.83 -22.58
CA GLY D 33 -43.63 13.84 -23.54
C GLY D 33 -42.76 13.78 -24.78
N LYS D 34 -42.62 14.91 -25.47
CA LYS D 34 -41.80 14.96 -26.67
C LYS D 34 -40.32 14.87 -26.34
N SER D 35 -39.58 14.07 -27.11
CA SER D 35 -38.16 13.91 -26.88
C SER D 35 -37.45 15.18 -27.32
N LYS D 36 -36.36 15.52 -26.63
CA LYS D 36 -35.59 16.70 -26.97
C LYS D 36 -34.68 16.41 -28.16
N PHE D 37 -34.32 15.13 -28.33
CA PHE D 37 -33.44 14.74 -29.42
C PHE D 37 -34.01 13.61 -30.25
N ASN D 38 -33.42 13.38 -31.42
CA ASN D 38 -33.87 12.31 -32.30
C ASN D 38 -32.73 11.53 -32.92
N VAL D 39 -33.05 10.34 -33.43
CA VAL D 39 -32.06 9.48 -34.07
C VAL D 39 -31.23 10.26 -35.07
N GLY D 40 -29.91 10.07 -35.03
CA GLY D 40 -29.03 10.76 -35.94
C GLY D 40 -28.39 12.00 -35.32
N ASP D 41 -29.00 12.52 -34.26
CA ASP D 41 -28.46 13.71 -33.59
C ASP D 41 -27.11 13.43 -32.95
N ARG D 42 -26.20 14.40 -33.10
CA ARG D 42 -24.88 14.32 -32.49
C ARG D 42 -25.02 15.01 -31.14
N VAL D 43 -24.66 14.33 -30.06
CA VAL D 43 -24.79 14.91 -28.73
C VAL D 43 -23.52 14.76 -27.88
N ARG D 44 -23.32 15.72 -26.98
CA ARG D 44 -22.17 15.71 -26.08
C ARG D 44 -22.71 15.39 -24.70
N ILE D 45 -21.94 14.63 -23.92
CA ILE D 45 -22.37 14.26 -22.58
C ILE D 45 -21.90 15.25 -21.53
N LYS D 46 -22.88 15.86 -20.86
CA LYS D 46 -22.57 16.84 -19.83
C LYS D 46 -22.01 16.15 -18.59
N ASP D 47 -20.97 16.74 -18.02
CA ASP D 47 -20.36 16.18 -16.84
C ASP D 47 -21.10 16.64 -15.58
N LEU D 48 -22.32 16.14 -15.42
CA LEU D 48 -23.14 16.49 -14.28
C LEU D 48 -22.58 15.88 -13.00
N PRO D 49 -22.83 16.51 -11.84
CA PRO D 49 -22.34 16.02 -10.56
C PRO D 49 -22.74 14.56 -10.39
N ASP D 50 -21.83 13.72 -9.92
CA ASP D 50 -22.14 12.32 -9.74
C ASP D 50 -22.28 11.93 -8.28
N LEU D 51 -22.34 12.95 -7.43
CA LEU D 51 -22.49 12.75 -5.99
C LEU D 51 -23.59 11.75 -5.63
N PHE D 52 -23.22 10.75 -4.83
CA PHE D 52 -24.14 9.72 -4.34
C PHE D 52 -24.59 8.68 -5.36
N TYR D 53 -24.92 9.10 -6.58
CA TYR D 53 -25.34 8.13 -7.58
C TYR D 53 -25.44 8.67 -8.99
N THR D 54 -25.14 7.79 -9.94
CA THR D 54 -25.21 8.10 -11.37
C THR D 54 -25.03 6.80 -12.14
N ARG D 55 -25.61 6.74 -13.33
CA ARG D 55 -25.45 5.56 -14.17
C ARG D 55 -24.92 5.96 -15.53
N THR D 56 -24.35 7.16 -15.58
CA THR D 56 -23.72 7.67 -16.80
C THR D 56 -22.22 7.64 -16.48
N MET D 57 -21.58 6.55 -16.89
CA MET D 57 -20.15 6.32 -16.63
C MET D 57 -19.25 7.54 -16.84
N THR D 58 -18.25 7.67 -15.97
CA THR D 58 -17.30 8.77 -16.06
C THR D 58 -16.57 8.77 -17.40
N TYR D 59 -16.28 7.58 -17.94
CA TYR D 59 -15.56 7.51 -19.20
C TYR D 59 -16.27 8.14 -20.39
N THR D 60 -17.56 8.47 -20.23
CA THR D 60 -18.32 9.09 -21.32
C THR D 60 -18.41 10.62 -21.22
N ARG D 61 -18.19 11.16 -20.02
CA ARG D 61 -18.29 12.60 -19.79
C ARG D 61 -17.48 13.47 -20.75
N GLY D 62 -18.15 14.44 -21.35
CA GLY D 62 -17.47 15.34 -22.27
C GLY D 62 -17.26 14.79 -23.67
N ALA D 63 -17.62 13.53 -23.89
CA ALA D 63 -17.45 12.93 -25.21
C ALA D 63 -18.69 13.20 -26.07
N THR D 64 -18.51 13.15 -27.38
CA THR D 64 -19.63 13.37 -28.30
C THR D 64 -19.92 12.07 -29.03
N GLY D 65 -21.21 11.75 -29.15
CA GLY D 65 -21.61 10.53 -29.83
C GLY D 65 -22.84 10.73 -30.70
N THR D 66 -23.30 9.66 -31.33
CA THR D 66 -24.46 9.71 -32.21
C THR D 66 -25.63 8.91 -31.67
N ILE D 67 -26.79 9.54 -31.54
CA ILE D 67 -27.97 8.84 -31.07
C ILE D 67 -28.41 7.89 -32.19
N VAL D 68 -28.58 6.61 -31.86
CA VAL D 68 -29.00 5.66 -32.86
C VAL D 68 -30.37 5.08 -32.56
N ARG D 69 -30.91 5.40 -31.38
CA ARG D 69 -32.22 4.90 -31.00
C ARG D 69 -32.77 5.49 -29.70
N LEU D 70 -34.07 5.74 -29.69
CA LEU D 70 -34.74 6.22 -28.49
C LEU D 70 -35.30 4.91 -27.97
N VAL D 71 -34.60 4.35 -26.99
CA VAL D 71 -34.97 3.05 -26.44
C VAL D 71 -36.25 2.93 -25.64
N TYR D 72 -36.52 3.91 -24.78
CA TYR D 72 -37.73 3.88 -23.96
C TYR D 72 -37.79 5.11 -23.07
N GLU D 73 -38.86 5.19 -22.28
CA GLU D 73 -39.06 6.29 -21.36
C GLU D 73 -39.05 5.71 -19.95
N SER D 74 -38.45 6.43 -19.02
CA SER D 74 -38.36 5.96 -17.64
C SER D 74 -37.83 7.02 -16.72
N PRO D 75 -38.09 6.89 -15.40
CA PRO D 75 -37.57 7.89 -14.48
C PRO D 75 -36.05 7.68 -14.55
N ALA D 76 -35.28 8.75 -14.39
CA ALA D 76 -33.82 8.60 -14.43
C ALA D 76 -33.42 7.73 -13.24
N ALA D 77 -32.38 6.92 -13.40
CA ALA D 77 -31.91 6.07 -12.32
C ALA D 77 -31.55 6.91 -11.11
N GLU D 78 -31.02 8.11 -11.36
CA GLU D 78 -30.64 9.03 -10.31
C GLU D 78 -31.83 9.34 -9.38
N ASP D 79 -33.04 9.24 -9.93
CA ASP D 79 -34.25 9.49 -9.14
C ASP D 79 -34.88 8.19 -8.68
N GLU D 80 -34.94 7.20 -9.57
CA GLU D 80 -35.54 5.91 -9.25
C GLU D 80 -34.86 5.21 -8.07
N ALA D 81 -33.53 5.35 -7.96
CA ALA D 81 -32.77 4.70 -6.90
C ALA D 81 -33.01 5.31 -5.51
N PHE D 82 -33.68 6.45 -5.46
CA PHE D 82 -33.99 7.10 -4.19
C PHE D 82 -35.51 7.18 -3.99
N GLY D 83 -36.22 6.36 -4.76
CA GLY D 83 -37.67 6.28 -4.64
C GLY D 83 -38.47 7.43 -5.24
N ASN D 84 -37.84 8.20 -6.12
CA ASN D 84 -38.50 9.33 -6.77
C ASN D 84 -38.80 8.96 -8.22
N GLU D 85 -40.07 8.69 -8.51
CA GLU D 85 -40.46 8.29 -9.86
C GLU D 85 -41.46 9.25 -10.50
N GLU D 86 -41.66 10.41 -9.90
CA GLU D 86 -42.62 11.38 -10.43
C GLU D 86 -42.26 11.95 -11.79
N ASN D 87 -40.96 11.99 -12.10
CA ASN D 87 -40.53 12.52 -13.38
C ASN D 87 -39.98 11.43 -14.30
N VAL D 88 -40.40 11.46 -15.56
CA VAL D 88 -39.97 10.48 -16.55
C VAL D 88 -39.32 11.19 -17.73
N GLU D 89 -38.22 10.65 -18.22
CA GLU D 89 -37.56 11.25 -19.36
C GLU D 89 -37.16 10.22 -20.39
N TRP D 90 -36.79 10.70 -21.58
CA TRP D 90 -36.37 9.81 -22.65
C TRP D 90 -34.96 9.29 -22.46
N PHE D 91 -34.76 8.02 -22.80
CA PHE D 91 -33.46 7.39 -22.72
C PHE D 91 -33.00 7.15 -24.15
N TYR D 92 -31.74 7.45 -24.42
CA TYR D 92 -31.20 7.31 -25.76
C TYR D 92 -30.03 6.32 -25.80
N SER D 93 -29.93 5.58 -26.90
CA SER D 93 -28.81 4.65 -27.06
C SER D 93 -27.83 5.45 -27.92
N ILE D 94 -26.62 5.63 -27.42
CA ILE D 94 -25.61 6.43 -28.11
C ILE D 94 -24.36 5.66 -28.51
N VAL D 95 -23.90 5.88 -29.72
CA VAL D 95 -22.71 5.23 -30.24
C VAL D 95 -21.52 6.20 -30.26
N PHE D 96 -20.42 5.80 -29.61
CA PHE D 96 -19.20 6.61 -29.55
C PHE D 96 -18.11 5.92 -30.34
N ALA D 97 -17.25 6.70 -30.98
CA ALA D 97 -16.11 6.13 -31.70
C ALA D 97 -15.11 5.88 -30.58
N GLN D 98 -14.48 4.71 -30.56
CA GLN D 98 -13.54 4.40 -29.49
C GLN D 98 -12.43 5.44 -29.35
N LYS D 99 -11.96 5.99 -30.47
CA LYS D 99 -10.89 6.98 -30.42
C LYS D 99 -11.29 8.27 -29.69
N ASP D 100 -12.59 8.53 -29.57
CA ASP D 100 -13.04 9.75 -28.89
C ASP D 100 -13.11 9.54 -27.39
N LEU D 101 -12.99 8.29 -26.96
CA LEU D 101 -13.03 7.97 -25.54
C LEU D 101 -11.64 7.72 -24.99
N TRP D 102 -10.87 6.92 -25.72
CA TRP D 102 -9.52 6.54 -25.30
C TRP D 102 -8.45 7.14 -26.22
N PRO D 103 -7.66 8.08 -25.69
CA PRO D 103 -6.59 8.75 -26.44
C PRO D 103 -5.63 7.80 -27.15
N GLU D 104 -5.36 6.65 -26.52
CA GLU D 104 -4.42 5.68 -27.08
C GLU D 104 -4.99 4.70 -28.11
N TYR D 105 -6.30 4.75 -28.34
CA TYR D 105 -6.89 3.81 -29.29
C TYR D 105 -6.18 3.90 -30.64
N SER D 106 -5.85 2.74 -31.20
CA SER D 106 -5.13 2.66 -32.47
C SER D 106 -5.94 2.96 -33.72
N ASP D 107 -5.36 3.76 -34.62
CA ASP D 107 -6.02 4.10 -35.88
C ASP D 107 -6.23 2.85 -36.72
N THR D 108 -5.50 1.78 -36.40
CA THR D 108 -5.64 0.52 -37.13
C THR D 108 -7.06 -0.02 -36.96
N PHE D 109 -7.64 0.23 -35.79
CA PHE D 109 -9.00 -0.22 -35.50
C PHE D 109 -9.89 1.01 -35.52
N ALA D 110 -9.79 1.77 -36.60
CA ALA D 110 -10.53 3.01 -36.79
C ALA D 110 -12.05 2.92 -36.76
N ASN D 111 -12.61 1.73 -36.92
CA ASN D 111 -14.07 1.60 -36.92
C ASN D 111 -14.71 1.12 -35.62
N ASP D 112 -13.90 0.78 -34.62
CA ASP D 112 -14.45 0.30 -33.35
C ASP D 112 -15.28 1.36 -32.65
N THR D 113 -16.34 0.90 -31.99
CA THR D 113 -17.25 1.79 -31.30
C THR D 113 -17.70 1.24 -29.95
N LEU D 114 -18.44 2.06 -29.22
CA LEU D 114 -18.99 1.70 -27.93
C LEU D 114 -20.40 2.27 -27.85
N GLU D 115 -21.37 1.40 -27.60
CA GLU D 115 -22.77 1.84 -27.51
C GLU D 115 -23.27 1.67 -26.08
N THR D 116 -23.96 2.69 -25.57
CA THR D 116 -24.50 2.63 -24.21
C THR D 116 -25.69 3.57 -24.10
N GLU D 117 -26.45 3.48 -23.01
CA GLU D 117 -27.64 4.32 -22.86
C GLU D 117 -27.50 5.45 -21.85
N ILE D 118 -28.04 6.60 -22.21
CA ILE D 118 -27.96 7.79 -21.38
C ILE D 118 -29.28 8.57 -21.39
N PRO D 119 -29.79 8.93 -20.20
CA PRO D 119 -31.05 9.68 -20.14
C PRO D 119 -30.86 11.09 -20.68
N GLU D 120 -31.96 11.71 -21.10
CA GLU D 120 -31.95 13.04 -21.69
C GLU D 120 -31.23 14.15 -20.91
N ARG D 121 -31.34 14.13 -19.58
CA ARG D 121 -30.72 15.16 -18.76
C ARG D 121 -29.22 15.36 -19.00
N TYR D 122 -28.53 14.32 -19.48
CA TYR D 122 -27.09 14.42 -19.72
C TYR D 122 -26.70 14.91 -21.10
N LEU D 123 -27.67 15.06 -22.00
CA LEU D 123 -27.37 15.44 -23.36
C LEU D 123 -27.55 16.90 -23.79
N GLU D 124 -26.62 17.36 -24.63
CA GLU D 124 -26.68 18.69 -25.20
C GLU D 124 -26.23 18.56 -26.64
N LYS D 125 -26.80 19.38 -27.52
CA LYS D 125 -26.47 19.34 -28.94
C LYS D 125 -24.96 19.56 -29.08
N ALA D 126 -24.30 18.72 -29.87
CA ALA D 126 -22.86 18.82 -30.06
C ALA D 126 -22.46 20.03 -30.90
N SER E 4 5.71 -29.47 -8.45
CA SER E 4 5.80 -29.03 -9.86
C SER E 4 6.56 -27.71 -9.97
N ILE E 5 7.58 -27.70 -10.82
CA ILE E 5 8.38 -26.50 -11.01
C ILE E 5 7.53 -25.38 -11.62
N ARG E 6 6.71 -25.70 -12.60
CA ARG E 6 5.86 -24.69 -13.24
C ARG E 6 4.91 -24.10 -12.23
N GLU E 7 4.40 -24.93 -11.33
CA GLU E 7 3.49 -24.45 -10.29
C GLU E 7 4.20 -23.42 -9.44
N GLU E 8 5.43 -23.73 -9.03
CA GLU E 8 6.19 -22.80 -8.21
C GLU E 8 6.51 -21.54 -8.99
N VAL E 9 6.77 -21.70 -10.29
CA VAL E 9 7.07 -20.55 -11.15
C VAL E 9 5.89 -19.58 -11.19
N HIS E 10 4.69 -20.11 -11.42
CA HIS E 10 3.50 -19.26 -11.49
C HIS E 10 3.14 -18.69 -10.13
N ARG E 11 3.49 -19.43 -9.07
CA ARG E 11 3.20 -18.95 -7.72
C ARG E 11 4.13 -17.76 -7.47
N HIS E 12 5.37 -17.88 -7.93
CA HIS E 12 6.36 -16.82 -7.78
C HIS E 12 5.90 -15.56 -8.52
N LEU E 13 5.54 -15.72 -9.78
CA LEU E 13 5.09 -14.59 -10.59
C LEU E 13 3.94 -13.83 -9.94
N GLY E 14 3.10 -14.54 -9.21
CA GLY E 14 1.98 -13.88 -8.54
C GLY E 14 2.38 -13.27 -7.21
N THR E 15 3.28 -13.94 -6.51
CA THR E 15 3.73 -13.48 -5.19
C THR E 15 4.55 -12.20 -5.24
N VAL E 16 5.43 -12.05 -6.22
CA VAL E 16 6.24 -10.84 -6.32
C VAL E 16 5.43 -9.56 -6.44
N ALA E 17 4.17 -9.67 -6.87
CA ALA E 17 3.32 -8.50 -7.00
C ALA E 17 3.09 -7.86 -5.64
N LEU E 18 3.09 -8.69 -4.59
CA LEU E 18 2.89 -8.21 -3.23
C LEU E 18 4.00 -7.25 -2.83
N MET E 19 5.18 -7.45 -3.41
CA MET E 19 6.35 -6.64 -3.12
C MET E 19 6.59 -5.46 -4.07
N GLN E 20 5.67 -5.22 -4.98
CA GLN E 20 5.79 -4.10 -5.92
C GLN E 20 5.99 -2.81 -5.13
N PRO E 21 7.13 -2.13 -5.32
CA PRO E 21 7.41 -0.87 -4.61
C PRO E 21 6.37 0.22 -4.87
N ALA E 22 6.14 1.04 -3.86
CA ALA E 22 5.18 2.11 -3.98
C ALA E 22 5.38 3.18 -2.94
N LEU E 23 4.82 4.36 -3.21
CA LEU E 23 4.87 5.46 -2.26
C LEU E 23 3.48 5.31 -1.62
N HIS E 24 3.47 4.68 -0.45
CA HIS E 24 2.24 4.40 0.29
C HIS E 24 1.96 5.47 1.33
N GLN E 25 1.03 6.36 1.01
CA GLN E 25 0.69 7.46 1.90
C GLN E 25 -0.60 7.20 2.66
N GLN E 26 -0.48 6.84 3.93
CA GLN E 26 -1.66 6.59 4.74
C GLN E 26 -2.42 7.90 4.94
N THR E 27 -3.75 7.81 4.93
CA THR E 27 -4.58 8.99 5.10
C THR E 27 -5.33 8.87 6.42
N HIS E 28 -5.12 9.83 7.31
CA HIS E 28 -5.77 9.85 8.62
C HIS E 28 -6.56 11.14 8.82
N ALA E 29 -7.74 11.21 8.18
CA ALA E 29 -8.60 12.39 8.28
C ALA E 29 -7.83 13.68 7.99
N PRO E 30 -7.28 13.81 6.78
CA PRO E 30 -6.52 14.99 6.37
C PRO E 30 -7.37 16.25 6.43
N ALA E 31 -6.70 17.40 6.61
CA ALA E 31 -7.40 18.68 6.67
C ALA E 31 -7.94 19.02 5.27
N PRO E 32 -8.97 19.89 5.20
CA PRO E 32 -9.55 20.27 3.91
C PRO E 32 -8.52 20.83 2.93
N THR E 33 -7.53 21.53 3.45
CA THR E 33 -6.49 22.11 2.61
C THR E 33 -5.63 21.05 1.92
N GLU E 34 -5.80 19.80 2.32
CA GLU E 34 -5.05 18.69 1.72
C GLU E 34 -5.87 17.98 0.65
N ILE E 35 -7.11 18.43 0.45
CA ILE E 35 -7.97 17.81 -0.55
C ILE E 35 -8.06 18.69 -1.80
N THR E 36 -7.53 18.20 -2.91
CA THR E 36 -7.60 18.92 -4.17
C THR E 36 -8.92 18.56 -4.84
N HIS E 37 -9.28 19.27 -5.92
CA HIS E 37 -10.51 18.92 -6.60
C HIS E 37 -10.38 17.51 -7.15
N THR E 38 -9.18 17.16 -7.61
CA THR E 38 -8.95 15.83 -8.16
C THR E 38 -9.24 14.76 -7.12
N LEU E 39 -8.75 14.96 -5.90
CA LEU E 39 -8.98 14.00 -4.83
C LEU E 39 -10.46 14.01 -4.43
N PHE E 40 -11.05 15.20 -4.39
CA PHE E 40 -12.47 15.33 -4.01
C PHE E 40 -13.32 14.47 -4.94
N ARG E 41 -13.09 14.58 -6.24
CA ARG E 41 -13.86 13.82 -7.21
C ARG E 41 -13.62 12.33 -7.04
N ALA E 42 -12.37 11.95 -6.77
CA ALA E 42 -12.01 10.55 -6.58
C ALA E 42 -12.63 9.96 -5.33
N TYR E 43 -12.71 10.74 -4.26
CA TYR E 43 -13.30 10.25 -3.02
C TYR E 43 -14.83 10.20 -3.06
N THR E 44 -15.44 11.16 -3.77
CA THR E 44 -16.90 11.20 -3.84
C THR E 44 -17.50 10.47 -5.04
N ARG E 45 -16.65 9.74 -5.76
CA ARG E 45 -17.06 8.95 -6.93
C ARG E 45 -18.05 7.88 -6.46
N VAL E 46 -18.82 7.33 -7.40
CA VAL E 46 -19.72 6.22 -7.06
C VAL E 46 -18.85 5.02 -7.40
N PRO E 47 -18.51 4.20 -6.40
CA PRO E 47 -17.67 2.99 -6.50
C PRO E 47 -17.88 2.03 -7.68
N HIS E 48 -19.13 1.84 -8.10
CA HIS E 48 -19.42 0.91 -9.20
C HIS E 48 -18.97 1.37 -10.58
N ASP E 49 -18.61 2.64 -10.72
CA ASP E 49 -18.20 3.18 -12.01
C ASP E 49 -16.71 2.91 -12.28
N VAL E 50 -16.40 1.69 -12.70
CA VAL E 50 -15.01 1.28 -12.95
C VAL E 50 -14.60 1.19 -14.42
N GLY E 51 -15.54 1.38 -15.34
CA GLY E 51 -15.20 1.30 -16.76
C GLY E 51 -14.05 2.19 -17.18
N GLY E 52 -13.03 1.60 -17.82
CA GLY E 52 -11.90 2.39 -18.26
C GLY E 52 -10.67 2.39 -17.37
N GLU E 53 -10.83 1.90 -16.14
CA GLU E 53 -9.70 1.84 -15.21
C GLU E 53 -8.71 0.77 -15.68
N ALA E 54 -7.42 1.07 -15.58
CA ALA E 54 -6.39 0.12 -16.00
C ALA E 54 -6.37 -1.11 -15.09
N ASP E 55 -6.22 -2.29 -15.69
CA ASP E 55 -6.16 -3.52 -14.91
C ASP E 55 -5.33 -4.52 -15.71
N VAL E 56 -4.92 -5.59 -15.04
CA VAL E 56 -4.09 -6.62 -15.66
C VAL E 56 -4.91 -7.75 -16.27
N PRO E 57 -4.26 -8.63 -17.04
CA PRO E 57 -5.00 -9.74 -17.65
C PRO E 57 -5.08 -10.83 -16.58
N ILE E 58 -6.22 -11.50 -16.49
CA ILE E 58 -6.36 -12.60 -15.54
C ILE E 58 -7.05 -13.74 -16.24
N GLU E 59 -6.69 -14.96 -15.88
CA GLU E 59 -7.30 -16.13 -16.50
C GLU E 59 -8.70 -16.25 -15.90
N TYR E 60 -9.68 -15.73 -16.61
CA TYR E 60 -11.07 -15.77 -16.14
C TYR E 60 -11.52 -17.18 -15.78
N HIS E 61 -12.28 -17.27 -14.69
CA HIS E 61 -12.78 -18.57 -14.24
C HIS E 61 -14.28 -18.50 -13.96
N GLU E 62 -14.90 -19.68 -13.93
CA GLU E 62 -16.32 -19.78 -13.61
C GLU E 62 -16.30 -20.06 -12.11
N LYS E 63 -17.43 -19.89 -11.44
CA LYS E 63 -17.47 -20.20 -10.01
C LYS E 63 -18.77 -20.90 -9.65
N GLU E 64 -18.64 -22.02 -8.94
CA GLU E 64 -19.81 -22.75 -8.50
C GLU E 64 -20.67 -21.83 -7.64
N GLU E 65 -21.97 -22.04 -7.69
CA GLU E 65 -22.92 -21.24 -6.92
C GLU E 65 -23.04 -21.78 -5.50
N GLU E 66 -22.94 -20.90 -4.51
CA GLU E 66 -23.08 -21.31 -3.12
C GLU E 66 -24.59 -21.35 -2.86
N ILE E 67 -25.02 -22.25 -2.01
CA ILE E 67 -26.44 -22.35 -1.68
C ILE E 67 -26.93 -20.99 -1.18
N TRP E 68 -26.14 -20.36 -0.29
CA TRP E 68 -26.53 -19.08 0.25
C TRP E 68 -26.58 -17.96 -0.80
N GLU E 69 -25.80 -18.10 -1.86
CA GLU E 69 -25.80 -17.10 -2.92
C GLU E 69 -27.12 -17.21 -3.68
N LEU E 70 -27.56 -18.45 -3.90
CA LEU E 70 -28.82 -18.72 -4.58
C LEU E 70 -29.97 -18.13 -3.76
N ASN E 71 -29.95 -18.37 -2.46
CA ASN E 71 -31.00 -17.86 -1.58
C ASN E 71 -30.99 -16.33 -1.48
N THR E 72 -29.80 -15.74 -1.46
CA THR E 72 -29.67 -14.30 -1.40
C THR E 72 -30.27 -13.65 -2.64
N PHE E 73 -29.98 -14.23 -3.80
CA PHE E 73 -30.51 -13.72 -5.07
C PHE E 73 -32.03 -13.78 -5.06
N ALA E 74 -32.58 -14.91 -4.61
CA ALA E 74 -34.03 -15.07 -4.56
C ALA E 74 -34.63 -14.08 -3.57
N THR E 75 -33.96 -13.89 -2.44
CA THR E 75 -34.44 -12.96 -1.42
C THR E 75 -34.50 -11.53 -1.96
N CYS E 76 -33.46 -11.11 -2.68
CA CYS E 76 -33.42 -9.76 -3.22
C CYS E 76 -34.50 -9.53 -4.26
N GLU E 77 -34.72 -10.50 -5.15
CA GLU E 77 -35.74 -10.36 -6.18
C GLU E 77 -37.15 -10.42 -5.58
N CYS E 78 -37.31 -11.21 -4.52
CA CYS E 78 -38.61 -11.33 -3.86
C CYS E 78 -38.95 -10.05 -3.11
N LEU E 79 -37.94 -9.43 -2.52
CA LEU E 79 -38.17 -8.17 -1.81
C LEU E 79 -38.63 -7.10 -2.80
N ALA E 80 -38.08 -7.14 -4.01
CA ALA E 80 -38.45 -6.19 -5.06
C ALA E 80 -39.84 -6.55 -5.59
N TRP E 81 -40.04 -7.84 -5.85
CA TRP E 81 -41.32 -8.34 -6.32
C TRP E 81 -42.43 -7.81 -5.41
N ARG E 82 -42.21 -7.94 -4.11
CA ARG E 82 -43.19 -7.49 -3.12
C ARG E 82 -43.10 -6.03 -2.70
N GLY E 83 -42.47 -5.20 -3.52
CA GLY E 83 -42.39 -3.78 -3.24
C GLY E 83 -41.58 -3.21 -2.08
N VAL E 84 -40.62 -3.96 -1.55
CA VAL E 84 -39.80 -3.42 -0.47
C VAL E 84 -38.84 -2.40 -1.10
N TRP E 85 -38.46 -2.66 -2.34
CA TRP E 85 -37.58 -1.78 -3.10
C TRP E 85 -37.62 -2.11 -4.57
N THR E 86 -37.04 -1.24 -5.40
CA THR E 86 -36.95 -1.48 -6.82
C THR E 86 -35.50 -1.92 -7.03
N ALA E 87 -35.19 -2.49 -8.17
CA ALA E 87 -33.83 -2.94 -8.42
C ALA E 87 -32.83 -1.78 -8.39
N GLU E 88 -33.25 -0.61 -8.86
CA GLU E 88 -32.36 0.54 -8.86
C GLU E 88 -31.99 0.97 -7.45
N GLU E 89 -32.95 0.93 -6.55
CA GLU E 89 -32.69 1.28 -5.16
C GLU E 89 -31.65 0.28 -4.64
N ARG E 90 -31.80 -1.00 -5.01
CA ARG E 90 -30.85 -2.02 -4.57
C ARG E 90 -29.45 -1.75 -5.12
N ARG E 91 -29.36 -1.45 -6.41
CA ARG E 91 -28.06 -1.18 -7.01
C ARG E 91 -27.36 -0.02 -6.34
N ARG E 92 -28.11 1.05 -6.10
CA ARG E 92 -27.54 2.23 -5.46
C ARG E 92 -27.00 1.89 -4.07
N LYS E 93 -27.79 1.16 -3.30
CA LYS E 93 -27.38 0.79 -1.94
C LYS E 93 -26.27 -0.25 -1.91
N GLN E 94 -26.37 -1.22 -2.81
CA GLN E 94 -25.44 -2.36 -2.89
C GLN E 94 -24.11 -2.12 -3.59
N ASN E 95 -24.15 -1.43 -4.72
CA ASN E 95 -22.95 -1.19 -5.49
C ASN E 95 -22.31 0.19 -5.31
N CYS E 96 -22.96 1.05 -4.53
CA CYS E 96 -22.40 2.39 -4.32
C CYS E 96 -22.33 2.77 -2.85
N ASP E 97 -23.46 2.69 -2.16
CA ASP E 97 -23.51 3.06 -0.75
C ASP E 97 -22.54 2.27 0.14
N VAL E 98 -22.20 1.04 -0.25
CA VAL E 98 -21.30 0.24 0.57
C VAL E 98 -19.90 0.84 0.71
N GLY E 99 -19.53 1.73 -0.21
CA GLY E 99 -18.23 2.36 -0.14
C GLY E 99 -17.12 1.58 -0.81
N GLN E 100 -16.06 2.31 -1.18
CA GLN E 100 -14.89 1.78 -1.87
C GLN E 100 -14.26 0.51 -1.28
N THR E 101 -13.99 0.53 0.03
CA THR E 101 -13.36 -0.62 0.67
C THR E 101 -14.19 -1.90 0.60
N VAL E 102 -15.43 -1.85 1.07
CA VAL E 102 -16.30 -3.02 1.03
C VAL E 102 -16.58 -3.43 -0.41
N TYR E 103 -16.81 -2.44 -1.26
CA TYR E 103 -17.13 -2.69 -2.66
C TYR E 103 -16.16 -3.64 -3.35
N LEU E 104 -14.86 -3.51 -3.07
CA LEU E 104 -13.87 -4.38 -3.69
C LEU E 104 -13.24 -5.41 -2.75
N GLY E 105 -13.42 -5.23 -1.45
CA GLY E 105 -12.85 -6.15 -0.48
C GLY E 105 -13.71 -7.37 -0.18
N MET E 106 -15.02 -7.21 -0.32
CA MET E 106 -15.94 -8.31 -0.05
C MET E 106 -16.40 -8.99 -1.34
N PRO E 107 -17.07 -10.14 -1.22
CA PRO E 107 -17.56 -10.84 -2.41
C PRO E 107 -18.81 -10.20 -2.99
N TYR E 108 -19.01 -10.44 -4.29
CA TYR E 108 -20.16 -9.94 -5.03
C TYR E 108 -21.46 -10.19 -4.26
N TYR E 109 -21.80 -11.46 -4.05
CA TYR E 109 -23.03 -11.78 -3.33
C TYR E 109 -22.98 -11.41 -1.86
N GLY E 110 -21.79 -11.16 -1.33
CA GLY E 110 -21.68 -10.76 0.06
C GLY E 110 -22.30 -9.38 0.19
N ARG E 111 -22.10 -8.55 -0.82
CA ARG E 111 -22.66 -7.19 -0.81
C ARG E 111 -24.17 -7.28 -1.01
N TRP E 112 -24.62 -8.19 -1.87
CA TRP E 112 -26.05 -8.37 -2.09
C TRP E 112 -26.72 -8.64 -0.75
N LEU E 113 -26.15 -9.61 -0.02
CA LEU E 113 -26.69 -10.02 1.27
C LEU E 113 -26.68 -8.92 2.32
N LEU E 114 -25.55 -8.26 2.47
CA LEU E 114 -25.44 -7.17 3.43
C LEU E 114 -26.47 -6.09 3.14
N THR E 115 -26.68 -5.82 1.84
CA THR E 115 -27.63 -4.80 1.43
C THR E 115 -29.08 -5.23 1.64
N ALA E 116 -29.34 -6.53 1.55
CA ALA E 116 -30.70 -7.02 1.76
C ALA E 116 -31.04 -6.76 3.22
N ALA E 117 -30.07 -7.00 4.11
CA ALA E 117 -30.27 -6.77 5.53
C ALA E 117 -30.40 -5.28 5.79
N ARG E 118 -29.68 -4.51 5.00
CA ARG E 118 -29.68 -3.06 5.13
C ARG E 118 -31.05 -2.44 4.81
N ILE E 119 -31.66 -2.86 3.70
CA ILE E 119 -32.96 -2.30 3.32
C ILE E 119 -34.03 -2.58 4.38
N LEU E 120 -33.95 -3.74 5.03
CA LEU E 120 -34.91 -4.09 6.07
C LEU E 120 -34.81 -3.10 7.22
N VAL E 121 -33.58 -2.72 7.55
CA VAL E 121 -33.33 -1.79 8.64
C VAL E 121 -33.59 -0.33 8.23
N ASP E 122 -33.06 0.06 7.08
CA ASP E 122 -33.23 1.44 6.62
C ASP E 122 -34.68 1.85 6.45
N LYS E 123 -35.51 0.94 5.95
CA LYS E 123 -36.93 1.25 5.76
C LYS E 123 -37.77 0.85 6.97
N GLN E 124 -37.08 0.54 8.07
CA GLN E 124 -37.69 0.17 9.33
C GLN E 124 -38.68 -0.99 9.35
N PHE E 125 -38.44 -2.02 8.54
CA PHE E 125 -39.32 -3.18 8.56
C PHE E 125 -38.89 -4.05 9.73
N VAL E 126 -37.67 -3.81 10.19
CA VAL E 126 -37.10 -4.50 11.34
C VAL E 126 -36.16 -3.48 11.96
N THR E 127 -36.00 -3.54 13.28
CA THR E 127 -35.09 -2.62 13.96
C THR E 127 -33.72 -3.28 13.92
N LEU E 128 -32.66 -2.50 14.08
CA LEU E 128 -31.32 -3.07 14.06
C LEU E 128 -31.20 -4.09 15.20
N THR E 129 -31.94 -3.83 16.28
CA THR E 129 -31.93 -4.71 17.44
C THR E 129 -32.49 -6.08 17.06
N GLU E 130 -33.58 -6.09 16.29
CA GLU E 130 -34.17 -7.34 15.85
C GLU E 130 -33.20 -8.10 14.95
N LEU E 131 -32.44 -7.35 14.14
CA LEU E 131 -31.47 -7.98 13.26
C LEU E 131 -30.33 -8.58 14.09
N HIS E 132 -29.79 -7.79 15.02
CA HIS E 132 -28.73 -8.28 15.89
C HIS E 132 -29.19 -9.50 16.66
N ASN E 133 -30.41 -9.46 17.18
CA ASN E 133 -30.96 -10.57 17.95
C ASN E 133 -31.13 -11.81 17.08
N LYS E 134 -31.59 -11.62 15.84
CA LYS E 134 -31.77 -12.75 14.94
C LYS E 134 -30.44 -13.41 14.64
N ILE E 135 -29.39 -12.60 14.50
CA ILE E 135 -28.06 -13.13 14.22
C ILE E 135 -27.63 -14.03 15.38
N VAL E 136 -27.87 -13.56 16.60
CA VAL E 136 -27.53 -14.32 17.79
C VAL E 136 -28.31 -15.63 17.77
N GLU E 137 -29.60 -15.54 17.45
CA GLU E 137 -30.47 -16.70 17.41
C GLU E 137 -29.95 -17.75 16.43
N MET E 138 -29.50 -17.31 15.26
CA MET E 138 -28.97 -18.24 14.25
C MET E 138 -27.73 -18.94 14.80
N ARG E 139 -26.82 -18.18 15.40
CA ARG E 139 -25.60 -18.75 15.96
C ARG E 139 -25.91 -19.77 17.06
N GLU E 140 -26.82 -19.42 17.96
CA GLU E 140 -27.20 -20.31 19.04
C GLU E 140 -27.83 -21.58 18.48
N ARG E 141 -28.64 -21.42 17.43
CA ARG E 141 -29.30 -22.55 16.79
C ARG E 141 -28.23 -23.54 16.32
N VAL E 142 -27.16 -23.02 15.73
CA VAL E 142 -26.06 -23.86 15.24
C VAL E 142 -25.30 -24.47 16.41
N ALA E 143 -24.94 -23.64 17.38
CA ALA E 143 -24.20 -24.09 18.55
C ALA E 143 -24.95 -25.17 19.31
N SER E 144 -26.26 -24.98 19.50
CA SER E 144 -27.08 -25.94 20.23
C SER E 144 -27.27 -27.23 19.43
N GLY E 145 -26.85 -27.24 18.17
CA GLY E 145 -26.99 -28.41 17.35
C GLY E 145 -28.38 -28.61 16.78
N GLN E 146 -29.15 -27.54 16.67
CA GLN E 146 -30.50 -27.62 16.13
C GLN E 146 -30.49 -27.50 14.61
N GLY E 147 -29.30 -27.38 14.03
CA GLY E 147 -29.20 -27.26 12.59
C GLY E 147 -29.40 -25.83 12.13
N LEU E 148 -29.20 -25.61 10.82
CA LEU E 148 -29.35 -24.28 10.25
C LEU E 148 -29.83 -24.41 8.80
N GLY E 149 -31.15 -24.46 8.64
CA GLY E 149 -31.73 -24.59 7.31
C GLY E 149 -31.11 -25.72 6.52
N GLU E 150 -30.91 -25.48 5.22
CA GLU E 150 -30.32 -26.49 4.34
C GLU E 150 -28.80 -26.45 4.39
N TYR E 151 -28.24 -25.56 5.20
CA TYR E 151 -26.79 -25.43 5.32
C TYR E 151 -26.21 -26.45 6.29
N LEU E 152 -26.94 -26.75 7.34
CA LEU E 152 -26.49 -27.69 8.36
C LEU E 152 -27.65 -28.47 8.98
N PRO E 153 -27.62 -29.80 8.88
CA PRO E 153 -28.68 -30.64 9.45
C PRO E 153 -28.58 -30.69 10.98
N PRO E 154 -29.73 -30.89 11.66
CA PRO E 154 -29.73 -30.96 13.12
C PRO E 154 -28.84 -32.07 13.65
N VAL F 24 -20.74 -23.62 9.41
CA VAL F 24 -21.48 -22.58 8.63
C VAL F 24 -20.72 -21.26 8.66
N SER F 25 -20.70 -20.56 7.52
CA SER F 25 -20.01 -19.27 7.42
C SER F 25 -20.86 -18.11 7.91
N ASP F 26 -20.22 -16.94 8.02
CA ASP F 26 -20.92 -15.74 8.45
C ASP F 26 -22.00 -15.37 7.44
N PHE F 27 -21.76 -15.71 6.18
CA PHE F 27 -22.71 -15.42 5.11
C PHE F 27 -23.97 -16.27 5.23
N GLU F 28 -23.80 -17.54 5.57
CA GLU F 28 -24.96 -18.43 5.70
C GLU F 28 -25.78 -18.04 6.92
N ILE F 29 -25.10 -17.60 7.99
CA ILE F 29 -25.78 -17.18 9.20
C ILE F 29 -26.64 -15.96 8.88
N LEU F 30 -26.06 -14.98 8.19
CA LEU F 30 -26.79 -13.76 7.84
C LEU F 30 -27.89 -14.00 6.82
N GLU F 31 -27.66 -14.91 5.87
CA GLU F 31 -28.67 -15.21 4.86
C GLU F 31 -29.92 -15.77 5.56
N MET F 32 -29.70 -16.68 6.51
CA MET F 32 -30.80 -17.27 7.26
C MET F 32 -31.54 -16.19 8.05
N ALA F 33 -30.78 -15.33 8.72
CA ALA F 33 -31.35 -14.25 9.51
C ALA F 33 -32.21 -13.33 8.66
N VAL F 34 -31.69 -12.91 7.51
CA VAL F 34 -32.43 -12.01 6.63
C VAL F 34 -33.70 -12.66 6.08
N ARG F 35 -33.58 -13.92 5.65
CA ARG F 35 -34.73 -14.62 5.10
C ARG F 35 -35.84 -14.80 6.12
N GLU F 36 -35.51 -15.24 7.33
CA GLU F 36 -36.53 -15.44 8.35
C GLU F 36 -37.18 -14.13 8.75
N LEU F 37 -36.36 -13.07 8.86
CA LEU F 37 -36.85 -11.75 9.22
C LEU F 37 -37.85 -11.23 8.18
N ALA F 38 -37.48 -11.38 6.91
CA ALA F 38 -38.33 -10.92 5.81
C ALA F 38 -39.68 -11.62 5.84
N ILE F 39 -39.64 -12.95 6.02
CA ILE F 39 -40.85 -13.76 6.06
C ILE F 39 -41.66 -13.45 7.31
N GLU F 40 -40.98 -13.33 8.44
CA GLU F 40 -41.64 -13.01 9.71
C GLU F 40 -42.41 -11.69 9.61
N LYS F 41 -41.80 -10.71 8.97
CA LYS F 41 -42.42 -9.39 8.82
C LYS F 41 -43.47 -9.35 7.72
N GLY F 42 -43.57 -10.45 6.98
CA GLY F 42 -44.54 -10.53 5.89
C GLY F 42 -44.17 -9.77 4.65
N LEU F 43 -42.87 -9.54 4.45
CA LEU F 43 -42.40 -8.81 3.27
C LEU F 43 -42.55 -9.69 2.04
N PHE F 44 -42.33 -10.99 2.21
CA PHE F 44 -42.53 -11.97 1.16
C PHE F 44 -42.71 -13.30 1.86
N SER F 45 -43.28 -14.29 1.17
CA SER F 45 -43.54 -15.59 1.78
C SER F 45 -42.51 -16.66 1.45
N ALA F 46 -42.52 -17.74 2.22
CA ALA F 46 -41.60 -18.85 2.00
C ALA F 46 -41.86 -19.37 0.59
N GLU F 47 -43.14 -19.39 0.21
CA GLU F 47 -43.54 -19.85 -1.11
C GLU F 47 -42.96 -18.93 -2.18
N ASP F 48 -43.02 -17.61 -1.94
CA ASP F 48 -42.47 -16.65 -2.90
C ASP F 48 -41.01 -17.00 -3.18
N HIS F 49 -40.26 -17.21 -2.11
CA HIS F 49 -38.84 -17.54 -2.20
C HIS F 49 -38.65 -18.83 -3.01
N ARG F 50 -39.43 -19.87 -2.68
CA ARG F 50 -39.33 -21.13 -3.38
C ARG F 50 -39.67 -20.95 -4.86
N VAL F 51 -40.75 -20.21 -5.12
CA VAL F 51 -41.18 -19.95 -6.48
C VAL F 51 -40.07 -19.26 -7.29
N TRP F 52 -39.35 -18.32 -6.66
CA TRP F 52 -38.30 -17.62 -7.39
C TRP F 52 -37.10 -18.51 -7.67
N LYS F 53 -36.70 -19.29 -6.68
CA LYS F 53 -35.57 -20.19 -6.88
C LYS F 53 -35.91 -21.18 -7.99
N ASP F 54 -37.16 -21.63 -8.04
CA ASP F 54 -37.58 -22.57 -9.08
C ASP F 54 -37.53 -21.90 -10.44
N TYR F 55 -37.98 -20.65 -10.51
CA TYR F 55 -37.96 -19.92 -11.78
C TYR F 55 -36.52 -19.79 -12.27
N VAL F 56 -35.63 -19.36 -11.37
CA VAL F 56 -34.22 -19.19 -11.72
C VAL F 56 -33.65 -20.52 -12.25
N HIS F 57 -33.98 -21.60 -11.56
CA HIS F 57 -33.49 -22.93 -11.94
C HIS F 57 -33.84 -23.29 -13.39
N THR F 58 -34.96 -22.78 -13.90
CA THR F 58 -35.37 -23.09 -15.27
C THR F 58 -34.62 -22.27 -16.32
N LEU F 59 -34.03 -21.15 -15.91
CA LEU F 59 -33.32 -20.28 -16.85
C LEU F 59 -32.07 -20.89 -17.46
N GLY F 60 -31.82 -20.57 -18.72
CA GLY F 60 -30.68 -21.08 -19.44
C GLY F 60 -30.51 -20.40 -20.79
N PRO F 61 -29.43 -20.70 -21.53
CA PRO F 61 -29.13 -20.13 -22.85
C PRO F 61 -29.94 -20.65 -24.03
N LEU F 62 -30.53 -21.84 -23.89
CA LEU F 62 -31.28 -22.44 -24.99
C LEU F 62 -32.23 -21.52 -25.75
N PRO F 63 -33.11 -20.79 -25.05
CA PRO F 63 -34.04 -19.90 -25.73
C PRO F 63 -33.34 -18.89 -26.64
N ALA F 64 -32.27 -18.27 -26.12
CA ALA F 64 -31.51 -17.29 -26.89
C ALA F 64 -30.84 -17.94 -28.09
N ALA F 65 -30.32 -19.15 -27.89
CA ALA F 65 -29.66 -19.88 -28.97
C ALA F 65 -30.65 -20.14 -30.10
N ARG F 66 -31.85 -20.58 -29.73
CA ARG F 66 -32.87 -20.86 -30.73
C ARG F 66 -33.27 -19.59 -31.45
N LEU F 67 -33.33 -18.48 -30.73
CA LEU F 67 -33.70 -17.21 -31.35
C LEU F 67 -32.71 -16.89 -32.46
N VAL F 68 -31.43 -17.11 -32.19
CA VAL F 68 -30.39 -16.85 -33.18
C VAL F 68 -30.57 -17.78 -34.37
N ALA F 69 -30.71 -19.08 -34.10
CA ALA F 69 -30.88 -20.07 -35.15
C ALA F 69 -32.08 -19.71 -36.03
N LYS F 70 -33.19 -19.31 -35.40
CA LYS F 70 -34.39 -18.93 -36.14
C LYS F 70 -34.14 -17.73 -37.03
N ALA F 71 -33.40 -16.75 -36.50
CA ALA F 71 -33.09 -15.55 -37.27
C ALA F 71 -32.27 -15.89 -38.49
N TRP F 72 -31.33 -16.83 -38.33
CA TRP F 72 -30.49 -17.24 -39.44
C TRP F 72 -31.30 -17.86 -40.57
N LEU F 73 -32.41 -18.51 -40.22
CA LEU F 73 -33.25 -19.19 -41.20
C LEU F 73 -34.47 -18.40 -41.67
N ASP F 74 -34.77 -17.28 -41.01
CA ASP F 74 -35.93 -16.48 -41.37
C ASP F 74 -35.61 -14.99 -41.42
N PRO F 75 -35.36 -14.46 -42.63
CA PRO F 75 -35.05 -13.04 -42.82
C PRO F 75 -36.02 -12.09 -42.12
N GLU F 76 -37.29 -12.45 -42.11
CA GLU F 76 -38.31 -11.62 -41.47
C GLU F 76 -38.16 -11.62 -39.96
N TYR F 77 -37.89 -12.80 -39.40
CA TYR F 77 -37.72 -12.91 -37.96
C TYR F 77 -36.45 -12.18 -37.52
N LYS F 78 -35.40 -12.24 -38.33
CA LYS F 78 -34.16 -11.57 -38.00
C LYS F 78 -34.40 -10.07 -37.87
N LYS F 79 -35.13 -9.51 -38.83
CA LYS F 79 -35.45 -8.08 -38.81
C LYS F 79 -36.23 -7.74 -37.54
N LEU F 80 -37.12 -8.64 -37.14
CA LEU F 80 -37.91 -8.42 -35.93
C LEU F 80 -37.00 -8.43 -34.70
N CYS F 81 -36.03 -9.33 -34.69
CA CYS F 81 -35.07 -9.43 -33.59
C CYS F 81 -34.32 -8.13 -33.44
N ILE F 82 -33.80 -7.63 -34.55
CA ILE F 82 -33.02 -6.40 -34.60
C ILE F 82 -33.82 -5.16 -34.19
N GLU F 83 -35.10 -5.12 -34.56
CA GLU F 83 -35.94 -3.98 -34.25
C GLU F 83 -36.70 -4.07 -32.93
N ASP F 84 -37.13 -5.27 -32.57
CA ASP F 84 -37.90 -5.45 -31.35
C ASP F 84 -37.58 -6.75 -30.63
N GLY F 85 -36.48 -6.76 -29.90
CA GLY F 85 -36.08 -7.96 -29.18
C GLY F 85 -37.14 -8.55 -28.27
N VAL F 86 -37.92 -7.69 -27.61
CA VAL F 86 -38.97 -8.15 -26.72
C VAL F 86 -40.01 -8.98 -27.47
N GLU F 87 -40.43 -8.48 -28.64
CA GLU F 87 -41.42 -9.20 -29.43
C GLU F 87 -40.87 -10.50 -29.98
N ALA F 88 -39.65 -10.46 -30.49
CA ALA F 88 -39.02 -11.65 -31.04
C ALA F 88 -38.85 -12.76 -30.00
N SER F 89 -38.55 -12.36 -28.77
CA SER F 89 -38.33 -13.31 -27.69
C SER F 89 -39.52 -14.25 -27.46
N LYS F 90 -40.72 -13.76 -27.74
CA LYS F 90 -41.92 -14.57 -27.56
C LYS F 90 -41.88 -15.81 -28.46
N ALA F 91 -41.32 -15.65 -29.66
CA ALA F 91 -41.22 -16.75 -30.61
C ALA F 91 -40.46 -17.96 -30.08
N VAL F 92 -39.67 -17.75 -29.02
CA VAL F 92 -38.92 -18.86 -28.44
C VAL F 92 -39.37 -19.20 -27.04
N GLY F 93 -40.58 -18.78 -26.69
CA GLY F 93 -41.14 -19.09 -25.39
C GLY F 93 -40.79 -18.22 -24.20
N VAL F 94 -40.02 -17.16 -24.41
CA VAL F 94 -39.67 -16.29 -23.30
C VAL F 94 -40.33 -14.93 -23.44
N ASN F 95 -41.32 -14.67 -22.59
CA ASN F 95 -42.04 -13.40 -22.59
C ASN F 95 -41.48 -12.62 -21.41
N TRP F 96 -40.71 -11.59 -21.70
CA TRP F 96 -40.07 -10.79 -20.66
C TRP F 96 -41.01 -10.19 -19.63
N VAL F 97 -42.28 -10.07 -19.98
CA VAL F 97 -43.26 -9.52 -19.06
C VAL F 97 -43.98 -10.60 -18.26
N THR F 98 -44.50 -11.61 -18.95
CA THR F 98 -45.26 -12.67 -18.30
C THR F 98 -44.55 -13.95 -17.85
N SER F 99 -43.40 -14.26 -18.42
CA SER F 99 -42.70 -15.47 -17.99
C SER F 99 -42.27 -15.39 -16.52
N PRO F 100 -41.68 -14.25 -16.10
CA PRO F 100 -41.26 -14.13 -14.70
C PRO F 100 -42.45 -14.20 -13.76
N PRO F 101 -42.23 -14.67 -12.52
CA PRO F 101 -43.26 -14.81 -11.48
C PRO F 101 -44.07 -13.55 -11.17
N THR F 102 -43.45 -12.39 -11.38
CA THR F 102 -44.12 -11.11 -11.09
C THR F 102 -45.20 -10.74 -12.10
N GLN F 103 -44.99 -11.14 -13.35
CA GLN F 103 -45.87 -10.82 -14.47
C GLN F 103 -45.73 -9.34 -14.85
N PHE F 104 -44.56 -8.79 -14.54
CA PHE F 104 -44.23 -7.41 -14.91
C PHE F 104 -42.73 -7.39 -15.15
N GLY F 105 -42.20 -8.57 -15.47
CA GLY F 105 -40.79 -8.75 -15.73
C GLY F 105 -40.04 -8.91 -14.43
N THR F 106 -38.86 -9.51 -14.46
CA THR F 106 -38.08 -9.67 -13.24
C THR F 106 -37.73 -8.24 -12.82
N PRO F 107 -37.66 -7.99 -11.51
CA PRO F 107 -37.35 -6.66 -11.00
C PRO F 107 -35.99 -6.14 -11.48
N SER F 108 -35.02 -7.04 -11.63
CA SER F 108 -33.68 -6.62 -12.03
C SER F 108 -33.31 -6.69 -13.51
N ASP F 109 -33.99 -7.52 -14.30
CA ASP F 109 -33.64 -7.60 -15.72
C ASP F 109 -34.53 -6.71 -16.59
N TYR F 110 -35.65 -6.26 -16.02
CA TYR F 110 -36.59 -5.41 -16.73
C TYR F 110 -37.16 -6.06 -18.00
N CYS F 111 -37.80 -5.26 -18.85
CA CYS F 111 -38.40 -5.79 -20.07
C CYS F 111 -38.02 -5.08 -21.36
N ASN F 112 -36.72 -4.87 -21.58
CA ASN F 112 -36.29 -4.22 -22.81
C ASN F 112 -35.08 -4.90 -23.40
N LEU F 113 -35.29 -6.12 -23.90
CA LEU F 113 -34.23 -6.89 -24.51
C LEU F 113 -33.98 -6.37 -25.93
N ARG F 114 -32.71 -6.18 -26.28
CA ARG F 114 -32.36 -5.76 -27.61
C ARG F 114 -31.42 -6.82 -28.17
N VAL F 115 -31.56 -7.14 -29.44
CA VAL F 115 -30.69 -8.14 -30.06
C VAL F 115 -29.71 -7.43 -30.97
N LEU F 116 -28.42 -7.62 -30.71
CA LEU F 116 -27.38 -6.99 -31.50
C LEU F 116 -26.94 -7.96 -32.59
N ALA F 117 -27.18 -7.58 -33.85
CA ALA F 117 -26.84 -8.45 -34.98
C ALA F 117 -25.49 -8.19 -35.62
N ASP F 118 -24.60 -9.16 -35.51
CA ASP F 118 -23.28 -9.06 -36.12
C ASP F 118 -23.46 -9.12 -37.62
N SER F 119 -22.43 -8.75 -38.37
CA SER F 119 -22.45 -8.77 -39.82
C SER F 119 -21.00 -8.92 -40.26
N PRO F 120 -20.75 -9.02 -41.58
CA PRO F 120 -19.37 -9.15 -42.04
C PRO F 120 -18.49 -7.95 -41.68
N THR F 121 -19.13 -6.85 -41.26
CA THR F 121 -18.37 -5.65 -40.90
C THR F 121 -18.68 -5.13 -39.49
N LEU F 122 -19.37 -5.94 -38.69
CA LEU F 122 -19.73 -5.54 -37.35
C LEU F 122 -19.80 -6.74 -36.41
N LYS F 123 -19.13 -6.65 -35.26
CA LYS F 123 -19.15 -7.73 -34.29
C LYS F 123 -19.30 -7.12 -32.89
N HIS F 124 -20.32 -7.58 -32.16
CA HIS F 124 -20.61 -7.07 -30.83
C HIS F 124 -20.13 -7.95 -29.67
N VAL F 125 -19.93 -7.30 -28.53
CA VAL F 125 -19.54 -7.97 -27.29
C VAL F 125 -20.18 -7.13 -26.18
N VAL F 126 -20.79 -7.79 -25.20
CA VAL F 126 -21.48 -7.10 -24.14
C VAL F 126 -20.86 -7.15 -22.74
N VAL F 127 -21.06 -6.07 -22.00
CA VAL F 127 -20.58 -5.94 -20.63
C VAL F 127 -21.46 -4.93 -19.90
N CYS F 128 -21.36 -4.92 -18.58
CA CYS F 128 -22.08 -3.98 -17.74
C CYS F 128 -21.01 -3.45 -16.80
N THR F 129 -20.39 -2.33 -17.17
CA THR F 129 -19.31 -1.78 -16.34
C THR F 129 -19.74 -1.41 -14.93
N LEU F 130 -21.00 -1.01 -14.76
CA LEU F 130 -21.51 -0.60 -13.44
C LEU F 130 -21.86 -1.75 -12.50
N CYS F 131 -22.04 -2.95 -13.05
CA CYS F 131 -22.36 -4.13 -12.25
C CYS F 131 -22.36 -5.38 -13.11
N SER F 132 -23.47 -6.12 -13.14
CA SER F 132 -23.49 -7.32 -13.95
C SER F 132 -24.84 -7.57 -14.62
N CYS F 133 -25.45 -6.48 -15.09
CA CYS F 133 -26.73 -6.57 -15.78
C CYS F 133 -26.57 -7.62 -16.87
N TYR F 134 -27.52 -8.55 -16.91
CA TYR F 134 -27.47 -9.68 -17.84
C TYR F 134 -28.91 -10.03 -18.24
N PRO F 135 -29.13 -10.50 -19.48
CA PRO F 135 -30.49 -10.86 -19.94
C PRO F 135 -30.93 -12.21 -19.37
N ARG F 136 -31.02 -12.28 -18.05
CA ARG F 136 -31.38 -13.51 -17.36
C ARG F 136 -32.58 -14.31 -17.86
N PRO F 137 -33.73 -13.65 -18.09
CA PRO F 137 -34.91 -14.37 -18.57
C PRO F 137 -34.69 -15.27 -19.78
N ILE F 138 -33.84 -14.85 -20.70
CA ILE F 138 -33.60 -15.62 -21.91
C ILE F 138 -32.22 -16.26 -21.99
N LEU F 139 -31.34 -15.94 -21.04
CA LEU F 139 -29.98 -16.47 -21.07
C LEU F 139 -29.50 -17.22 -19.83
N GLY F 140 -30.15 -17.00 -18.68
CA GLY F 140 -29.73 -17.68 -17.47
C GLY F 140 -28.88 -16.78 -16.59
N GLN F 141 -28.21 -17.35 -15.58
CA GLN F 141 -27.36 -16.55 -14.69
C GLN F 141 -26.04 -16.16 -15.35
N SER F 142 -25.48 -15.03 -14.92
CA SER F 142 -24.24 -14.52 -15.48
C SER F 142 -23.01 -15.28 -14.98
N PRO F 143 -21.98 -15.38 -15.83
CA PRO F 143 -20.72 -16.07 -15.50
C PRO F 143 -19.99 -15.28 -14.41
N GLU F 144 -19.19 -15.97 -13.61
CA GLU F 144 -18.45 -15.31 -12.55
C GLU F 144 -17.53 -14.22 -13.10
N TRP F 145 -16.84 -14.53 -14.20
CA TRP F 145 -15.92 -13.57 -14.81
C TRP F 145 -16.62 -12.32 -15.37
N TYR F 146 -17.86 -12.50 -15.83
CA TYR F 146 -18.64 -11.40 -16.39
C TYR F 146 -18.93 -10.34 -15.32
N ARG F 147 -18.98 -10.77 -14.07
CA ARG F 147 -19.27 -9.88 -12.95
C ARG F 147 -18.02 -9.28 -12.31
N SER F 148 -16.85 -9.75 -12.73
CA SER F 148 -15.58 -9.29 -12.17
C SER F 148 -15.23 -7.83 -12.48
N PRO F 149 -14.62 -7.14 -11.50
CA PRO F 149 -14.22 -5.75 -11.69
C PRO F 149 -13.28 -5.68 -12.90
N ASN F 150 -12.47 -6.72 -13.06
CA ASN F 150 -11.50 -6.78 -14.15
C ASN F 150 -12.14 -6.71 -15.53
N TYR F 151 -13.12 -7.56 -15.77
CA TYR F 151 -13.82 -7.58 -17.05
C TYR F 151 -14.55 -6.26 -17.25
N ARG F 152 -15.12 -5.74 -16.17
CA ARG F 152 -15.85 -4.47 -16.23
C ARG F 152 -14.98 -3.25 -16.48
N ARG F 153 -13.70 -3.33 -16.10
CA ARG F 153 -12.79 -2.22 -16.31
C ARG F 153 -12.20 -2.23 -17.71
N ARG F 154 -11.75 -3.40 -18.15
CA ARG F 154 -11.07 -3.56 -19.43
C ARG F 154 -11.80 -3.66 -20.75
N LEU F 155 -12.86 -4.46 -20.82
CA LEU F 155 -13.56 -4.67 -22.09
C LEU F 155 -13.92 -3.42 -22.88
N VAL F 156 -14.44 -2.39 -22.21
CA VAL F 156 -14.83 -1.17 -22.91
C VAL F 156 -13.68 -0.38 -23.51
N ARG F 157 -12.48 -0.55 -22.96
CA ARG F 157 -11.32 0.19 -23.44
C ARG F 157 -10.35 -0.61 -24.31
N TRP F 158 -10.16 -1.88 -23.99
CA TRP F 158 -9.25 -2.74 -24.74
C TRP F 158 -10.00 -4.01 -25.20
N PRO F 159 -11.12 -3.84 -25.92
CA PRO F 159 -11.90 -5.00 -26.39
C PRO F 159 -11.11 -5.99 -27.26
N ARG F 160 -10.34 -5.47 -28.21
CA ARG F 160 -9.53 -6.33 -29.09
C ARG F 160 -8.61 -7.23 -28.27
N GLN F 161 -7.97 -6.63 -27.26
CA GLN F 161 -7.05 -7.37 -26.42
C GLN F 161 -7.77 -8.41 -25.56
N VAL F 162 -8.85 -8.00 -24.91
CA VAL F 162 -9.61 -8.91 -24.06
C VAL F 162 -10.16 -10.07 -24.88
N LEU F 163 -10.73 -9.78 -26.05
CA LEU F 163 -11.27 -10.83 -26.91
C LEU F 163 -10.16 -11.78 -27.35
N ALA F 164 -8.97 -11.25 -27.61
CA ALA F 164 -7.84 -12.08 -28.02
C ALA F 164 -7.55 -13.07 -26.90
N GLU F 165 -7.64 -12.60 -25.66
CA GLU F 165 -7.41 -13.45 -24.50
C GLU F 165 -8.43 -14.59 -24.50
N PHE F 166 -9.66 -14.26 -24.89
CA PHE F 166 -10.73 -15.26 -24.96
C PHE F 166 -10.56 -16.16 -26.20
N GLY F 167 -9.57 -15.84 -27.03
CA GLY F 167 -9.31 -16.64 -28.22
C GLY F 167 -10.07 -16.17 -29.45
N LEU F 168 -10.60 -14.94 -29.40
CA LEU F 168 -11.33 -14.40 -30.54
C LEU F 168 -10.65 -13.18 -31.14
N GLN F 169 -10.51 -13.18 -32.45
CA GLN F 169 -9.89 -12.07 -33.16
C GLN F 169 -10.64 -11.80 -34.46
N LEU F 170 -10.81 -10.52 -34.79
CA LEU F 170 -11.51 -10.12 -36.01
C LEU F 170 -10.65 -9.17 -36.83
N PRO F 171 -10.96 -9.04 -38.14
CA PRO F 171 -10.19 -8.15 -39.02
C PRO F 171 -10.17 -6.74 -38.43
N SER F 172 -9.06 -6.05 -38.61
CA SER F 172 -8.93 -4.70 -38.07
C SER F 172 -9.97 -3.73 -38.64
N GLU F 173 -10.40 -3.98 -39.88
CA GLU F 173 -11.39 -3.11 -40.52
C GLU F 173 -12.81 -3.37 -40.03
N VAL F 174 -13.03 -4.54 -39.43
CA VAL F 174 -14.36 -4.85 -38.92
C VAL F 174 -14.63 -4.00 -37.69
N GLN F 175 -15.86 -3.50 -37.58
CA GLN F 175 -16.23 -2.67 -36.45
C GLN F 175 -16.56 -3.52 -35.22
N ILE F 176 -15.70 -3.48 -34.21
CA ILE F 176 -16.00 -4.20 -32.99
C ILE F 176 -16.77 -3.18 -32.17
N ARG F 177 -17.97 -3.54 -31.74
CA ARG F 177 -18.78 -2.63 -30.94
C ARG F 177 -19.04 -3.22 -29.56
N VAL F 178 -18.63 -2.48 -28.54
CA VAL F 178 -18.85 -2.91 -27.18
C VAL F 178 -20.16 -2.27 -26.73
N ALA F 179 -21.05 -3.08 -26.17
CA ALA F 179 -22.32 -2.58 -25.68
C ALA F 179 -22.24 -2.62 -24.17
N ASP F 180 -22.39 -1.45 -23.54
CA ASP F 180 -22.35 -1.36 -22.09
C ASP F 180 -23.78 -1.25 -21.57
N SER F 181 -24.28 -2.34 -20.99
CA SER F 181 -25.65 -2.39 -20.46
C SER F 181 -25.71 -1.64 -19.13
N ASN F 182 -25.88 -0.32 -19.18
CA ASN F 182 -25.90 0.48 -17.97
C ASN F 182 -27.27 0.96 -17.47
N GLN F 183 -28.31 0.76 -18.27
CA GLN F 183 -29.64 1.18 -17.84
C GLN F 183 -30.59 -0.01 -17.84
N LYS F 184 -31.79 0.14 -18.40
CA LYS F 184 -32.76 -0.95 -18.40
C LYS F 184 -32.73 -1.93 -19.58
N THR F 185 -31.87 -1.67 -20.57
CA THR F 185 -31.78 -2.56 -21.72
C THR F 185 -30.79 -3.69 -21.47
N ARG F 186 -31.15 -4.91 -21.88
CA ARG F 186 -30.28 -6.07 -21.75
C ARG F 186 -30.02 -6.54 -23.18
N TYR F 187 -28.86 -7.11 -23.44
CA TYR F 187 -28.54 -7.55 -24.79
C TYR F 187 -28.15 -9.01 -24.91
N ILE F 188 -28.29 -9.52 -26.13
CA ILE F 188 -27.84 -10.86 -26.48
C ILE F 188 -27.28 -10.60 -27.87
N VAL F 189 -26.19 -11.26 -28.22
CA VAL F 189 -25.57 -11.05 -29.52
C VAL F 189 -25.98 -12.12 -30.51
N MET F 190 -26.35 -11.69 -31.72
CA MET F 190 -26.71 -12.61 -32.79
C MET F 190 -25.49 -12.64 -33.70
N PRO F 191 -24.61 -13.63 -33.52
CA PRO F 191 -23.42 -13.71 -34.37
C PRO F 191 -23.78 -14.10 -35.80
N VAL F 192 -22.86 -13.89 -36.73
CA VAL F 192 -23.13 -14.26 -38.10
C VAL F 192 -23.07 -15.78 -38.18
N ARG F 193 -23.90 -16.35 -39.04
CA ARG F 193 -23.92 -17.81 -39.20
C ARG F 193 -22.59 -18.25 -39.78
N PRO F 194 -21.92 -19.22 -39.13
CA PRO F 194 -20.64 -19.72 -39.61
C PRO F 194 -20.74 -20.67 -40.80
N GLU F 195 -19.66 -20.77 -41.57
CA GLU F 195 -19.65 -21.64 -42.73
C GLU F 195 -19.61 -23.09 -42.28
N GLY F 196 -19.92 -24.01 -43.20
CA GLY F 196 -19.92 -25.42 -42.87
C GLY F 196 -21.17 -25.83 -42.13
N THR F 197 -22.25 -25.08 -42.32
CA THR F 197 -23.51 -25.36 -41.65
C THR F 197 -24.67 -25.47 -42.63
N ASP F 198 -24.36 -25.57 -43.92
CA ASP F 198 -25.39 -25.67 -44.95
C ASP F 198 -26.32 -26.86 -44.72
N GLY F 199 -27.62 -26.62 -44.86
CA GLY F 199 -28.59 -27.68 -44.69
C GLY F 199 -28.92 -28.00 -43.24
N TRP F 200 -28.17 -27.42 -42.30
CA TRP F 200 -28.40 -27.66 -40.89
C TRP F 200 -29.81 -27.25 -40.48
N THR F 201 -30.39 -28.00 -39.55
CA THR F 201 -31.73 -27.68 -39.06
C THR F 201 -31.61 -26.59 -38.00
N GLU F 202 -32.74 -26.05 -37.58
CA GLU F 202 -32.75 -25.01 -36.57
C GLU F 202 -32.10 -25.45 -35.27
N ASP F 203 -32.45 -26.65 -34.80
CA ASP F 203 -31.89 -27.17 -33.56
C ASP F 203 -30.38 -27.43 -33.68
N GLN F 204 -29.94 -27.74 -34.89
CA GLN F 204 -28.52 -27.99 -35.13
C GLN F 204 -27.74 -26.69 -34.98
N LEU F 205 -28.27 -25.64 -35.61
CA LEU F 205 -27.66 -24.32 -35.55
C LEU F 205 -27.65 -23.77 -34.13
N ALA F 206 -28.77 -23.89 -33.44
CA ALA F 206 -28.88 -23.40 -32.08
C ALA F 206 -27.90 -24.12 -31.16
N GLU F 207 -27.54 -25.34 -31.54
CA GLU F 207 -26.62 -26.14 -30.73
C GLU F 207 -25.22 -25.54 -30.62
N ILE F 208 -24.76 -24.81 -31.64
CA ILE F 208 -23.43 -24.22 -31.59
C ILE F 208 -23.43 -22.78 -31.08
N VAL F 209 -24.61 -22.24 -30.81
CA VAL F 209 -24.73 -20.88 -30.30
C VAL F 209 -24.71 -20.97 -28.77
N THR F 210 -23.50 -20.99 -28.22
CA THR F 210 -23.30 -21.11 -26.77
C THR F 210 -23.54 -19.80 -26.03
N ARG F 211 -23.54 -19.89 -24.70
CA ARG F 211 -23.71 -18.73 -23.86
C ARG F 211 -22.65 -17.67 -24.20
N ASP F 212 -21.40 -18.10 -24.36
CA ASP F 212 -20.30 -17.20 -24.68
C ASP F 212 -20.52 -16.48 -26.02
N CYS F 213 -21.17 -17.15 -26.97
CA CYS F 213 -21.44 -16.52 -28.26
C CYS F 213 -22.48 -15.42 -28.08
N LEU F 214 -23.42 -15.67 -27.18
CA LEU F 214 -24.50 -14.72 -26.90
C LEU F 214 -24.01 -13.50 -26.11
N ILE F 215 -22.83 -13.63 -25.49
CA ILE F 215 -22.23 -12.53 -24.73
C ILE F 215 -21.36 -11.77 -25.72
N GLY F 216 -20.74 -12.52 -26.63
CA GLY F 216 -19.88 -11.93 -27.63
C GLY F 216 -18.40 -12.21 -27.48
N VAL F 217 -18.01 -13.01 -26.49
CA VAL F 217 -16.60 -13.31 -26.29
C VAL F 217 -16.14 -14.50 -27.14
N ALA F 218 -17.09 -15.09 -27.86
CA ALA F 218 -16.82 -16.23 -28.73
C ALA F 218 -17.77 -16.19 -29.92
N VAL F 219 -17.41 -16.89 -30.99
CA VAL F 219 -18.27 -16.97 -32.17
C VAL F 219 -18.63 -18.44 -32.37
N PRO F 220 -19.83 -18.70 -32.92
CA PRO F 220 -20.26 -20.09 -33.14
C PRO F 220 -19.39 -20.83 -34.14
N LYS F 221 -19.11 -22.10 -33.84
CA LYS F 221 -18.29 -22.92 -34.71
C LYS F 221 -18.83 -24.34 -34.79
N PRO F 222 -18.93 -24.90 -36.01
CA PRO F 222 -19.45 -26.26 -36.15
C PRO F 222 -18.62 -27.22 -35.31
N GLY F 223 -19.30 -28.12 -34.59
CA GLY F 223 -18.58 -29.08 -33.76
C GLY F 223 -18.38 -28.62 -32.32
N ILE F 224 -18.54 -27.32 -32.08
CA ILE F 224 -18.38 -26.79 -30.72
C ILE F 224 -19.75 -26.47 -30.15
N THR F 225 -20.13 -27.20 -29.11
CA THR F 225 -21.45 -27.02 -28.50
C THR F 225 -21.42 -26.67 -27.02
N VAL F 226 -20.25 -26.29 -26.51
CA VAL F 226 -20.11 -25.91 -25.11
C VAL F 226 -19.11 -24.75 -25.02
N ASN F 227 -19.23 -23.93 -23.98
CA ASN F 227 -18.32 -22.81 -23.81
C ASN F 227 -16.90 -23.35 -23.68
N ALA F 228 -15.92 -22.54 -24.06
CA ALA F 228 -14.53 -22.93 -23.96
C ALA F 228 -14.29 -23.32 -22.51
N LYS F 229 -13.50 -24.36 -22.29
CA LYS F 229 -13.21 -24.82 -20.95
C LYS F 229 -12.26 -23.84 -20.26
N ARG F 230 -12.62 -23.44 -19.05
CA ARG F 230 -11.78 -22.54 -18.28
C ARG F 230 -11.83 -22.99 -16.82
N PRO F 231 -10.89 -22.52 -16.00
CA PRO F 231 -10.88 -22.91 -14.58
C PRO F 231 -12.23 -22.69 -13.89
N VAL F 232 -12.56 -23.61 -12.98
CA VAL F 232 -13.81 -23.51 -12.25
C VAL F 232 -13.52 -23.48 -10.75
N LEU F 233 -13.78 -22.33 -10.12
CA LEU F 233 -13.57 -22.18 -8.69
C LEU F 233 -14.73 -22.88 -8.00
N LYS F 234 -14.43 -23.77 -7.07
CA LYS F 234 -15.47 -24.50 -6.37
C LYS F 234 -16.06 -23.75 -5.18
N ALA F 235 -17.34 -23.99 -4.92
CA ALA F 235 -18.03 -23.34 -3.81
C ALA F 235 -17.79 -24.16 -2.54
N ASN F 236 -17.94 -23.52 -1.39
CA ASN F 236 -17.76 -24.20 -0.11
C ASN F 236 -18.91 -25.17 0.10
N ARG F 237 -20.13 -24.72 -0.19
CA ARG F 237 -21.33 -25.53 -0.03
C ARG F 237 -22.22 -25.27 -1.25
N PRO F 238 -21.93 -25.94 -2.38
CA PRO F 238 -22.67 -25.81 -3.64
C PRO F 238 -23.98 -26.58 -3.73
N VAL F 239 -24.25 -27.10 -4.93
CA VAL F 239 -25.44 -27.88 -5.27
C VAL F 239 -26.75 -27.21 -4.82
N LYS G 7 -44.10 9.24 -1.01
CA LYS G 7 -45.19 8.96 -0.05
C LYS G 7 -44.74 9.05 1.41
N PRO G 8 -43.57 8.45 1.74
CA PRO G 8 -43.07 8.51 3.10
C PRO G 8 -43.09 9.91 3.70
N VAL G 9 -43.72 10.06 4.86
CA VAL G 9 -43.80 11.34 5.53
C VAL G 9 -43.08 11.23 6.87
N TRP G 10 -42.14 12.15 7.10
CA TRP G 10 -41.39 12.15 8.35
C TRP G 10 -41.91 13.20 9.30
N ASP G 11 -42.09 12.81 10.56
CA ASP G 11 -42.57 13.71 11.59
C ASP G 11 -41.41 14.53 12.11
N ARG G 12 -41.34 15.79 11.72
CA ARG G 12 -40.25 16.66 12.14
C ARG G 12 -40.52 17.43 13.43
N THR G 13 -41.64 17.15 14.09
CA THR G 13 -41.94 17.86 15.33
C THR G 13 -41.93 16.99 16.57
N HIS G 14 -41.95 15.68 16.39
CA HIS G 14 -41.98 14.76 17.52
C HIS G 14 -40.93 14.99 18.61
N HIS G 15 -39.65 15.00 18.21
CA HIS G 15 -38.58 15.20 19.19
C HIS G 15 -38.71 16.51 19.96
N ALA G 16 -38.93 17.61 19.24
CA ALA G 16 -39.05 18.91 19.89
C ALA G 16 -40.21 18.98 20.87
N LYS G 17 -41.37 18.46 20.49
CA LYS G 17 -42.54 18.47 21.37
C LYS G 17 -42.28 17.68 22.65
N MET G 18 -41.53 16.60 22.51
CA MET G 18 -41.20 15.73 23.63
C MET G 18 -40.11 16.24 24.56
N ALA G 19 -39.08 16.85 24.00
CA ALA G 19 -37.96 17.32 24.81
C ALA G 19 -37.92 18.80 25.18
N THR G 20 -38.68 19.62 24.47
CA THR G 20 -38.67 21.06 24.78
C THR G 20 -38.94 21.32 26.25
N GLY G 21 -38.08 22.15 26.85
CA GLY G 21 -38.23 22.50 28.25
C GLY G 21 -37.84 21.39 29.22
N ILE G 22 -37.48 20.23 28.69
CA ILE G 22 -37.11 19.09 29.51
C ILE G 22 -35.68 18.64 29.25
N GLY G 23 -35.34 18.48 27.98
CA GLY G 23 -34.00 18.05 27.63
C GLY G 23 -33.90 16.59 27.23
N ASP G 24 -32.74 16.23 26.68
CA ASP G 24 -32.45 14.89 26.23
C ASP G 24 -31.16 14.57 27.00
N PRO G 25 -31.10 13.42 27.69
CA PRO G 25 -32.09 12.34 27.85
C PRO G 25 -33.16 12.48 28.94
N GLN G 26 -33.29 13.64 29.57
CA GLN G 26 -34.29 13.81 30.62
C GLN G 26 -35.69 13.40 30.13
N CYS G 27 -35.98 13.69 28.86
CA CYS G 27 -37.28 13.37 28.29
C CYS G 27 -37.63 11.88 28.24
N PHE G 28 -36.67 11.02 28.56
CA PHE G 28 -36.91 9.58 28.55
C PHE G 28 -36.97 9.00 29.97
N LYS G 29 -36.81 9.87 30.97
CA LYS G 29 -36.81 9.44 32.36
C LYS G 29 -38.02 8.57 32.72
N GLY G 30 -37.74 7.48 33.43
CA GLY G 30 -38.79 6.57 33.86
C GLY G 30 -39.34 5.62 32.82
N MET G 31 -38.94 5.78 31.57
CA MET G 31 -39.45 4.92 30.51
C MET G 31 -38.79 3.54 30.43
N ALA G 32 -37.68 3.35 31.15
CA ALA G 32 -36.98 2.07 31.13
C ALA G 32 -37.46 1.10 32.19
N GLY G 33 -38.24 1.59 33.16
CA GLY G 33 -38.72 0.72 34.21
C GLY G 33 -37.60 0.49 35.22
N LYS G 34 -37.68 -0.62 35.95
CA LYS G 34 -36.66 -0.93 36.95
C LYS G 34 -35.36 -1.38 36.28
N SER G 35 -34.23 -0.91 36.82
CA SER G 35 -32.92 -1.28 36.28
C SER G 35 -32.58 -2.72 36.66
N LYS G 36 -31.93 -3.41 35.75
CA LYS G 36 -31.53 -4.80 35.95
C LYS G 36 -30.29 -4.87 36.83
N PHE G 37 -29.52 -3.78 36.86
CA PHE G 37 -28.29 -3.74 37.64
C PHE G 37 -28.23 -2.49 38.52
N ASN G 38 -27.34 -2.50 39.51
CA ASN G 38 -27.17 -1.36 40.39
C ASN G 38 -25.71 -1.06 40.63
N VAL G 39 -25.43 0.11 41.20
CA VAL G 39 -24.07 0.53 41.49
C VAL G 39 -23.34 -0.51 42.33
N GLY G 40 -22.10 -0.82 41.94
CA GLY G 40 -21.32 -1.80 42.67
C GLY G 40 -21.28 -3.15 41.99
N ASP G 41 -22.28 -3.43 41.15
CA ASP G 41 -22.34 -4.69 40.44
C ASP G 41 -21.19 -4.88 39.46
N ARG G 42 -20.73 -6.12 39.36
CA ARG G 42 -19.66 -6.48 38.44
C ARG G 42 -20.36 -7.06 37.22
N VAL G 43 -20.07 -6.50 36.05
CA VAL G 43 -20.69 -6.96 34.82
C VAL G 43 -19.68 -7.22 33.72
N ARG G 44 -20.03 -8.15 32.83
CA ARG G 44 -19.18 -8.49 31.71
C ARG G 44 -19.92 -8.01 30.46
N ILE G 45 -19.17 -7.44 29.52
CA ILE G 45 -19.77 -6.92 28.30
C ILE G 45 -19.99 -7.99 27.25
N LYS G 46 -21.26 -8.23 26.94
CA LYS G 46 -21.64 -9.23 25.94
C LYS G 46 -21.20 -8.76 24.56
N ASP G 47 -20.64 -9.67 23.77
CA ASP G 47 -20.19 -9.33 22.43
C ASP G 47 -21.33 -9.52 21.43
N LEU G 48 -22.31 -8.62 21.52
CA LEU G 48 -23.47 -8.67 20.63
C LEU G 48 -23.08 -8.29 19.20
N PRO G 49 -23.82 -8.78 18.20
CA PRO G 49 -23.50 -8.45 16.82
C PRO G 49 -23.45 -6.93 16.67
N ASP G 50 -22.50 -6.43 15.89
CA ASP G 50 -22.36 -4.99 15.71
C ASP G 50 -22.57 -4.56 14.26
N LEU G 51 -23.21 -5.42 13.48
CA LEU G 51 -23.46 -5.12 12.08
C LEU G 51 -24.14 -3.74 11.93
N PHE G 52 -23.61 -2.92 11.03
CA PHE G 52 -24.13 -1.59 10.72
C PHE G 52 -23.92 -0.49 11.77
N TYR G 53 -24.13 -0.78 13.05
CA TYR G 53 -23.96 0.26 14.06
C TYR G 53 -23.91 -0.23 15.50
N THR G 54 -23.15 0.49 16.32
CA THR G 54 -23.02 0.21 17.75
C THR G 54 -22.21 1.33 18.38
N ARG G 55 -22.42 1.56 19.67
CA ARG G 55 -21.66 2.57 20.38
C ARG G 55 -20.98 1.94 21.59
N THR G 56 -20.89 0.61 21.54
CA THR G 56 -20.23 -0.17 22.59
C THR G 56 -18.94 -0.64 21.90
N MET G 57 -17.87 0.11 22.12
CA MET G 57 -16.57 -0.15 21.51
C MET G 57 -16.10 -1.60 21.54
N THR G 58 -15.50 -2.03 20.43
CA THR G 58 -14.97 -3.38 20.30
C THR G 58 -13.98 -3.68 21.42
N TYR G 59 -13.21 -2.68 21.84
CA TYR G 59 -12.21 -2.91 22.87
C TYR G 59 -12.76 -3.30 24.24
N THR G 60 -14.07 -3.15 24.45
CA THR G 60 -14.68 -3.52 25.74
C THR G 60 -15.33 -4.90 25.75
N ARG G 61 -15.56 -5.47 24.57
CA ARG G 61 -16.22 -6.78 24.46
C ARG G 61 -15.55 -7.89 25.25
N GLY G 62 -16.34 -8.61 26.05
CA GLY G 62 -15.83 -9.72 26.83
C GLY G 62 -15.10 -9.31 28.10
N ALA G 63 -14.98 -8.01 28.32
CA ALA G 63 -14.29 -7.52 29.51
C ALA G 63 -15.26 -7.32 30.67
N THR G 64 -14.75 -7.40 31.89
CA THR G 64 -15.57 -7.22 33.07
C THR G 64 -15.20 -5.93 33.79
N GLY G 65 -16.21 -5.17 34.19
CA GLY G 65 -15.97 -3.91 34.88
C GLY G 65 -16.91 -3.74 36.05
N THR G 66 -16.83 -2.58 36.70
CA THR G 66 -17.69 -2.30 37.84
C THR G 66 -18.60 -1.11 37.56
N ILE G 67 -19.91 -1.29 37.76
CA ILE G 67 -20.86 -0.21 37.54
C ILE G 67 -20.68 0.81 38.66
N VAL G 68 -20.43 2.07 38.29
CA VAL G 68 -20.24 3.11 39.30
C VAL G 68 -21.36 4.12 39.30
N ARG G 69 -22.24 4.06 38.30
CA ARG G 69 -23.34 5.01 38.25
C ARG G 69 -24.41 4.67 37.20
N LEU G 70 -25.67 4.88 37.58
CA LEU G 70 -26.78 4.69 36.65
C LEU G 70 -26.97 6.11 36.16
N VAL G 71 -26.46 6.40 34.97
CA VAL G 71 -26.47 7.75 34.41
C VAL G 71 -27.79 8.34 33.91
N TYR G 72 -28.59 7.55 33.21
CA TYR G 72 -29.87 8.03 32.68
C TYR G 72 -30.54 6.91 31.90
N GLU G 73 -31.75 7.21 31.41
CA GLU G 73 -32.51 6.26 30.61
C GLU G 73 -32.60 6.87 29.23
N SER G 74 -32.54 6.04 28.19
CA SER G 74 -32.60 6.54 26.83
C SER G 74 -32.69 5.40 25.86
N PRO G 75 -33.19 5.66 24.64
CA PRO G 75 -33.26 4.55 23.69
C PRO G 75 -31.80 4.20 23.39
N ALA G 76 -31.52 2.95 23.05
CA ALA G 76 -30.15 2.56 22.73
C ALA G 76 -29.79 3.28 21.44
N ALA G 77 -28.52 3.65 21.29
CA ALA G 77 -28.09 4.35 20.09
C ALA G 77 -28.34 3.46 18.88
N GLU G 78 -28.22 2.15 19.07
CA GLU G 78 -28.45 1.19 18.00
C GLU G 78 -29.87 1.36 17.41
N ASP G 79 -30.80 1.84 18.24
CA ASP G 79 -32.17 2.06 17.77
C ASP G 79 -32.43 3.52 17.41
N GLU G 80 -31.93 4.43 18.24
CA GLU G 80 -32.12 5.86 18.01
C GLU G 80 -31.53 6.30 16.66
N ALA G 81 -30.37 5.74 16.31
CA ALA G 81 -29.68 6.09 15.06
C ALA G 81 -30.43 5.64 13.81
N PHE G 82 -31.49 4.87 13.99
CA PHE G 82 -32.29 4.42 12.86
C PHE G 82 -33.76 4.85 13.01
N GLY G 83 -33.97 5.86 13.83
CA GLY G 83 -35.31 6.41 14.05
C GLY G 83 -36.27 5.56 14.87
N ASN G 84 -35.74 4.61 15.62
CA ASN G 84 -36.58 3.74 16.45
C ASN G 84 -36.39 4.12 17.91
N GLU G 85 -37.36 4.84 18.46
CA GLU G 85 -37.28 5.30 19.84
C GLU G 85 -38.36 4.70 20.75
N GLU G 86 -39.03 3.66 20.29
CA GLU G 86 -40.08 3.03 21.08
C GLU G 86 -39.58 2.37 22.36
N ASN G 87 -38.34 1.88 22.35
CA ASN G 87 -37.79 1.21 23.54
C ASN G 87 -36.73 2.03 24.23
N VAL G 88 -36.84 2.12 25.55
CA VAL G 88 -35.88 2.88 26.35
C VAL G 88 -35.26 1.95 27.40
N GLU G 89 -33.97 2.11 27.64
CA GLU G 89 -33.32 1.28 28.64
C GLU G 89 -32.31 2.05 29.47
N TRP G 90 -31.88 1.44 30.56
CA TRP G 90 -30.91 2.08 31.44
C TRP G 90 -29.50 2.07 30.86
N PHE G 91 -28.78 3.16 31.11
CA PHE G 91 -27.40 3.29 30.66
C PHE G 91 -26.55 3.30 31.93
N TYR G 92 -25.42 2.60 31.87
CA TYR G 92 -24.55 2.51 33.03
C TYR G 92 -23.14 2.98 32.75
N SER G 93 -22.56 3.67 33.72
CA SER G 93 -21.18 4.12 33.58
C SER G 93 -20.36 3.03 34.25
N ILE G 94 -19.47 2.40 33.49
CA ILE G 94 -18.67 1.30 33.99
C ILE G 94 -17.18 1.60 34.01
N VAL G 95 -16.50 1.14 35.07
CA VAL G 95 -15.07 1.35 35.21
C VAL G 95 -14.33 0.02 35.01
N PHE G 96 -13.37 0.03 34.09
CA PHE G 96 -12.55 -1.14 33.78
C PHE G 96 -11.13 -0.90 34.23
N ALA G 97 -10.45 -1.96 34.66
CA ALA G 97 -9.06 -1.84 35.06
C ALA G 97 -8.34 -1.95 33.73
N GLN G 98 -7.42 -1.03 33.46
CA GLN G 98 -6.69 -1.03 32.19
C GLN G 98 -6.08 -2.40 31.88
N LYS G 99 -5.58 -3.07 32.91
CA LYS G 99 -4.95 -4.38 32.73
C LYS G 99 -5.93 -5.41 32.16
N ASP G 100 -7.23 -5.20 32.37
CA ASP G 100 -8.23 -6.13 31.86
C ASP G 100 -8.59 -5.86 30.41
N LEU G 101 -8.15 -4.73 29.87
CA LEU G 101 -8.43 -4.40 28.49
C LEU G 101 -7.22 -4.64 27.60
N TRP G 102 -6.05 -4.18 28.06
CA TRP G 102 -4.82 -4.32 27.30
C TRP G 102 -3.84 -5.27 27.96
N PRO G 103 -3.57 -6.42 27.32
CA PRO G 103 -2.66 -7.45 27.83
C PRO G 103 -1.27 -6.92 28.20
N GLU G 104 -0.82 -5.90 27.50
CA GLU G 104 0.52 -5.35 27.75
C GLU G 104 0.61 -4.28 28.82
N TYR G 105 -0.52 -3.87 29.39
CA TYR G 105 -0.46 -2.83 30.41
C TYR G 105 0.50 -3.21 31.51
N SER G 106 1.36 -2.26 31.89
CA SER G 106 2.37 -2.50 32.92
C SER G 106 1.82 -2.52 34.35
N ASP G 107 2.33 -3.44 35.15
CA ASP G 107 1.91 -3.55 36.55
C ASP G 107 2.35 -2.33 37.34
N THR G 108 3.30 -1.58 36.79
CA THR G 108 3.78 -0.37 37.45
C THR G 108 2.65 0.64 37.60
N PHE G 109 1.72 0.61 36.65
CA PHE G 109 0.56 1.51 36.66
C PHE G 109 -0.67 0.65 36.93
N ALA G 110 -0.61 -0.08 38.04
CA ALA G 110 -1.67 -1.00 38.44
C ALA G 110 -3.02 -0.38 38.79
N ASN G 111 -3.07 0.92 39.03
CA ASN G 111 -4.35 1.52 39.39
C ASN G 111 -5.08 2.24 38.26
N ASP G 112 -4.49 2.28 37.07
CA ASP G 112 -5.11 2.96 35.95
C ASP G 112 -6.42 2.31 35.53
N THR G 113 -7.39 3.15 35.15
CA THR G 113 -8.70 2.66 34.74
C THR G 113 -9.26 3.37 33.52
N LEU G 114 -10.39 2.89 33.05
CA LEU G 114 -11.09 3.46 31.92
C LEU G 114 -12.58 3.41 32.23
N GLU G 115 -13.24 4.56 32.17
CA GLU G 115 -14.67 4.62 32.44
C GLU G 115 -15.42 4.99 31.17
N THR G 116 -16.53 4.31 30.91
CA THR G 116 -17.32 4.60 29.72
C THR G 116 -18.76 4.14 29.96
N GLU G 117 -19.68 4.55 29.08
CA GLU G 117 -21.08 4.19 29.27
C GLU G 117 -21.60 3.11 28.33
N ILE G 118 -22.42 2.23 28.88
CA ILE G 118 -22.97 1.13 28.12
C ILE G 118 -24.41 0.85 28.49
N PRO G 119 -25.28 0.68 27.48
CA PRO G 119 -26.70 0.41 27.75
C PRO G 119 -26.88 -1.01 28.29
N GLU G 120 -27.91 -1.19 29.11
CA GLU G 120 -28.20 -2.46 29.76
C GLU G 120 -28.13 -3.72 28.89
N ARG G 121 -28.55 -3.63 27.64
CA ARG G 121 -28.55 -4.79 26.74
C ARG G 121 -27.20 -5.51 26.61
N TYR G 122 -26.11 -4.77 26.79
CA TYR G 122 -24.76 -5.35 26.65
C TYR G 122 -24.21 -5.96 27.94
N LEU G 123 -24.94 -5.82 29.05
CA LEU G 123 -24.47 -6.31 30.32
C LEU G 123 -25.02 -7.64 30.82
N GLU G 124 -24.19 -8.35 31.57
CA GLU G 124 -24.55 -9.62 32.20
C GLU G 124 -23.72 -9.73 33.46
N LYS G 125 -24.32 -10.28 34.52
CA LYS G 125 -23.61 -10.43 35.78
C LYS G 125 -22.29 -11.14 35.57
N ALA G 126 -21.22 -10.60 36.17
CA ALA G 126 -19.90 -11.18 36.04
C ALA G 126 -19.81 -12.47 36.85
N SER H 2 21.42 23.59 11.21
CA SER H 2 20.62 24.82 10.91
C SER H 2 19.15 24.50 10.70
N SER H 3 18.32 25.53 10.66
CA SER H 3 16.89 25.38 10.47
C SER H 3 16.62 24.69 9.13
N SER H 4 17.31 25.13 8.08
CA SER H 4 17.13 24.54 6.76
C SER H 4 17.50 23.06 6.78
N ILE H 5 18.61 22.74 7.44
CA ILE H 5 19.06 21.36 7.53
C ILE H 5 18.08 20.52 8.35
N ARG H 6 17.66 21.06 9.50
CA ARG H 6 16.72 20.34 10.35
C ARG H 6 15.39 20.11 9.65
N GLU H 7 14.94 21.08 8.86
CA GLU H 7 13.69 20.93 8.14
C GLU H 7 13.78 19.80 7.13
N GLU H 8 14.94 19.70 6.47
CA GLU H 8 15.15 18.63 5.50
C GLU H 8 15.23 17.28 6.23
N VAL H 9 15.82 17.28 7.41
CA VAL H 9 15.93 16.06 8.21
C VAL H 9 14.53 15.55 8.55
N HIS H 10 13.70 16.42 9.11
CA HIS H 10 12.35 16.03 9.49
C HIS H 10 11.49 15.67 8.29
N ARG H 11 11.75 16.32 7.15
CA ARG H 11 11.01 16.01 5.94
C ARG H 11 11.42 14.60 5.51
N HIS H 12 12.70 14.28 5.71
CA HIS H 12 13.23 12.97 5.37
C HIS H 12 12.61 11.88 6.24
N LEU H 13 12.58 12.12 7.55
CA LEU H 13 12.02 11.15 8.49
C LEU H 13 10.56 10.82 8.16
N GLY H 14 9.84 11.79 7.61
CA GLY H 14 8.46 11.56 7.25
C GLY H 14 8.32 10.89 5.89
N THR H 15 9.15 11.30 4.96
CA THR H 15 9.14 10.76 3.60
C THR H 15 9.43 9.26 3.52
N VAL H 16 10.43 8.79 4.26
CA VAL H 16 10.78 7.38 4.21
C VAL H 16 9.64 6.45 4.62
N ALA H 17 8.65 6.98 5.34
CA ALA H 17 7.51 6.17 5.75
C ALA H 17 6.77 5.67 4.51
N LEU H 18 6.78 6.49 3.46
CA LEU H 18 6.12 6.14 2.21
C LEU H 18 6.70 4.87 1.62
N MET H 19 8.00 4.65 1.86
CA MET H 19 8.72 3.50 1.32
C MET H 19 8.78 2.26 2.21
N GLN H 20 8.10 2.33 3.36
CA GLN H 20 8.06 1.20 4.29
C GLN H 20 7.62 -0.05 3.54
N PRO H 21 8.47 -1.08 3.48
CA PRO H 21 8.12 -2.30 2.76
C PRO H 21 6.88 -2.97 3.33
N ALA H 22 6.12 -3.62 2.47
CA ALA H 22 4.91 -4.30 2.89
C ALA H 22 4.48 -5.34 1.88
N LEU H 23 3.63 -6.25 2.31
CA LEU H 23 3.08 -7.26 1.43
C LEU H 23 1.72 -6.64 1.14
N HIS H 24 1.62 -6.02 -0.04
CA HIS H 24 0.42 -5.32 -0.48
C HIS H 24 -0.46 -6.20 -1.36
N GLN H 25 -1.55 -6.70 -0.79
CA GLN H 25 -2.46 -7.57 -1.52
C GLN H 25 -3.72 -6.84 -1.96
N GLN H 26 -3.78 -6.49 -3.24
CA GLN H 26 -4.97 -5.81 -3.74
C GLN H 26 -6.15 -6.77 -3.71
N THR H 27 -7.33 -6.25 -3.38
CA THR H 27 -8.54 -7.06 -3.33
C THR H 27 -9.49 -6.67 -4.44
N HIS H 28 -9.81 -7.62 -5.30
CA HIS H 28 -10.70 -7.38 -6.43
C HIS H 28 -11.94 -8.28 -6.39
N ALA H 29 -12.85 -8.00 -5.47
CA ALA H 29 -14.07 -8.80 -5.33
C ALA H 29 -13.76 -10.28 -5.20
N PRO H 30 -13.01 -10.67 -4.16
CA PRO H 30 -12.68 -12.08 -3.97
C PRO H 30 -13.90 -12.96 -3.69
N ALA H 31 -13.78 -14.25 -3.98
CA ALA H 31 -14.86 -15.20 -3.74
C ALA H 31 -15.11 -15.36 -2.24
N PRO H 32 -16.31 -15.80 -1.85
CA PRO H 32 -16.66 -16.00 -0.44
C PRO H 32 -15.69 -16.93 0.27
N THR H 33 -15.12 -17.88 -0.48
CA THR H 33 -14.17 -18.82 0.09
C THR H 33 -12.86 -18.16 0.51
N GLU H 34 -12.69 -16.90 0.12
CA GLU H 34 -11.48 -16.16 0.47
C GLU H 34 -11.70 -15.27 1.68
N ILE H 35 -12.91 -15.29 2.22
CA ILE H 35 -13.24 -14.48 3.37
C ILE H 35 -13.31 -15.31 4.65
N THR H 36 -12.38 -15.07 5.58
CA THR H 36 -12.36 -15.78 6.84
C THR H 36 -13.27 -15.02 7.78
N HIS H 37 -13.57 -15.59 8.95
CA HIS H 37 -14.40 -14.90 9.90
C HIS H 37 -13.72 -13.61 10.35
N THR H 38 -12.40 -13.68 10.52
CA THR H 38 -11.62 -12.53 10.94
C THR H 38 -11.77 -11.39 9.94
N LEU H 39 -11.69 -11.73 8.66
CA LEU H 39 -11.83 -10.74 7.59
C LEU H 39 -13.26 -10.22 7.52
N PHE H 40 -14.22 -11.11 7.71
CA PHE H 40 -15.63 -10.74 7.68
C PHE H 40 -15.91 -9.71 8.76
N ARG H 41 -15.44 -9.97 9.98
CA ARG H 41 -15.67 -9.05 11.09
C ARG H 41 -14.98 -7.72 10.83
N ALA H 42 -13.81 -7.78 10.20
CA ALA H 42 -13.07 -6.56 9.91
C ALA H 42 -13.73 -5.73 8.79
N TYR H 43 -14.26 -6.41 7.77
CA TYR H 43 -14.91 -5.68 6.67
C TYR H 43 -16.26 -5.10 7.05
N THR H 44 -17.00 -5.80 7.91
CA THR H 44 -18.33 -5.34 8.33
C THR H 44 -18.26 -4.49 9.60
N ARG H 45 -17.05 -4.10 9.97
CA ARG H 45 -16.81 -3.28 11.16
C ARG H 45 -17.55 -1.95 11.03
N VAL H 46 -17.76 -1.29 12.16
CA VAL H 46 -18.38 0.03 12.17
C VAL H 46 -17.13 0.93 12.18
N PRO H 47 -16.85 1.61 11.07
CA PRO H 47 -15.69 2.50 10.89
C PRO H 47 -15.25 3.41 12.04
N HIS H 48 -16.20 4.00 12.76
CA HIS H 48 -15.86 4.91 13.85
C HIS H 48 -15.24 4.30 15.10
N ASP H 49 -15.32 2.99 15.23
CA ASP H 49 -14.81 2.28 16.41
C ASP H 49 -13.31 1.99 16.27
N VAL H 50 -12.48 3.00 16.54
CA VAL H 50 -11.02 2.87 16.41
C VAL H 50 -10.24 2.76 17.73
N GLY H 51 -10.92 2.95 18.85
CA GLY H 51 -10.25 2.87 20.13
C GLY H 51 -9.41 1.62 20.34
N GLY H 52 -8.13 1.81 20.63
CA GLY H 52 -7.27 0.66 20.88
C GLY H 52 -6.37 0.26 19.73
N GLU H 53 -6.65 0.78 18.54
CA GLU H 53 -5.82 0.47 17.37
C GLU H 53 -4.46 1.12 17.56
N ALA H 54 -3.41 0.42 17.15
CA ALA H 54 -2.06 0.95 17.28
C ALA H 54 -1.86 2.11 16.30
N ASP H 55 -1.19 3.16 16.76
CA ASP H 55 -0.91 4.32 15.93
C ASP H 55 0.38 4.94 16.46
N VAL H 56 0.99 5.80 15.66
CA VAL H 56 2.25 6.45 16.03
C VAL H 56 2.05 7.77 16.75
N PRO H 57 3.14 8.33 17.32
CA PRO H 57 2.98 9.60 18.03
C PRO H 57 3.00 10.69 16.96
N ILE H 58 2.20 11.73 17.14
CA ILE H 58 2.21 12.83 16.18
C ILE H 58 2.22 14.14 16.96
N GLU H 59 2.88 15.15 16.41
CA GLU H 59 2.92 16.44 17.08
C GLU H 59 1.55 17.07 16.83
N TYR H 60 0.65 16.94 17.80
CA TYR H 60 -0.69 17.47 17.68
C TYR H 60 -0.74 18.96 17.39
N HIS H 61 -1.64 19.34 16.49
CA HIS H 61 -1.77 20.73 16.13
C HIS H 61 -3.21 21.22 16.26
N GLU H 62 -3.36 22.53 16.28
CA GLU H 62 -4.67 23.15 16.33
C GLU H 62 -4.92 23.47 14.86
N LYS H 63 -6.16 23.76 14.49
CA LYS H 63 -6.47 24.14 13.12
C LYS H 63 -7.54 25.22 13.12
N GLU H 64 -7.30 26.29 12.37
CA GLU H 64 -8.27 27.36 12.28
C GLU H 64 -9.55 26.80 11.69
N GLU H 65 -10.69 27.37 12.09
CA GLU H 65 -11.97 26.93 11.59
C GLU H 65 -12.26 27.62 10.25
N GLU H 66 -12.57 26.83 9.22
CA GLU H 66 -12.91 27.37 7.92
C GLU H 66 -14.32 27.94 8.03
N ILE H 67 -14.61 28.98 7.24
CA ILE H 67 -15.94 29.55 7.27
C ILE H 67 -16.96 28.48 6.87
N TRP H 68 -16.62 27.65 5.89
CA TRP H 68 -17.56 26.62 5.46
C TRP H 68 -17.78 25.54 6.51
N GLU H 69 -16.81 25.36 7.40
CA GLU H 69 -16.95 24.36 8.47
C GLU H 69 -17.94 24.89 9.51
N LEU H 70 -17.82 26.18 9.84
CA LEU H 70 -18.75 26.77 10.81
C LEU H 70 -20.17 26.70 10.27
N ASN H 71 -20.33 27.01 8.99
CA ASN H 71 -21.66 26.97 8.36
C ASN H 71 -22.20 25.54 8.31
N THR H 72 -21.30 24.58 8.08
CA THR H 72 -21.70 23.18 8.04
C THR H 72 -22.18 22.74 9.42
N PHE H 73 -21.42 23.10 10.45
CA PHE H 73 -21.78 22.74 11.82
C PHE H 73 -23.18 23.28 12.13
N ALA H 74 -23.41 24.57 11.83
CA ALA H 74 -24.70 25.19 12.08
C ALA H 74 -25.82 24.49 11.30
N THR H 75 -25.54 24.13 10.06
CA THR H 75 -26.54 23.46 9.23
C THR H 75 -26.93 22.11 9.84
N CYS H 76 -25.93 21.35 10.29
CA CYS H 76 -26.21 20.05 10.88
C CYS H 76 -27.02 20.15 12.17
N GLU H 77 -26.70 21.12 13.02
CA GLU H 77 -27.46 21.27 14.27
C GLU H 77 -28.85 21.83 13.99
N CYS H 78 -28.97 22.73 13.00
CA CYS H 78 -30.28 23.29 12.68
C CYS H 78 -31.20 22.22 12.10
N LEU H 79 -30.65 21.32 11.29
CA LEU H 79 -31.45 20.24 10.70
C LEU H 79 -31.97 19.33 11.83
N ALA H 80 -31.14 19.11 12.84
CA ALA H 80 -31.54 18.27 13.96
C ALA H 80 -32.55 19.04 14.81
N TRP H 81 -32.25 20.32 15.04
CA TRP H 81 -33.12 21.20 15.81
C TRP H 81 -34.54 21.14 15.24
N ARG H 82 -34.63 21.21 13.91
CA ARG H 82 -35.93 21.20 13.25
C ARG H 82 -36.48 19.83 12.87
N GLY H 83 -36.01 18.79 13.53
CA GLY H 83 -36.53 17.45 13.29
C GLY H 83 -36.18 16.67 12.03
N VAL H 84 -35.22 17.12 11.24
CA VAL H 84 -34.86 16.37 10.05
C VAL H 84 -34.18 15.06 10.47
N TRP H 85 -33.48 15.12 11.60
CA TRP H 85 -32.80 13.95 12.14
C TRP H 85 -32.37 14.22 13.58
N THR H 86 -31.92 13.18 14.27
CA THR H 86 -31.41 13.33 15.62
C THR H 86 -29.90 13.24 15.43
N ALA H 87 -29.15 13.64 16.44
CA ALA H 87 -27.69 13.60 16.34
C ALA H 87 -27.20 12.16 16.13
N GLU H 88 -27.88 11.19 16.74
CA GLU H 88 -27.47 9.81 16.58
C GLU H 88 -27.64 9.32 15.15
N GLU H 89 -28.70 9.76 14.48
CA GLU H 89 -28.90 9.37 13.08
C GLU H 89 -27.75 9.98 12.29
N ARG H 90 -27.36 11.20 12.65
CA ARG H 90 -26.26 11.85 11.95
C ARG H 90 -24.96 11.07 12.15
N ARG H 91 -24.63 10.74 13.39
CA ARG H 91 -23.39 10.01 13.66
C ARG H 91 -23.32 8.69 12.90
N ARG H 92 -24.43 7.95 12.90
CA ARG H 92 -24.47 6.68 12.20
C ARG H 92 -24.21 6.85 10.70
N LYS H 93 -24.84 7.86 10.10
CA LYS H 93 -24.68 8.10 8.67
C LYS H 93 -23.33 8.71 8.34
N GLN H 94 -22.91 9.67 9.15
CA GLN H 94 -21.67 10.42 8.97
C GLN H 94 -20.38 9.70 9.35
N ASN H 95 -20.37 9.01 10.47
CA ASN H 95 -19.17 8.34 10.95
C ASN H 95 -19.10 6.85 10.66
N CYS H 96 -20.17 6.29 10.12
CA CYS H 96 -20.19 4.86 9.84
C CYS H 96 -20.60 4.50 8.41
N ASP H 97 -21.78 4.95 8.01
CA ASP H 97 -22.28 4.67 6.68
C ASP H 97 -21.36 5.14 5.55
N VAL H 98 -20.52 6.14 5.83
CA VAL H 98 -19.61 6.63 4.78
C VAL H 98 -18.58 5.59 4.36
N GLY H 99 -18.37 4.58 5.18
CA GLY H 99 -17.42 3.53 4.81
C GLY H 99 -15.97 3.88 5.11
N GLN H 100 -15.17 2.84 5.30
CA GLN H 100 -13.75 2.93 5.63
C GLN H 100 -12.90 3.95 4.86
N THR H 101 -12.95 3.90 3.53
CA THR H 101 -12.14 4.79 2.71
C THR H 101 -12.43 6.28 2.94
N VAL H 102 -13.67 6.67 2.76
CA VAL H 102 -14.04 8.07 2.96
C VAL H 102 -13.86 8.47 4.41
N TYR H 103 -14.13 7.54 5.33
CA TYR H 103 -14.00 7.83 6.76
C TYR H 103 -12.62 8.36 7.16
N LEU H 104 -11.57 7.80 6.59
CA LEU H 104 -10.22 8.24 6.93
C LEU H 104 -9.52 9.03 5.81
N GLY H 105 -10.06 8.97 4.61
CA GLY H 105 -9.46 9.68 3.48
C GLY H 105 -9.90 11.13 3.33
N MET H 106 -11.11 11.43 3.80
CA MET H 106 -11.64 12.79 3.69
C MET H 106 -11.58 13.53 5.03
N PRO H 107 -11.74 14.87 5.00
CA PRO H 107 -11.69 15.67 6.21
C PRO H 107 -12.92 15.49 7.11
N TYR H 108 -12.70 15.69 8.41
CA TYR H 108 -13.73 15.62 9.43
C TYR H 108 -15.02 16.33 8.99
N TYR H 109 -14.92 17.64 8.77
CA TYR H 109 -16.10 18.39 8.35
C TYR H 109 -16.56 18.08 6.93
N GLY H 110 -15.68 17.47 6.14
CA GLY H 110 -16.08 17.10 4.79
C GLY H 110 -17.15 16.02 4.92
N ARG H 111 -16.98 15.12 5.89
CA ARG H 111 -17.95 14.05 6.12
C ARG H 111 -19.26 14.60 6.69
N TRP H 112 -19.17 15.63 7.51
CA TRP H 112 -20.37 16.26 8.07
C TRP H 112 -21.21 16.83 6.93
N LEU H 113 -20.54 17.59 6.06
CA LEU H 113 -21.20 18.24 4.93
C LEU H 113 -21.83 17.27 3.94
N LEU H 114 -21.07 16.26 3.53
CA LEU H 114 -21.59 15.26 2.60
C LEU H 114 -22.80 14.58 3.20
N THR H 115 -22.74 14.31 4.50
CA THR H 115 -23.83 13.64 5.18
C THR H 115 -25.05 14.54 5.39
N ALA H 116 -24.83 15.85 5.42
CA ALA H 116 -25.95 16.79 5.57
C ALA H 116 -26.70 16.75 4.23
N ALA H 117 -25.93 16.67 3.15
CA ALA H 117 -26.53 16.59 1.82
C ALA H 117 -27.25 15.25 1.70
N ARG H 118 -26.65 14.21 2.28
CA ARG H 118 -27.19 12.86 2.23
C ARG H 118 -28.56 12.74 2.89
N ILE H 119 -28.69 13.28 4.10
CA ILE H 119 -29.95 13.20 4.82
C ILE H 119 -31.09 13.87 4.01
N LEU H 120 -30.77 14.96 3.31
CA LEU H 120 -31.78 15.65 2.51
C LEU H 120 -32.32 14.72 1.42
N VAL H 121 -31.42 13.96 0.80
CA VAL H 121 -31.80 13.04 -0.27
C VAL H 121 -32.43 11.75 0.27
N ASP H 122 -31.81 11.14 1.26
CA ASP H 122 -32.33 9.90 1.82
C ASP H 122 -33.74 10.03 2.37
N LYS H 123 -34.07 11.16 2.97
CA LYS H 123 -35.42 11.34 3.51
C LYS H 123 -36.31 12.07 2.51
N GLN H 124 -35.86 12.12 1.27
CA GLN H 124 -36.58 12.75 0.16
C GLN H 124 -37.05 14.19 0.36
N PHE H 125 -36.27 15.00 1.07
CA PHE H 125 -36.64 16.40 1.24
C PHE H 125 -36.22 17.13 -0.03
N VAL H 126 -35.33 16.50 -0.79
CA VAL H 126 -34.86 16.99 -2.08
C VAL H 126 -34.53 15.75 -2.90
N THR H 127 -34.74 15.83 -4.22
CA THR H 127 -34.40 14.71 -5.08
C THR H 127 -32.89 14.84 -5.32
N LEU H 128 -32.25 13.74 -5.73
CA LEU H 128 -30.83 13.81 -6.01
C LEU H 128 -30.66 14.78 -7.18
N THR H 129 -31.66 14.82 -8.04
CA THR H 129 -31.65 15.70 -9.21
C THR H 129 -31.56 17.16 -8.76
N GLU H 130 -32.34 17.52 -7.74
CA GLU H 130 -32.31 18.89 -7.24
C GLU H 130 -30.93 19.22 -6.67
N LEU H 131 -30.30 18.26 -5.99
CA LEU H 131 -28.97 18.48 -5.42
C LEU H 131 -27.95 18.65 -6.54
N HIS H 132 -27.93 17.72 -7.49
CA HIS H 132 -27.01 17.79 -8.62
C HIS H 132 -27.19 19.12 -9.36
N ASN H 133 -28.45 19.51 -9.57
CA ASN H 133 -28.75 20.76 -10.28
C ASN H 133 -28.30 22.00 -9.52
N LYS H 134 -28.44 21.97 -8.20
CA LYS H 134 -28.03 23.10 -7.37
C LYS H 134 -26.50 23.25 -7.41
N ILE H 135 -25.79 22.12 -7.47
CA ILE H 135 -24.34 22.15 -7.52
C ILE H 135 -23.88 22.73 -8.87
N VAL H 136 -24.55 22.35 -9.95
CA VAL H 136 -24.21 22.85 -11.27
C VAL H 136 -24.39 24.37 -11.31
N GLU H 137 -25.53 24.84 -10.83
CA GLU H 137 -25.83 26.27 -10.80
C GLU H 137 -24.81 27.01 -9.94
N MET H 138 -24.50 26.46 -8.77
CA MET H 138 -23.54 27.08 -7.85
C MET H 138 -22.16 27.23 -8.51
N ARG H 139 -21.72 26.21 -9.22
CA ARG H 139 -20.41 26.24 -9.90
C ARG H 139 -20.40 27.34 -10.95
N GLU H 140 -21.50 27.47 -11.68
CA GLU H 140 -21.62 28.49 -12.71
C GLU H 140 -21.55 29.85 -12.06
N ARG H 141 -22.21 29.97 -10.92
CA ARG H 141 -22.24 31.22 -10.18
C ARG H 141 -20.80 31.69 -9.89
N VAL H 142 -19.97 30.75 -9.45
CA VAL H 142 -18.57 31.05 -9.14
C VAL H 142 -17.75 31.37 -10.39
N ALA H 143 -17.86 30.52 -11.40
CA ALA H 143 -17.13 30.69 -12.63
C ALA H 143 -17.46 31.97 -13.38
N SER H 144 -18.72 32.38 -13.33
CA SER H 144 -19.18 33.59 -14.02
C SER H 144 -18.60 34.88 -13.46
N GLY H 145 -18.25 34.86 -12.18
CA GLY H 145 -17.69 36.04 -11.56
C GLY H 145 -18.68 36.83 -10.70
N GLN H 146 -19.89 36.31 -10.49
CA GLN H 146 -20.84 37.06 -9.66
C GLN H 146 -20.63 36.81 -8.18
N GLY H 147 -19.62 36.02 -7.84
CA GLY H 147 -19.32 35.75 -6.45
C GLY H 147 -20.09 34.60 -5.84
N LEU H 148 -19.69 34.20 -4.63
CA LEU H 148 -20.34 33.11 -3.93
C LEU H 148 -20.48 33.43 -2.46
N GLY H 149 -21.63 34.00 -2.09
CA GLY H 149 -21.87 34.34 -0.70
C GLY H 149 -20.70 35.05 -0.04
N GLU H 150 -20.34 34.60 1.15
CA GLU H 150 -19.25 35.18 1.91
C GLU H 150 -17.90 34.56 1.53
N TYR H 151 -17.92 33.60 0.61
CA TYR H 151 -16.70 32.93 0.20
C TYR H 151 -15.94 33.65 -0.90
N LEU H 152 -16.66 34.40 -1.73
CA LEU H 152 -16.04 35.11 -2.83
C LEU H 152 -16.89 36.28 -3.27
N PRO H 153 -16.32 37.49 -3.27
CA PRO H 153 -17.09 38.66 -3.69
C PRO H 153 -17.19 38.72 -5.21
N PRO H 154 -18.15 39.51 -5.73
CA PRO H 154 -18.34 39.63 -7.17
C PRO H 154 -17.13 40.36 -7.76
N LYS H 155 -16.84 40.14 -9.04
CA LYS H 155 -15.73 40.85 -9.67
C LYS H 155 -16.17 42.30 -9.84
N ALA H 156 -15.26 43.23 -9.60
CA ALA H 156 -15.57 44.65 -9.72
C ALA H 156 -15.16 45.21 -11.08
N LYS H 157 -14.43 46.32 -11.05
CA LYS H 157 -13.97 46.98 -12.28
C LYS H 157 -12.58 46.48 -12.66
N GLU I 23 -10.89 31.26 -5.50
CA GLU I 23 -10.30 29.99 -5.00
C GLU I 23 -11.32 29.23 -4.15
N VAL I 24 -12.54 29.09 -4.68
CA VAL I 24 -13.60 28.39 -3.96
C VAL I 24 -13.39 26.88 -4.08
N SER I 25 -13.45 26.19 -2.95
CA SER I 25 -13.27 24.74 -2.93
C SER I 25 -14.58 24.00 -3.19
N ASP I 26 -14.46 22.70 -3.42
CA ASP I 26 -15.64 21.86 -3.64
C ASP I 26 -16.50 21.86 -2.39
N PHE I 27 -15.87 22.04 -1.23
CA PHE I 27 -16.57 22.07 0.04
C PHE I 27 -17.43 23.31 0.18
N GLU I 28 -16.89 24.46 -0.23
CA GLU I 28 -17.63 25.71 -0.14
C GLU I 28 -18.81 25.69 -1.12
N ILE I 29 -18.62 25.10 -2.29
CA ILE I 29 -19.69 24.98 -3.28
C ILE I 29 -20.81 24.13 -2.70
N LEU I 30 -20.44 22.98 -2.15
CA LEU I 30 -21.42 22.07 -1.56
C LEU I 30 -22.12 22.65 -0.34
N GLU I 31 -21.38 23.40 0.47
CA GLU I 31 -21.97 24.01 1.67
C GLU I 31 -23.10 24.95 1.27
N MET I 32 -22.83 25.79 0.27
CA MET I 32 -23.84 26.74 -0.23
C MET I 32 -25.04 25.98 -0.79
N ALA I 33 -24.77 24.92 -1.53
CA ALA I 33 -25.83 24.13 -2.14
C ALA I 33 -26.76 23.52 -1.09
N VAL I 34 -26.16 22.90 -0.08
CA VAL I 34 -26.92 22.27 0.99
C VAL I 34 -27.73 23.28 1.79
N ARG I 35 -27.09 24.38 2.18
CA ARG I 35 -27.77 25.40 2.95
C ARG I 35 -28.94 26.02 2.17
N GLU I 36 -28.70 26.39 0.92
CA GLU I 36 -29.78 26.98 0.12
C GLU I 36 -30.93 26.02 -0.08
N LEU I 37 -30.63 24.75 -0.35
CA LEU I 37 -31.67 23.75 -0.54
C LEU I 37 -32.50 23.54 0.73
N ALA I 38 -31.83 23.46 1.87
CA ALA I 38 -32.52 23.26 3.14
C ALA I 38 -33.47 24.41 3.42
N ILE I 39 -33.02 25.63 3.15
CA ILE I 39 -33.84 26.81 3.39
C ILE I 39 -34.99 26.89 2.39
N GLU I 40 -34.70 26.60 1.12
CA GLU I 40 -35.73 26.62 0.08
C GLU I 40 -36.83 25.62 0.39
N LYS I 41 -36.46 24.48 0.95
CA LYS I 41 -37.44 23.44 1.29
C LYS I 41 -38.06 23.67 2.66
N GLY I 42 -37.62 24.70 3.35
CA GLY I 42 -38.17 25.01 4.66
C GLY I 42 -37.80 24.06 5.78
N LEU I 43 -36.66 23.39 5.67
CA LEU I 43 -36.21 22.46 6.71
C LEU I 43 -35.80 23.27 7.94
N PHE I 44 -35.10 24.37 7.72
CA PHE I 44 -34.73 25.29 8.78
C PHE I 44 -34.65 26.66 8.13
N SER I 45 -34.84 27.73 8.91
CA SER I 45 -34.84 29.08 8.34
C SER I 45 -33.48 29.75 8.33
N ALA I 46 -33.37 30.83 7.55
CA ALA I 46 -32.13 31.59 7.48
C ALA I 46 -31.84 32.11 8.89
N GLU I 47 -32.91 32.46 9.61
CA GLU I 47 -32.80 32.98 10.97
C GLU I 47 -32.22 31.88 11.89
N ASP I 48 -32.72 30.66 11.75
CA ASP I 48 -32.22 29.54 12.56
C ASP I 48 -30.71 29.39 12.41
N HIS I 49 -30.24 29.47 11.17
CA HIS I 49 -28.83 29.31 10.87
C HIS I 49 -28.00 30.42 11.50
N ARG I 50 -28.46 31.67 11.35
CA ARG I 50 -27.73 32.80 11.95
C ARG I 50 -27.75 32.65 13.47
N VAL I 51 -28.89 32.27 14.01
CA VAL I 51 -29.02 32.09 15.46
C VAL I 51 -28.05 31.04 15.98
N TRP I 52 -27.89 29.93 15.27
CA TRP I 52 -26.99 28.89 15.73
C TRP I 52 -25.54 29.37 15.67
N LYS I 53 -25.18 30.05 14.58
CA LYS I 53 -23.82 30.55 14.45
C LYS I 53 -23.52 31.55 15.57
N ASP I 54 -24.50 32.39 15.90
CA ASP I 54 -24.29 33.37 16.97
C ASP I 54 -24.15 32.65 18.31
N TYR I 55 -24.94 31.62 18.52
CA TYR I 55 -24.86 30.84 19.75
C TYR I 55 -23.47 30.25 19.88
N VAL I 56 -23.01 29.58 18.82
CA VAL I 56 -21.69 28.97 18.82
C VAL I 56 -20.61 30.02 19.12
N HIS I 57 -20.78 31.21 18.56
CA HIS I 57 -19.82 32.28 18.76
C HIS I 57 -19.72 32.72 20.23
N THR I 58 -20.77 32.49 21.01
CA THR I 58 -20.75 32.86 22.42
C THR I 58 -20.09 31.79 23.28
N LEU I 59 -19.85 30.62 22.68
CA LEU I 59 -19.25 29.51 23.41
C LEU I 59 -17.74 29.63 23.62
N GLY I 60 -17.25 29.01 24.69
CA GLY I 60 -15.84 29.07 25.01
C GLY I 60 -15.56 28.31 26.29
N PRO I 61 -14.30 28.32 26.77
CA PRO I 61 -13.96 27.61 28.00
C PRO I 61 -14.12 28.36 29.32
N LEU I 62 -14.45 29.65 29.26
CA LEU I 62 -14.59 30.45 30.48
C LEU I 62 -15.60 29.93 31.52
N PRO I 63 -16.82 29.57 31.09
CA PRO I 63 -17.79 29.07 32.06
C PRO I 63 -17.29 27.84 32.81
N ALA I 64 -16.68 26.91 32.08
CA ALA I 64 -16.15 25.69 32.67
C ALA I 64 -15.01 25.99 33.64
N ALA I 65 -14.15 26.93 33.27
CA ALA I 65 -13.03 27.30 34.12
C ALA I 65 -13.57 27.92 35.40
N ARG I 66 -14.64 28.70 35.24
CA ARG I 66 -15.31 29.38 36.35
C ARG I 66 -15.91 28.35 37.31
N LEU I 67 -16.48 27.29 36.77
CA LEU I 67 -17.08 26.25 37.60
C LEU I 67 -15.99 25.58 38.45
N VAL I 68 -14.82 25.36 37.85
CA VAL I 68 -13.71 24.75 38.57
C VAL I 68 -13.25 25.67 39.69
N ALA I 69 -13.10 26.96 39.38
CA ALA I 69 -12.67 27.94 40.35
C ALA I 69 -13.65 27.98 41.54
N LYS I 70 -14.94 28.05 41.22
CA LYS I 70 -15.97 28.09 42.26
C LYS I 70 -15.92 26.82 43.10
N ALA I 71 -15.70 25.68 42.44
CA ALA I 71 -15.64 24.40 43.14
C ALA I 71 -14.45 24.40 44.11
N TRP I 72 -13.32 24.96 43.67
CA TRP I 72 -12.14 25.03 44.52
C TRP I 72 -12.40 25.95 45.72
N LEU I 73 -13.21 26.97 45.50
CA LEU I 73 -13.52 27.95 46.55
C LEU I 73 -14.76 27.64 47.39
N ASP I 74 -15.40 26.51 47.15
CA ASP I 74 -16.58 26.14 47.91
C ASP I 74 -16.81 24.64 47.89
N PRO I 75 -16.37 23.93 48.93
CA PRO I 75 -16.52 22.47 49.02
C PRO I 75 -17.95 21.97 48.77
N GLU I 76 -18.94 22.77 49.15
CA GLU I 76 -20.32 22.36 48.95
C GLU I 76 -20.71 22.41 47.47
N TYR I 77 -20.21 23.41 46.76
CA TYR I 77 -20.51 23.53 45.34
C TYR I 77 -19.76 22.39 44.64
N LYS I 78 -18.57 22.06 45.14
CA LYS I 78 -17.78 20.98 44.54
C LYS I 78 -18.55 19.67 44.61
N LYS I 79 -19.19 19.42 45.76
CA LYS I 79 -19.98 18.20 45.91
C LYS I 79 -21.07 18.18 44.86
N LEU I 80 -21.73 19.33 44.66
CA LEU I 80 -22.79 19.43 43.67
C LEU I 80 -22.26 19.11 42.28
N CYS I 81 -21.12 19.70 41.94
CA CYS I 81 -20.48 19.48 40.65
C CYS I 81 -20.27 17.99 40.38
N ILE I 82 -19.75 17.28 41.38
CA ILE I 82 -19.46 15.86 41.25
C ILE I 82 -20.70 14.99 41.09
N GLU I 83 -21.76 15.35 41.79
CA GLU I 83 -22.99 14.57 41.75
C GLU I 83 -23.99 15.00 40.68
N ASP I 84 -24.05 16.28 40.37
CA ASP I 84 -25.01 16.80 39.40
C ASP I 84 -24.40 17.92 38.53
N GLY I 85 -23.62 17.53 37.53
CA GLY I 85 -22.99 18.50 36.65
C GLY I 85 -23.98 19.45 35.99
N VAL I 86 -25.12 18.92 35.58
CA VAL I 86 -26.15 19.74 34.92
C VAL I 86 -26.63 20.87 35.83
N GLU I 87 -26.95 20.53 37.07
CA GLU I 87 -27.42 21.53 38.04
C GLU I 87 -26.31 22.52 38.39
N ALA I 88 -25.09 22.02 38.58
CA ALA I 88 -23.97 22.89 38.92
C ALA I 88 -23.64 23.85 37.80
N SER I 89 -23.84 23.41 36.56
CA SER I 89 -23.54 24.25 35.40
C SER I 89 -24.35 25.55 35.39
N LYS I 90 -25.55 25.52 35.94
CA LYS I 90 -26.40 26.70 35.98
C LYS I 90 -25.71 27.85 36.69
N ALA I 91 -24.87 27.52 37.67
CA ALA I 91 -24.15 28.51 38.45
C ALA I 91 -23.17 29.36 37.64
N VAL I 92 -22.74 28.87 36.48
CA VAL I 92 -21.82 29.64 35.66
C VAL I 92 -22.51 30.15 34.39
N GLY I 93 -23.84 30.28 34.48
CA GLY I 93 -24.61 30.80 33.37
C GLY I 93 -24.90 29.85 32.23
N VAL I 94 -24.55 28.58 32.38
CA VAL I 94 -24.80 27.62 31.33
C VAL I 94 -25.85 26.58 31.71
N ASN I 95 -27.07 26.78 31.20
CA ASN I 95 -28.17 25.85 31.45
C ASN I 95 -28.19 24.97 30.21
N TRP I 96 -27.82 23.70 30.38
CA TRP I 96 -27.76 22.77 29.26
C TRP I 96 -29.07 22.56 28.52
N VAL I 97 -30.19 22.86 29.17
CA VAL I 97 -31.47 22.68 28.53
C VAL I 97 -31.96 23.96 27.83
N THR I 98 -31.90 25.08 28.54
CA THR I 98 -32.41 26.34 28.00
C THR I 98 -31.43 27.34 27.39
N SER I 99 -30.13 27.18 27.64
CA SER I 99 -29.17 28.11 27.05
C SER I 99 -29.12 27.96 25.52
N PRO I 100 -29.15 26.72 25.00
CA PRO I 100 -29.11 26.54 23.55
C PRO I 100 -30.40 27.07 22.90
N PRO I 101 -30.36 27.41 21.61
CA PRO I 101 -31.51 27.92 20.86
C PRO I 101 -32.72 26.99 20.80
N THR I 102 -32.48 25.70 20.96
CA THR I 102 -33.55 24.69 20.89
C THR I 102 -34.53 24.65 22.05
N GLN I 103 -34.04 24.93 23.25
CA GLN I 103 -34.83 24.87 24.46
C GLN I 103 -34.99 23.42 24.91
N PHE I 104 -34.15 22.55 24.36
CA PHE I 104 -34.11 21.15 24.75
C PHE I 104 -32.66 20.66 24.66
N GLY I 105 -31.75 21.62 24.80
CA GLY I 105 -30.33 21.35 24.73
C GLY I 105 -29.88 21.23 23.29
N THR I 106 -28.58 21.28 23.04
CA THR I 106 -28.11 21.15 21.66
C THR I 106 -28.39 19.72 21.24
N PRO I 107 -28.69 19.51 19.95
CA PRO I 107 -28.98 18.16 19.46
C PRO I 107 -27.83 17.17 19.63
N SER I 108 -26.59 17.66 19.48
CA SER I 108 -25.42 16.79 19.55
C SER I 108 -24.68 16.67 20.89
N ASP I 109 -24.87 17.64 21.80
CA ASP I 109 -24.19 17.58 23.09
C ASP I 109 -25.08 17.05 24.22
N TYR I 110 -26.39 17.04 23.97
CA TYR I 110 -27.37 16.55 24.96
C TYR I 110 -27.33 17.32 26.27
N CYS I 111 -27.99 16.79 27.30
CA CYS I 111 -28.06 17.47 28.58
C CYS I 111 -27.64 16.64 29.79
N ASN I 112 -26.48 15.99 29.71
CA ASN I 112 -26.00 15.20 30.84
C ASN I 112 -24.51 15.38 31.05
N LEU I 113 -24.15 16.55 31.58
CA LEU I 113 -22.78 16.88 31.88
C LEU I 113 -22.37 16.26 33.21
N ARG I 114 -21.20 15.65 33.25
CA ARG I 114 -20.68 15.09 34.49
C ARG I 114 -19.33 15.74 34.69
N VAL I 115 -19.03 16.13 35.92
CA VAL I 115 -17.74 16.75 36.23
C VAL I 115 -16.91 15.69 36.94
N LEU I 116 -15.74 15.39 36.38
CA LEU I 116 -14.83 14.39 36.93
C LEU I 116 -13.82 15.09 37.81
N ALA I 117 -13.87 14.83 39.12
CA ALA I 117 -12.96 15.46 40.05
C ALA I 117 -11.66 14.72 40.29
N ASP I 118 -10.55 15.36 39.97
CA ASP I 118 -9.24 14.76 40.20
C ASP I 118 -8.99 14.84 41.69
N SER I 119 -8.02 14.07 42.18
CA SER I 119 -7.66 14.09 43.59
C SER I 119 -6.19 13.70 43.64
N PRO I 120 -5.59 13.71 44.84
CA PRO I 120 -4.18 13.34 44.93
C PRO I 120 -3.91 11.92 44.43
N THR I 121 -4.96 11.12 44.31
CA THR I 121 -4.80 9.74 43.86
C THR I 121 -5.58 9.41 42.59
N LEU I 122 -6.15 10.43 41.95
CA LEU I 122 -6.94 10.23 40.74
C LEU I 122 -6.81 11.39 39.77
N LYS I 123 -6.48 11.08 38.51
CA LYS I 123 -6.32 12.09 37.47
C LYS I 123 -7.07 11.65 36.21
N HIS I 124 -7.99 12.48 35.73
CA HIS I 124 -8.82 12.18 34.57
C HIS I 124 -8.37 12.85 33.27
N VAL I 125 -8.62 12.18 32.15
CA VAL I 125 -8.33 12.73 30.83
C VAL I 125 -9.48 12.22 29.95
N VAL I 126 -10.06 13.11 29.16
CA VAL I 126 -11.21 12.77 28.34
C VAL I 126 -11.00 12.62 26.84
N VAL I 127 -11.73 11.69 26.25
CA VAL I 127 -11.67 11.41 24.82
C VAL I 127 -13.01 10.81 24.36
N CYS I 128 -13.23 10.81 23.05
CA CYS I 128 -14.41 10.19 22.45
C CYS I 128 -13.87 9.33 21.31
N THR I 129 -13.57 8.08 21.59
CA THR I 129 -13.02 7.20 20.57
C THR I 129 -13.87 7.04 19.32
N LEU I 130 -15.18 7.14 19.47
CA LEU I 130 -16.12 6.99 18.35
C LEU I 130 -16.25 8.22 17.45
N CYS I 131 -15.91 9.38 17.98
CA CYS I 131 -15.98 10.61 17.21
C CYS I 131 -15.33 11.76 17.97
N SER I 132 -16.08 12.83 18.25
CA SER I 132 -15.48 13.93 18.98
C SER I 132 -16.42 14.59 19.97
N CYS I 133 -17.29 13.79 20.60
CA CYS I 133 -18.23 14.30 21.58
C CYS I 133 -17.46 15.21 22.51
N TYR I 134 -18.02 16.38 22.79
CA TYR I 134 -17.35 17.40 23.60
C TYR I 134 -18.45 18.23 24.29
N PRO I 135 -18.18 18.72 25.51
CA PRO I 135 -19.18 19.53 26.25
C PRO I 135 -19.27 20.96 25.74
N ARG I 136 -19.57 21.11 24.45
CA ARG I 136 -19.65 22.42 23.82
C ARG I 136 -20.35 23.55 24.57
N PRO I 137 -21.57 23.31 25.08
CA PRO I 137 -22.28 24.37 25.80
C PRO I 137 -21.46 25.09 26.88
N ILE I 138 -20.65 24.35 27.62
CA ILE I 138 -19.86 24.94 28.70
C ILE I 138 -18.38 25.10 28.39
N LEU I 139 -17.88 24.43 27.35
CA LEU I 139 -16.46 24.48 27.03
C LEU I 139 -16.08 25.07 25.66
N GLY I 140 -17.03 25.12 24.74
CA GLY I 140 -16.73 25.66 23.42
C GLY I 140 -16.50 24.56 22.40
N GLN I 141 -15.87 24.91 21.28
CA GLN I 141 -15.61 23.95 20.22
C GLN I 141 -14.39 23.08 20.52
N SER I 142 -14.41 21.84 20.03
CA SER I 142 -13.32 20.89 20.29
C SER I 142 -12.04 21.20 19.51
N PRO I 143 -10.88 20.85 20.08
CA PRO I 143 -9.57 21.07 19.44
C PRO I 143 -9.44 20.15 18.23
N GLU I 144 -8.66 20.56 17.24
CA GLU I 144 -8.47 19.74 16.04
C GLU I 144 -7.91 18.36 16.41
N TRP I 145 -6.89 18.33 17.25
CA TRP I 145 -6.27 17.06 17.64
C TRP I 145 -7.20 16.12 18.41
N TYR I 146 -8.16 16.70 19.13
CA TYR I 146 -9.12 15.91 19.91
C TYR I 146 -10.00 15.08 18.98
N ARG I 147 -10.19 15.59 17.76
CA ARG I 147 -11.01 14.92 16.75
C ARG I 147 -10.21 13.90 15.96
N SER I 148 -8.89 13.95 16.07
CA SER I 148 -8.04 13.05 15.29
C SER I 148 -8.15 11.56 15.60
N PRO I 149 -8.08 10.73 14.55
CA PRO I 149 -8.16 9.27 14.71
C PRO I 149 -7.02 8.84 15.65
N ASN I 150 -5.89 9.54 15.54
CA ASN I 150 -4.71 9.23 16.34
C ASN I 150 -4.98 9.35 17.84
N TYR I 151 -5.49 10.50 18.26
CA TYR I 151 -5.81 10.72 19.65
C TYR I 151 -6.86 9.71 20.10
N ARG I 152 -7.84 9.46 19.23
CA ARG I 152 -8.94 8.55 19.51
C ARG I 152 -8.53 7.08 19.58
N ARG I 153 -7.47 6.72 18.87
CA ARG I 153 -7.00 5.33 18.91
C ARG I 153 -6.12 5.07 20.12
N ARG I 154 -5.21 5.98 20.41
CA ARG I 154 -4.21 5.83 21.46
C ARG I 154 -4.50 6.17 22.92
N LEU I 155 -5.19 7.27 23.20
CA LEU I 155 -5.42 7.66 24.58
C LEU I 155 -5.98 6.58 25.51
N VAL I 156 -7.00 5.85 25.06
CA VAL I 156 -7.60 4.80 25.89
C VAL I 156 -6.65 3.65 26.24
N ARG I 157 -5.66 3.43 25.40
CA ARG I 157 -4.72 2.32 25.61
C ARG I 157 -3.35 2.71 26.17
N TRP I 158 -2.83 3.86 25.73
CA TRP I 158 -1.52 4.33 26.18
C TRP I 158 -1.63 5.74 26.75
N PRO I 159 -2.52 5.95 27.75
CA PRO I 159 -2.69 7.28 28.35
C PRO I 159 -1.40 7.89 28.93
N ARG I 160 -0.65 7.10 29.68
CA ARG I 160 0.60 7.58 30.28
C ARG I 160 1.50 8.17 29.19
N GLN I 161 1.65 7.41 28.10
CA GLN I 161 2.51 7.83 27.00
C GLN I 161 1.97 9.07 26.28
N VAL I 162 0.67 9.09 25.98
CA VAL I 162 0.09 10.24 25.30
C VAL I 162 0.18 11.48 26.19
N LEU I 163 -0.12 11.32 27.48
CA LEU I 163 -0.06 12.45 28.40
C LEU I 163 1.37 13.01 28.49
N ALA I 164 2.36 12.13 28.48
CA ALA I 164 3.75 12.56 28.55
C ALA I 164 4.07 13.43 27.34
N GLU I 165 3.53 13.03 26.18
CA GLU I 165 3.74 13.78 24.95
C GLU I 165 3.21 15.20 25.12
N PHE I 166 2.09 15.32 25.84
CA PHE I 166 1.48 16.61 26.11
C PHE I 166 2.25 17.34 27.21
N GLY I 167 3.22 16.65 27.79
CA GLY I 167 4.03 17.25 28.85
C GLY I 167 3.45 17.05 30.24
N LEU I 168 2.63 16.02 30.41
CA LEU I 168 2.03 15.73 31.70
C LEU I 168 2.39 14.33 32.21
N GLN I 169 2.89 14.26 33.43
CA GLN I 169 3.27 12.99 34.03
C GLN I 169 2.78 12.96 35.48
N LEU I 170 2.24 11.82 35.90
CA LEU I 170 1.75 11.64 37.25
C LEU I 170 2.46 10.47 37.92
N PRO I 171 2.47 10.44 39.27
CA PRO I 171 3.13 9.35 40.00
C PRO I 171 2.53 8.04 39.51
N SER I 172 3.35 7.00 39.44
CA SER I 172 2.90 5.69 38.97
C SER I 172 1.76 5.09 39.79
N GLU I 173 1.72 5.43 41.08
CA GLU I 173 0.67 4.90 41.95
C GLU I 173 -0.66 5.63 41.79
N VAL I 174 -0.62 6.83 41.22
CA VAL I 174 -1.84 7.59 41.00
C VAL I 174 -2.68 6.91 39.94
N GLN I 175 -4.00 6.88 40.15
CA GLN I 175 -4.90 6.27 39.20
C GLN I 175 -5.20 7.23 38.05
N ILE I 176 -4.78 6.86 36.85
CA ILE I 176 -5.10 7.70 35.70
C ILE I 176 -6.38 7.09 35.17
N ARG I 177 -7.43 7.90 35.05
CA ARG I 177 -8.68 7.38 34.51
C ARG I 177 -9.02 8.04 33.19
N VAL I 178 -9.16 7.23 32.16
CA VAL I 178 -9.53 7.75 30.84
C VAL I 178 -11.04 7.62 30.74
N ALA I 179 -11.70 8.74 30.44
CA ALA I 179 -13.15 8.72 30.29
C ALA I 179 -13.46 8.78 28.79
N ASP I 180 -14.13 7.76 28.29
CA ASP I 180 -14.50 7.70 26.87
C ASP I 180 -15.98 8.05 26.75
N SER I 181 -16.28 9.29 26.34
CA SER I 181 -17.67 9.73 26.19
C SER I 181 -18.25 9.17 24.90
N ASN I 182 -18.79 7.97 25.01
CA ASN I 182 -19.35 7.25 23.87
C ASN I 182 -20.88 7.27 23.76
N GLN I 183 -21.56 7.87 24.74
CA GLN I 183 -23.02 7.92 24.68
C GLN I 183 -23.47 9.38 24.85
N LYS I 184 -24.49 9.62 25.67
CA LYS I 184 -25.01 10.98 25.84
C LYS I 184 -24.37 11.85 26.92
N THR I 185 -23.42 11.31 27.67
CA THR I 185 -22.75 12.09 28.70
C THR I 185 -21.53 12.82 28.16
N ARG I 186 -21.37 14.08 28.57
CA ARG I 186 -20.22 14.88 28.18
C ARG I 186 -19.48 15.18 29.49
N TYR I 187 -18.16 15.23 29.44
CA TYR I 187 -17.36 15.48 30.65
C TYR I 187 -16.46 16.70 30.60
N ILE I 188 -16.15 17.23 31.77
CA ILE I 188 -15.17 18.30 31.91
C ILE I 188 -14.37 17.82 33.11
N VAL I 189 -13.08 18.11 33.15
CA VAL I 189 -12.25 17.67 34.26
C VAL I 189 -12.01 18.80 35.25
N MET I 190 -12.20 18.48 36.54
CA MET I 190 -11.95 19.43 37.60
C MET I 190 -10.58 19.03 38.15
N PRO I 191 -9.52 19.74 37.75
CA PRO I 191 -8.17 19.42 38.22
C PRO I 191 -7.99 19.72 39.69
N VAL I 192 -6.97 19.13 40.29
CA VAL I 192 -6.67 19.40 41.68
C VAL I 192 -6.13 20.84 41.68
N ARG I 193 -6.46 21.60 42.72
CA ARG I 193 -5.98 22.97 42.81
C ARG I 193 -4.46 22.94 43.03
N PRO I 194 -3.70 23.68 42.20
CA PRO I 194 -2.24 23.70 42.34
C PRO I 194 -1.74 24.50 43.53
N GLU I 195 -0.54 24.19 43.98
CA GLU I 195 0.05 24.90 45.09
C GLU I 195 0.46 26.28 44.60
N GLY I 196 0.62 27.21 45.53
CA GLY I 196 1.02 28.55 45.17
C GLY I 196 -0.17 29.45 44.85
N THR I 197 -1.35 29.06 45.29
CA THR I 197 -2.56 29.84 45.04
C THR I 197 -3.36 30.16 46.29
N ASP I 198 -2.70 30.20 47.44
CA ASP I 198 -3.40 30.51 48.69
C ASP I 198 -3.93 31.93 48.64
N GLY I 199 -5.19 32.11 49.04
CA GLY I 199 -5.78 33.44 49.06
C GLY I 199 -6.19 33.98 47.71
N TRP I 200 -5.99 33.22 46.64
CA TRP I 200 -6.38 33.66 45.30
C TRP I 200 -7.88 33.84 45.20
N THR I 201 -8.30 34.81 44.39
CA THR I 201 -9.73 35.07 44.19
C THR I 201 -10.26 34.10 43.13
N GLU I 202 -11.56 34.15 42.90
CA GLU I 202 -12.20 33.29 41.90
C GLU I 202 -11.64 33.60 40.50
N ASP I 203 -11.49 34.87 40.18
CA ASP I 203 -10.96 35.26 38.87
C ASP I 203 -9.54 34.77 38.67
N GLN I 204 -8.72 34.88 39.72
CA GLN I 204 -7.34 34.44 39.64
C GLN I 204 -7.24 32.95 39.36
N LEU I 205 -8.06 32.16 40.05
CA LEU I 205 -8.05 30.72 39.86
C LEU I 205 -8.60 30.30 38.50
N ALA I 206 -9.74 30.88 38.13
CA ALA I 206 -10.38 30.55 36.85
C ALA I 206 -9.43 30.82 35.69
N GLU I 207 -8.63 31.87 35.82
CA GLU I 207 -7.67 32.25 34.79
C GLU I 207 -6.64 31.18 34.45
N ILE I 208 -6.27 30.33 35.40
CA ILE I 208 -5.28 29.29 35.11
C ILE I 208 -5.88 27.95 34.71
N VAL I 209 -7.21 27.89 34.65
CA VAL I 209 -7.89 26.67 34.24
C VAL I 209 -8.20 26.79 32.75
N THR I 210 -7.26 26.34 31.92
CA THR I 210 -7.39 26.40 30.46
C THR I 210 -8.24 25.29 29.88
N ARG I 211 -8.53 25.42 28.58
CA ARG I 211 -9.29 24.40 27.87
C ARG I 211 -8.61 23.05 28.04
N ASP I 212 -7.29 23.03 27.90
CA ASP I 212 -6.52 21.79 28.02
C ASP I 212 -6.67 21.13 29.39
N CYS I 213 -6.74 21.94 30.44
CA CYS I 213 -6.91 21.42 31.79
C CYS I 213 -8.28 20.77 31.93
N LEU I 214 -9.28 21.36 31.26
CA LEU I 214 -10.65 20.86 31.31
C LEU I 214 -10.84 19.58 30.52
N ILE I 215 -9.93 19.33 29.58
CA ILE I 215 -9.96 18.11 28.78
C ILE I 215 -9.14 17.05 29.54
N GLY I 216 -8.12 17.50 30.25
CA GLY I 216 -7.29 16.58 31.03
C GLY I 216 -5.88 16.34 30.54
N VAL I 217 -5.51 16.94 29.40
CA VAL I 217 -4.17 16.75 28.86
C VAL I 217 -3.15 17.69 29.51
N ALA I 218 -3.62 18.52 30.44
CA ALA I 218 -2.75 19.45 31.14
C ALA I 218 -3.32 19.75 32.53
N VAL I 219 -2.47 20.28 33.41
CA VAL I 219 -2.92 20.63 34.75
C VAL I 219 -2.68 22.12 34.96
N PRO I 220 -3.55 22.76 35.76
CA PRO I 220 -3.40 24.19 36.02
C PRO I 220 -2.11 24.55 36.75
N LYS I 221 -1.47 25.63 36.32
CA LYS I 221 -0.23 26.10 36.90
C LYS I 221 -0.25 27.61 37.06
N PRO I 222 0.12 28.11 38.25
CA PRO I 222 0.13 29.57 38.46
C PRO I 222 1.01 30.23 37.41
N GLY I 223 0.52 31.31 36.81
CA GLY I 223 1.29 32.00 35.79
C GLY I 223 1.03 31.52 34.37
N ILE I 224 0.37 30.38 34.23
CA ILE I 224 0.05 29.84 32.91
C ILE I 224 -1.44 30.05 32.69
N THR I 225 -1.77 30.96 31.78
CA THR I 225 -3.16 31.28 31.50
C THR I 225 -3.61 31.00 30.07
N VAL I 226 -2.81 30.22 29.34
CA VAL I 226 -3.16 29.88 27.96
C VAL I 226 -2.69 28.46 27.68
N ASN I 227 -3.37 27.77 26.76
CA ASN I 227 -2.99 26.41 26.40
C ASN I 227 -1.55 26.39 25.96
N ALA I 228 -0.88 25.26 26.13
CA ALA I 228 0.52 25.14 25.70
C ALA I 228 0.55 25.42 24.20
N LYS I 229 1.54 26.19 23.77
CA LYS I 229 1.65 26.51 22.36
C LYS I 229 1.98 25.27 21.55
N ARG I 230 1.27 25.10 20.44
CA ARG I 230 1.52 23.99 19.54
C ARG I 230 1.29 24.48 18.12
N PRO I 231 1.75 23.72 17.11
CA PRO I 231 1.55 24.15 15.73
C PRO I 231 0.09 24.47 15.43
N VAL I 232 -0.12 25.47 14.58
CA VAL I 232 -1.47 25.87 14.18
C VAL I 232 -1.59 25.74 12.68
N LEU I 233 -2.48 24.84 12.23
CA LEU I 233 -2.68 24.66 10.80
C LEU I 233 -3.68 25.73 10.36
N LYS I 234 -3.29 26.55 9.39
CA LYS I 234 -4.14 27.62 8.91
C LYS I 234 -5.24 27.16 7.96
N ALA I 235 -6.40 27.80 8.05
CA ALA I 235 -7.52 27.48 7.18
C ALA I 235 -7.34 28.25 5.88
N ASN I 236 -7.99 27.79 4.82
CA ASN I 236 -7.89 28.47 3.54
C ASN I 236 -8.64 29.80 3.66
N ARG I 237 -9.82 29.75 4.26
CA ARG I 237 -10.66 30.93 4.45
C ARG I 237 -11.21 30.88 5.87
N PRO I 238 -10.42 31.34 6.85
CA PRO I 238 -10.78 31.34 8.28
C PRO I 238 -11.94 32.24 8.70
N VAL I 239 -12.59 31.84 9.80
CA VAL I 239 -13.71 32.58 10.34
C VAL I 239 -13.21 33.90 10.92
N LYS J 7 43.37 -12.48 -10.83
CA LYS J 7 42.32 -11.94 -9.93
C LYS J 7 42.94 -11.25 -8.72
N PRO J 8 42.15 -10.43 -8.01
CA PRO J 8 42.64 -9.72 -6.83
C PRO J 8 42.94 -10.68 -5.68
N VAL J 9 43.89 -10.31 -4.84
CA VAL J 9 44.26 -11.11 -3.68
C VAL J 9 43.95 -10.29 -2.44
N TRP J 10 43.23 -10.88 -1.51
CA TRP J 10 42.87 -10.17 -0.28
C TRP J 10 43.77 -10.58 0.87
N ASP J 11 44.30 -9.59 1.57
CA ASP J 11 45.18 -9.85 2.71
C ASP J 11 44.31 -10.21 3.91
N ARG J 12 44.25 -11.50 4.23
CA ARG J 12 43.43 -11.95 5.34
C ARG J 12 44.17 -12.01 6.68
N THR J 13 45.43 -11.59 6.70
CA THR J 13 46.20 -11.62 7.96
C THR J 13 46.52 -10.23 8.49
N HIS J 14 46.31 -9.21 7.67
CA HIS J 14 46.62 -7.84 8.09
C HIS J 14 45.97 -7.39 9.40
N HIS J 15 44.66 -7.50 9.50
CA HIS J 15 43.96 -7.06 10.70
C HIS J 15 44.45 -7.75 11.97
N ALA J 16 44.58 -9.08 11.91
CA ALA J 16 45.04 -9.84 13.07
C ALA J 16 46.45 -9.46 13.49
N LYS J 17 47.37 -9.34 12.53
CA LYS J 17 48.74 -9.00 12.84
C LYS J 17 48.81 -7.65 13.54
N MET J 18 47.95 -6.73 13.10
CA MET J 18 47.91 -5.40 13.66
C MET J 18 47.22 -5.27 15.02
N ALA J 19 46.14 -6.01 15.22
CA ALA J 19 45.39 -5.88 16.47
C ALA J 19 45.62 -6.91 17.56
N THR J 20 46.20 -8.06 17.22
CA THR J 20 46.41 -9.09 18.23
C THR J 20 47.18 -8.59 19.45
N GLY J 21 46.62 -8.87 20.63
CA GLY J 21 47.25 -8.46 21.87
C GLY J 21 47.13 -6.98 22.17
N ILE J 22 46.49 -6.23 21.27
CA ILE J 22 46.33 -4.79 21.44
C ILE J 22 44.85 -4.40 21.45
N GLY J 23 44.11 -4.86 20.45
CA GLY J 23 42.70 -4.55 20.37
C GLY J 23 42.33 -3.54 19.31
N ASP J 24 41.03 -3.40 19.09
CA ASP J 24 40.46 -2.47 18.11
C ASP J 24 39.44 -1.70 18.94
N PRO J 25 39.48 -0.36 18.94
CA PRO J 25 40.38 0.57 18.23
C PRO J 25 41.74 0.91 18.83
N GLN J 26 42.16 0.22 19.89
CA GLN J 26 43.46 0.52 20.49
C GLN J 26 44.60 0.50 19.49
N CYS J 27 44.51 -0.36 18.48
CA CYS J 27 45.56 -0.46 17.48
C CYS J 27 45.73 0.76 16.57
N PHE J 28 44.80 1.70 16.63
CA PHE J 28 44.87 2.92 15.81
C PHE J 28 45.31 4.14 16.62
N LYS J 29 45.48 3.94 17.93
CA LYS J 29 45.88 5.02 18.83
C LYS J 29 47.09 5.81 18.33
N GLY J 30 46.99 7.13 18.40
CA GLY J 30 48.08 7.98 17.97
C GLY J 30 48.16 8.25 16.48
N MET J 31 47.38 7.51 15.69
CA MET J 31 47.41 7.67 14.24
C MET J 31 46.62 8.85 13.68
N ALA J 32 45.78 9.47 14.50
CA ALA J 32 44.97 10.60 14.03
C ALA J 32 45.67 11.94 14.22
N GLY J 33 46.76 11.96 14.98
CA GLY J 33 47.46 13.20 15.23
C GLY J 33 46.73 14.04 16.26
N LYS J 34 46.86 15.36 16.15
CA LYS J 34 46.22 16.28 17.09
C LYS J 34 44.73 16.39 16.82
N SER J 35 43.92 16.34 17.87
CA SER J 35 42.47 16.45 17.72
C SER J 35 42.11 17.88 17.38
N LYS J 36 41.13 18.04 16.50
CA LYS J 36 40.68 19.37 16.09
C LYS J 36 39.80 20.02 17.15
N PHE J 37 39.16 19.20 17.98
CA PHE J 37 38.28 19.70 19.03
C PHE J 37 38.63 19.10 20.39
N ASN J 38 38.06 19.67 21.45
CA ASN J 38 38.31 19.17 22.79
C ASN J 38 37.04 19.11 23.63
N VAL J 39 37.11 18.36 24.73
CA VAL J 39 35.97 18.23 25.63
C VAL J 39 35.45 19.62 25.99
N GLY J 40 34.12 19.77 25.98
CA GLY J 40 33.54 21.06 26.32
C GLY J 40 33.17 21.88 25.09
N ASP J 41 33.80 21.59 23.95
CA ASP J 41 33.51 22.33 22.73
C ASP J 41 32.08 22.10 22.24
N ARG J 42 31.48 23.15 21.70
CA ARG J 42 30.14 23.09 21.14
C ARG J 42 30.34 22.88 19.64
N VAL J 43 29.73 21.83 19.09
CA VAL J 43 29.88 21.53 17.68
C VAL J 43 28.55 21.27 16.99
N ARG J 44 28.49 21.58 15.70
CA ARG J 44 27.30 21.35 14.89
C ARG J 44 27.65 20.19 13.97
N ILE J 45 26.67 19.35 13.66
CA ILE J 45 26.91 18.20 12.80
C ILE J 45 26.70 18.57 11.33
N LYS J 46 27.77 18.43 10.53
CA LYS J 46 27.71 18.74 9.11
C LYS J 46 26.89 17.69 8.38
N ASP J 47 26.03 18.13 7.48
CA ASP J 47 25.20 17.20 6.73
C ASP J 47 25.95 16.73 5.49
N LEU J 48 27.01 15.97 5.71
CA LEU J 48 27.79 15.44 4.61
C LEU J 48 26.97 14.44 3.83
N PRO J 49 27.29 14.24 2.54
CA PRO J 49 26.55 13.30 1.71
C PRO J 49 26.62 11.94 2.38
N ASP J 50 25.53 11.18 2.32
CA ASP J 50 25.48 9.87 2.96
C ASP J 50 25.31 8.72 1.98
N LEU J 51 25.54 8.98 0.70
CA LEU J 51 25.40 7.97 -0.35
C LEU J 51 26.17 6.69 -0.01
N PHE J 52 25.49 5.56 -0.15
CA PHE J 52 26.05 4.23 0.10
C PHE J 52 26.30 3.85 1.57
N TYR J 53 26.85 4.76 2.37
CA TYR J 53 27.10 4.41 3.77
C TYR J 53 27.46 5.59 4.66
N THR J 54 27.06 5.47 5.93
CA THR J 54 27.34 6.45 6.97
C THR J 54 26.89 5.88 8.29
N ARG J 55 27.52 6.33 9.38
CA ARG J 55 27.12 5.90 10.71
C ARG J 55 26.81 7.12 11.57
N THR J 56 26.61 8.24 10.89
CA THR J 56 26.24 9.49 11.56
C THR J 56 24.78 9.64 11.19
N MET J 57 23.91 9.21 12.09
CA MET J 57 22.47 9.23 11.88
C MET J 57 21.89 10.50 11.32
N THR J 58 20.89 10.35 10.46
CA THR J 58 20.23 11.48 9.84
C THR J 58 19.62 12.40 10.90
N TYR J 59 19.12 11.84 11.99
CA TYR J 59 18.49 12.66 13.01
C TYR J 59 19.43 13.65 13.71
N THR J 60 20.73 13.52 13.47
CA THR J 60 21.70 14.43 14.10
C THR J 60 22.17 15.57 13.19
N ARG J 61 21.91 15.46 11.88
CA ARG J 61 22.38 16.46 10.94
C ARG J 61 21.91 17.88 11.20
N GLY J 62 22.87 18.80 11.29
CA GLY J 62 22.53 20.20 11.51
C GLY J 62 22.26 20.55 12.96
N ALA J 63 22.31 19.55 13.85
CA ALA J 63 22.07 19.81 15.25
C ALA J 63 23.39 20.17 15.95
N THR J 64 23.28 20.89 17.06
CA THR J 64 24.44 21.28 17.83
C THR J 64 24.49 20.55 19.17
N GLY J 65 25.67 20.08 19.53
CA GLY J 65 25.84 19.36 20.78
C GLY J 65 27.14 19.71 21.48
N THR J 66 27.38 19.11 22.64
CA THR J 66 28.59 19.37 23.40
C THR J 66 29.46 18.13 23.45
N ILE J 67 30.75 18.29 23.16
CA ILE J 67 31.67 17.16 23.21
C ILE J 67 31.95 16.87 24.68
N VAL J 68 31.69 15.64 25.11
CA VAL J 68 31.93 15.28 26.50
C VAL J 68 33.12 14.35 26.66
N ARG J 69 33.66 13.85 25.56
CA ARG J 69 34.80 12.95 25.62
C ARG J 69 35.39 12.61 24.26
N LEU J 70 36.71 12.43 24.23
CA LEU J 70 37.43 12.00 23.04
C LEU J 70 37.58 10.51 23.34
N VAL J 71 36.69 9.71 22.77
CA VAL J 71 36.68 8.28 23.05
C VAL J 71 37.82 7.42 22.52
N TYR J 72 38.28 7.70 21.30
CA TYR J 72 39.36 6.92 20.70
C TYR J 72 39.64 7.41 19.28
N GLU J 73 40.61 6.76 18.64
CA GLU J 73 41.00 7.07 17.28
C GLU J 73 40.72 5.84 16.43
N SER J 74 40.26 6.05 15.21
CA SER J 74 39.94 4.94 14.33
C SER J 74 39.62 5.42 12.93
N PRO J 75 39.70 4.52 11.94
CA PRO J 75 39.38 4.96 10.58
C PRO J 75 37.87 5.22 10.65
N ALA J 76 37.36 6.15 9.86
CA ALA J 76 35.93 6.42 9.87
C ALA J 76 35.24 5.18 9.30
N ALA J 77 34.05 4.87 9.78
CA ALA J 77 33.33 3.70 9.29
C ALA J 77 33.10 3.81 7.79
N GLU J 78 32.94 5.05 7.32
CA GLU J 78 32.71 5.30 5.90
C GLU J 78 33.89 4.76 5.07
N ASP J 79 35.05 4.62 5.70
CA ASP J 79 36.23 4.11 5.02
C ASP J 79 36.48 2.64 5.36
N GLU J 80 36.39 2.32 6.65
CA GLU J 80 36.61 0.97 7.12
C GLU J 80 35.68 -0.06 6.46
N ALA J 81 34.42 0.32 6.28
CA ALA J 81 33.42 -0.56 5.69
C ALA J 81 33.68 -0.89 4.21
N PHE J 82 34.64 -0.18 3.61
CA PHE J 82 34.99 -0.42 2.22
C PHE J 82 36.45 -0.86 2.08
N GLY J 83 37.02 -1.29 3.20
CA GLY J 83 38.40 -1.77 3.21
C GLY J 83 39.48 -0.71 3.15
N ASN J 84 39.13 0.53 3.48
CA ASN J 84 40.09 1.63 3.44
C ASN J 84 40.40 2.09 4.87
N GLU J 85 41.55 1.66 5.38
CA GLU J 85 41.95 2.00 6.74
C GLU J 85 43.22 2.85 6.82
N GLU J 86 43.65 3.42 5.70
CA GLU J 86 44.85 4.22 5.70
C GLU J 86 44.73 5.56 6.43
N ASN J 87 43.50 6.03 6.61
CA ASN J 87 43.28 7.30 7.28
C ASN J 87 42.57 7.08 8.61
N VAL J 88 43.11 7.66 9.68
CA VAL J 88 42.53 7.52 11.00
C VAL J 88 42.17 8.88 11.55
N GLU J 89 41.03 8.98 12.23
CA GLU J 89 40.63 10.27 12.79
C GLU J 89 40.04 10.11 14.19
N TRP J 90 39.90 11.23 14.90
CA TRP J 90 39.36 11.21 16.25
C TRP J 90 37.85 11.04 16.29
N PHE J 91 37.38 10.29 17.28
CA PHE J 91 35.95 10.07 17.47
C PHE J 91 35.57 10.78 18.76
N TYR J 92 34.43 11.45 18.75
CA TYR J 92 33.99 12.20 19.91
C TYR J 92 32.61 11.76 20.38
N SER J 93 32.40 11.75 21.68
CA SER J 93 31.08 11.41 22.19
C SER J 93 30.43 12.78 22.40
N ILE J 94 29.29 13.00 21.74
CA ILE J 94 28.59 14.27 21.83
C ILE J 94 27.24 14.14 22.50
N VAL J 95 26.91 15.12 23.33
CA VAL J 95 25.63 15.14 24.03
C VAL J 95 24.71 16.21 23.43
N PHE J 96 23.51 15.80 23.05
CA PHE J 96 22.52 16.70 22.46
C PHE J 96 21.33 16.86 23.41
N ALA J 97 20.77 18.05 23.45
CA ALA J 97 19.58 18.29 24.26
C ALA J 97 18.46 17.72 23.39
N GLN J 98 17.56 16.92 23.95
CA GLN J 98 16.49 16.33 23.16
C GLN J 98 15.66 17.37 22.40
N LYS J 99 15.43 18.53 23.01
CA LYS J 99 14.65 19.57 22.35
C LYS J 99 15.34 20.10 21.08
N ASP J 100 16.64 19.90 20.95
CA ASP J 100 17.35 20.36 19.77
C ASP J 100 17.28 19.35 18.63
N LEU J 101 16.76 18.16 18.92
CA LEU J 101 16.64 17.14 17.91
C LEU J 101 15.18 17.00 17.46
N TRP J 102 14.29 16.95 18.44
CA TRP J 102 12.86 16.78 18.18
C TRP J 102 12.05 18.02 18.55
N PRO J 103 11.47 18.70 17.53
CA PRO J 103 10.68 19.92 17.75
C PRO J 103 9.54 19.76 18.76
N GLU J 104 8.98 18.57 18.86
CA GLU J 104 7.87 18.32 19.77
C GLU J 104 8.24 17.97 21.20
N TYR J 105 9.53 17.78 21.48
CA TYR J 105 9.93 17.41 22.83
C TYR J 105 9.38 18.41 23.85
N SER J 106 8.81 17.88 24.92
CA SER J 106 8.20 18.69 25.96
C SER J 106 9.17 19.40 26.91
N ASP J 107 8.86 20.66 27.22
CA ASP J 107 9.69 21.44 28.13
C ASP J 107 9.59 20.83 29.52
N THR J 108 8.59 19.98 29.75
CA THR J 108 8.41 19.34 31.04
C THR J 108 9.63 18.46 31.32
N PHE J 109 10.20 17.89 30.27
CA PHE J 109 11.37 17.03 30.39
C PHE J 109 12.57 17.79 29.80
N ALA J 110 12.76 19.00 30.30
CA ALA J 110 13.81 19.90 29.85
C ALA J 110 15.26 19.43 29.93
N ASN J 111 15.54 18.47 30.80
CA ASN J 111 16.92 18.02 30.94
C ASN J 111 17.31 16.75 30.18
N ASP J 112 16.36 16.15 29.48
CA ASP J 112 16.64 14.93 28.72
C ASP J 112 17.67 15.17 27.61
N THR J 113 18.52 14.19 27.40
CA THR J 113 19.57 14.30 26.39
C THR J 113 19.78 13.01 25.61
N LEU J 114 20.66 13.10 24.62
CA LEU J 114 21.02 11.95 23.78
C LEU J 114 22.52 12.02 23.55
N GLU J 115 23.22 10.92 23.81
CA GLU J 115 24.67 10.87 23.63
C GLU J 115 25.01 9.85 22.55
N THR J 116 25.86 10.23 21.61
CA THR J 116 26.26 9.32 20.54
C THR J 116 27.65 9.73 20.03
N GLU J 117 28.30 8.87 19.27
CA GLU J 117 29.64 9.16 18.78
C GLU J 117 29.70 9.58 17.31
N ILE J 118 30.54 10.57 17.03
CA ILE J 118 30.70 11.11 15.68
C ILE J 118 32.16 11.36 15.36
N PRO J 119 32.63 10.90 14.18
CA PRO J 119 34.03 11.12 13.82
C PRO J 119 34.25 12.59 13.48
N GLU J 120 35.47 13.06 13.69
CA GLU J 120 35.83 14.46 13.45
C GLU J 120 35.35 15.10 12.14
N ARG J 121 35.34 14.33 11.07
CA ARG J 121 34.94 14.87 9.76
C ARG J 121 33.55 15.50 9.74
N TYR J 122 32.68 15.11 10.64
CA TYR J 122 31.31 15.64 10.69
C TYR J 122 31.15 16.85 11.59
N LEU J 123 32.21 17.24 12.29
CA LEU J 123 32.11 18.35 13.22
C LEU J 123 32.65 19.69 12.76
N GLU J 124 31.96 20.75 13.18
CA GLU J 124 32.37 22.11 12.90
C GLU J 124 32.03 22.92 14.13
N LYS J 125 32.90 23.88 14.47
CA LYS J 125 32.69 24.71 15.64
C LYS J 125 31.30 25.32 15.62
N ALA J 126 30.61 25.28 16.76
CA ALA J 126 29.28 25.84 16.87
C ALA J 126 29.37 27.18 17.58
N SER K 3 -12.00 -14.01 27.26
CA SER K 3 -10.74 -14.71 26.86
C SER K 3 -10.80 -15.04 25.38
N SER K 4 -11.68 -15.95 24.99
CA SER K 4 -11.81 -16.28 23.58
C SER K 4 -12.37 -15.03 22.91
N ILE K 5 -13.19 -14.28 23.65
CA ILE K 5 -13.76 -13.05 23.14
C ILE K 5 -12.63 -12.02 23.04
N ARG K 6 -11.85 -11.91 24.11
CA ARG K 6 -10.74 -10.96 24.14
C ARG K 6 -9.72 -11.28 23.04
N GLU K 7 -9.48 -12.56 22.80
CA GLU K 7 -8.53 -12.93 21.75
C GLU K 7 -9.08 -12.48 20.39
N GLU K 8 -10.38 -12.60 20.21
CA GLU K 8 -10.98 -12.18 18.94
C GLU K 8 -10.95 -10.66 18.84
N VAL K 9 -11.11 -9.98 19.98
CA VAL K 9 -11.08 -8.53 20.01
C VAL K 9 -9.69 -8.06 19.57
N HIS K 10 -8.66 -8.65 20.16
CA HIS K 10 -7.30 -8.27 19.82
C HIS K 10 -6.92 -8.63 18.38
N ARG K 11 -7.40 -9.76 17.88
CA ARG K 11 -7.11 -10.12 16.49
C ARG K 11 -7.74 -9.06 15.58
N HIS K 12 -8.93 -8.61 15.95
CA HIS K 12 -9.63 -7.60 15.18
C HIS K 12 -8.88 -6.28 15.15
N LEU K 13 -8.41 -5.83 16.32
CA LEU K 13 -7.68 -4.58 16.41
C LEU K 13 -6.44 -4.60 15.53
N GLY K 14 -5.80 -5.75 15.43
CA GLY K 14 -4.62 -5.87 14.60
C GLY K 14 -4.96 -6.03 13.13
N THR K 15 -6.05 -6.73 12.86
CA THR K 15 -6.48 -6.99 11.49
C THR K 15 -6.92 -5.75 10.71
N VAL K 16 -7.66 -4.85 11.35
CA VAL K 16 -8.14 -3.66 10.67
C VAL K 16 -7.03 -2.74 10.15
N ALA K 17 -5.82 -2.90 10.67
CA ALA K 17 -4.70 -2.08 10.22
C ALA K 17 -4.41 -2.40 8.75
N LEU K 18 -4.70 -3.63 8.33
CA LEU K 18 -4.46 -4.05 6.95
C LEU K 18 -5.35 -3.23 6.00
N MET K 19 -6.48 -2.76 6.52
CA MET K 19 -7.44 -2.01 5.73
C MET K 19 -7.32 -0.49 5.84
N GLN K 20 -6.34 -0.02 6.60
CA GLN K 20 -6.10 1.42 6.75
C GLN K 20 -6.03 2.05 5.37
N PRO K 21 -6.91 3.01 5.07
CA PRO K 21 -6.91 3.69 3.76
C PRO K 21 -5.63 4.45 3.47
N ALA K 22 -5.27 4.51 2.19
CA ALA K 22 -4.06 5.22 1.79
C ALA K 22 -4.09 5.53 0.32
N LEU K 23 -3.24 6.46 -0.08
CA LEU K 23 -3.11 6.80 -1.50
C LEU K 23 -1.87 5.98 -1.85
N HIS K 24 -2.12 4.85 -2.49
CA HIS K 24 -1.07 3.91 -2.87
C HIS K 24 -0.61 4.11 -4.31
N GLN K 25 0.55 4.75 -4.45
CA GLN K 25 1.13 5.04 -5.77
C GLN K 25 2.23 4.07 -6.15
N GLN K 26 1.92 3.11 -7.03
CA GLN K 26 2.95 2.16 -7.45
C GLN K 26 3.98 2.92 -8.29
N THR K 27 5.25 2.55 -8.12
CA THR K 27 6.31 3.20 -8.88
C THR K 27 6.92 2.20 -9.86
N HIS K 28 6.89 2.54 -11.14
CA HIS K 28 7.42 1.67 -12.17
C HIS K 28 8.50 2.40 -12.97
N ALA K 29 9.68 2.52 -12.38
CA ALA K 29 10.79 3.18 -13.05
C ALA K 29 10.39 4.56 -13.60
N PRO K 30 9.97 5.48 -12.72
CA PRO K 30 9.57 6.82 -13.18
C PRO K 30 10.73 7.61 -13.78
N ALA K 31 10.38 8.57 -14.63
CA ALA K 31 11.37 9.42 -15.29
C ALA K 31 12.09 10.32 -14.27
N PRO K 32 13.32 10.76 -14.59
CA PRO K 32 14.10 11.62 -13.72
C PRO K 32 13.31 12.85 -13.26
N THR K 33 12.43 13.34 -14.12
CA THR K 33 11.61 14.51 -13.82
C THR K 33 10.57 14.24 -12.73
N GLU K 34 10.40 12.98 -12.35
CA GLU K 34 9.44 12.61 -11.30
C GLU K 34 10.12 12.48 -9.95
N ILE K 35 11.44 12.64 -9.94
CA ILE K 35 12.21 12.49 -8.72
C ILE K 35 12.59 13.86 -8.17
N THR K 36 12.03 14.22 -7.03
CA THR K 36 12.34 15.49 -6.38
C THR K 36 13.58 15.24 -5.53
N HIS K 37 14.19 16.31 -5.02
CA HIS K 37 15.36 16.13 -4.17
C HIS K 37 14.98 15.32 -2.96
N THR K 38 13.78 15.57 -2.42
CA THR K 38 13.31 14.86 -1.23
C THR K 38 13.22 13.36 -1.51
N LEU K 39 12.71 12.98 -2.67
CA LEU K 39 12.61 11.57 -3.02
C LEU K 39 13.98 10.99 -3.28
N PHE K 40 14.86 11.79 -3.89
CA PHE K 40 16.21 11.33 -4.18
C PHE K 40 16.90 10.96 -2.88
N ARG K 41 16.77 11.81 -1.87
CA ARG K 41 17.40 11.54 -0.57
C ARG K 41 16.78 10.32 0.11
N ALA K 42 15.47 10.17 -0.02
CA ALA K 42 14.78 9.03 0.58
C ALA K 42 15.14 7.72 -0.11
N TYR K 43 15.25 7.73 -1.44
CA TYR K 43 15.60 6.51 -2.16
C TYR K 43 17.07 6.10 -1.98
N THR K 44 17.97 7.07 -1.93
CA THR K 44 19.39 6.79 -1.78
C THR K 44 19.85 6.72 -0.33
N ARG K 45 18.89 6.78 0.59
CA ARG K 45 19.14 6.69 2.03
C ARG K 45 19.92 5.41 2.32
N VAL K 46 20.49 5.35 3.52
CA VAL K 46 21.19 4.15 3.97
C VAL K 46 20.09 3.49 4.82
N PRO K 47 19.55 2.35 4.36
CA PRO K 47 18.49 1.58 5.03
C PRO K 47 18.52 1.41 6.54
N HIS K 48 19.71 1.26 7.13
CA HIS K 48 19.82 1.03 8.56
C HIS K 48 19.57 2.26 9.46
N ASP K 49 19.58 3.44 8.86
CA ASP K 49 19.40 4.69 9.60
C ASP K 49 17.92 5.00 9.85
N VAL K 50 17.33 4.33 10.84
CA VAL K 50 15.90 4.49 11.15
C VAL K 50 15.55 5.32 12.39
N GLY K 51 16.54 5.73 13.17
CA GLY K 51 16.26 6.49 14.37
C GLY K 51 15.42 7.75 14.15
N GLY K 52 14.37 7.91 14.95
CA GLY K 52 13.53 9.08 14.83
C GLY K 52 12.27 8.85 14.00
N GLU K 53 12.26 7.76 13.23
CA GLU K 53 11.08 7.43 12.41
C GLU K 53 9.92 7.08 13.32
N ALA K 54 8.73 7.59 12.98
CA ALA K 54 7.55 7.30 13.78
C ALA K 54 7.18 5.84 13.64
N ASP K 55 6.83 5.22 14.76
CA ASP K 55 6.43 3.81 14.74
C ASP K 55 5.41 3.68 15.86
N VAL K 56 4.72 2.54 15.91
CA VAL K 56 3.70 2.32 16.93
C VAL K 56 4.21 1.54 18.14
N PRO K 57 3.40 1.46 19.19
CA PRO K 57 3.86 0.71 20.36
C PRO K 57 3.57 -0.76 20.08
N ILE K 58 4.47 -1.65 20.46
CA ILE K 58 4.22 -3.08 20.28
C ILE K 58 4.66 -3.74 21.56
N GLU K 59 4.01 -4.85 21.90
CA GLU K 59 4.37 -5.58 23.11
C GLU K 59 5.64 -6.36 22.75
N TYR K 60 6.78 -5.85 23.20
CA TYR K 60 8.07 -6.47 22.92
C TYR K 60 8.15 -7.90 23.43
N HIS K 61 8.69 -8.77 22.59
CA HIS K 61 8.84 -10.17 22.95
C HIS K 61 10.29 -10.63 22.86
N GLU K 62 10.60 -11.71 23.56
CA GLU K 62 11.93 -12.31 23.51
C GLU K 62 11.74 -13.37 22.42
N LYS K 63 12.83 -13.81 21.79
CA LYS K 63 12.69 -14.84 20.79
C LYS K 63 13.75 -15.91 20.99
N GLU K 64 13.30 -17.15 20.91
CA GLU K 64 14.14 -18.32 21.05
C GLU K 64 15.13 -18.31 19.90
N GLU K 65 16.39 -18.64 20.17
CA GLU K 65 17.42 -18.66 19.15
C GLU K 65 17.34 -19.94 18.31
N GLU K 66 17.35 -19.79 16.99
CA GLU K 66 17.31 -20.94 16.09
C GLU K 66 18.72 -21.50 16.01
N ILE K 67 18.86 -22.80 15.80
CA ILE K 67 20.19 -23.39 15.68
C ILE K 67 20.93 -22.76 14.51
N TRP K 68 20.23 -22.55 13.39
CA TRP K 68 20.90 -21.94 12.23
C TRP K 68 21.32 -20.50 12.50
N GLU K 69 20.63 -19.83 13.42
CA GLU K 69 20.99 -18.46 13.76
C GLU K 69 22.30 -18.43 14.53
N LEU K 70 22.45 -19.34 15.49
CA LEU K 70 23.69 -19.40 16.25
C LEU K 70 24.84 -19.76 15.32
N ASN K 71 24.62 -20.69 14.39
CA ASN K 71 25.67 -21.07 13.45
C ASN K 71 26.02 -19.93 12.51
N THR K 72 25.02 -19.14 12.13
CA THR K 72 25.24 -18.00 11.24
C THR K 72 26.09 -16.96 11.95
N PHE K 73 25.77 -16.70 13.22
CA PHE K 73 26.51 -15.74 14.02
C PHE K 73 27.96 -16.18 14.12
N ALA K 74 28.16 -17.44 14.44
CA ALA K 74 29.52 -18.00 14.58
C ALA K 74 30.27 -17.87 13.25
N THR K 75 29.60 -18.20 12.16
CA THR K 75 30.23 -18.11 10.84
C THR K 75 30.67 -16.67 10.53
N CYS K 76 29.79 -15.71 10.81
CA CYS K 76 30.12 -14.31 10.53
C CYS K 76 31.27 -13.78 11.38
N GLU K 77 31.34 -14.17 12.65
CA GLU K 77 32.44 -13.73 13.50
C GLU K 77 33.72 -14.47 13.13
N CYS K 78 33.60 -15.73 12.72
CA CYS K 78 34.77 -16.50 12.32
C CYS K 78 35.36 -15.93 11.03
N LEU K 79 34.49 -15.51 10.12
CA LEU K 79 34.95 -14.93 8.85
C LEU K 79 35.72 -13.64 9.12
N ALA K 80 35.28 -12.87 10.12
CA ALA K 80 35.95 -11.63 10.45
C ALA K 80 37.24 -11.96 11.20
N TRP K 81 37.13 -12.88 12.15
CA TRP K 81 38.28 -13.32 12.93
C TRP K 81 39.42 -13.74 12.00
N ARG K 82 39.10 -14.49 10.95
CA ARG K 82 40.12 -14.96 10.02
C ARG K 82 40.44 -14.04 8.84
N GLY K 83 40.03 -12.78 8.93
CA GLY K 83 40.36 -11.82 7.89
C GLY K 83 39.59 -11.72 6.58
N VAL K 84 38.49 -12.44 6.43
CA VAL K 84 37.72 -12.34 5.19
C VAL K 84 37.09 -10.94 5.12
N TRP K 85 36.77 -10.38 6.27
CA TRP K 85 36.21 -9.03 6.35
C TRP K 85 36.28 -8.50 7.76
N THR K 86 35.99 -7.21 7.93
CA THR K 86 35.96 -6.60 9.25
C THR K 86 34.47 -6.47 9.55
N ALA K 87 34.11 -6.27 10.81
CA ALA K 87 32.71 -6.14 11.18
C ALA K 87 32.04 -4.98 10.43
N GLU K 88 32.76 -3.88 10.24
CA GLU K 88 32.18 -2.75 9.53
C GLU K 88 31.82 -3.08 8.09
N GLU K 89 32.65 -3.86 7.41
CA GLU K 89 32.34 -4.25 6.04
C GLU K 89 31.05 -5.07 6.09
N ARG K 90 30.90 -5.91 7.11
CA ARG K 90 29.69 -6.73 7.25
C ARG K 90 28.46 -5.86 7.44
N ARG K 91 28.52 -4.90 8.36
CA ARG K 91 27.38 -4.03 8.62
C ARG K 91 26.95 -3.30 7.36
N ARG K 92 27.91 -2.74 6.64
CA ARG K 92 27.61 -2.03 5.41
C ARG K 92 26.93 -2.94 4.38
N LYS K 93 27.44 -4.15 4.21
CA LYS K 93 26.85 -5.09 3.25
C LYS K 93 25.53 -5.69 3.74
N GLN K 94 25.47 -5.98 5.02
CA GLN K 94 24.32 -6.62 5.65
C GLN K 94 23.13 -5.73 6.00
N ASN K 95 23.43 -4.53 6.51
CA ASN K 95 22.37 -3.62 6.93
C ASN K 95 22.07 -2.48 5.98
N CYS K 96 22.84 -2.37 4.90
CA CYS K 96 22.63 -1.29 3.96
C CYS K 96 22.55 -1.76 2.51
N ASP K 97 23.57 -2.48 2.05
CA ASP K 97 23.59 -2.95 0.67
C ASP K 97 22.41 -3.85 0.29
N VAL K 98 21.82 -4.55 1.26
CA VAL K 98 20.70 -5.43 0.95
C VAL K 98 19.47 -4.71 0.41
N GLY K 99 19.43 -3.39 0.59
CA GLY K 99 18.30 -2.63 0.08
C GLY K 99 17.11 -2.58 1.02
N GLN K 100 16.30 -1.54 0.84
CA GLN K 100 15.12 -1.29 1.65
C GLN K 100 14.15 -2.47 1.83
N THR K 101 13.75 -3.10 0.74
CA THR K 101 12.79 -4.23 0.81
C THR K 101 13.26 -5.41 1.65
N VAL K 102 14.43 -5.94 1.31
CA VAL K 102 14.97 -7.08 2.05
C VAL K 102 15.31 -6.67 3.49
N TYR K 103 15.77 -5.43 3.66
CA TYR K 103 16.13 -4.95 4.98
C TYR K 103 15.02 -5.05 6.02
N LEU K 104 13.78 -4.84 5.61
CA LEU K 104 12.66 -4.92 6.56
C LEU K 104 11.71 -6.09 6.32
N GLY K 105 11.79 -6.73 5.16
CA GLY K 105 10.90 -7.84 4.88
C GLY K 105 11.44 -9.20 5.32
N MET K 106 12.76 -9.33 5.38
CA MET K 106 13.38 -10.58 5.79
C MET K 106 13.81 -10.51 7.25
N PRO K 107 14.12 -11.67 7.85
CA PRO K 107 14.54 -11.69 9.25
C PRO K 107 15.96 -11.21 9.47
N TYR K 108 16.20 -10.68 10.67
CA TYR K 108 17.50 -10.19 11.12
C TYR K 108 18.62 -11.14 10.71
N TYR K 109 18.63 -12.35 11.27
CA TYR K 109 19.67 -13.31 10.95
C TYR K 109 19.61 -13.82 9.52
N GLY K 110 18.47 -13.59 8.86
CA GLY K 110 18.35 -14.01 7.48
C GLY K 110 19.28 -13.13 6.66
N ARG K 111 19.35 -11.85 7.03
CA ARG K 111 20.22 -10.90 6.33
C ARG K 111 21.68 -11.22 6.63
N TRP K 112 21.97 -11.63 7.86
CA TRP K 112 23.33 -12.00 8.24
C TRP K 112 23.80 -13.14 7.34
N LEU K 113 22.96 -14.16 7.20
CA LEU K 113 23.28 -15.35 6.41
C LEU K 113 23.47 -15.03 4.93
N LEU K 114 22.50 -14.32 4.35
CA LEU K 114 22.58 -13.93 2.95
C LEU K 114 23.89 -13.17 2.69
N THR K 115 24.23 -12.29 3.63
CA THR K 115 25.42 -11.47 3.51
C THR K 115 26.72 -12.27 3.70
N ALA K 116 26.65 -13.34 4.49
CA ALA K 116 27.83 -14.18 4.70
C ALA K 116 28.09 -14.89 3.37
N ALA K 117 27.02 -15.32 2.71
CA ALA K 117 27.14 -15.98 1.42
C ALA K 117 27.67 -14.96 0.40
N ARG K 118 27.20 -13.73 0.54
CA ARG K 118 27.57 -12.66 -0.35
C ARG K 118 29.07 -12.33 -0.30
N ILE K 119 29.63 -12.22 0.89
CA ILE K 119 31.05 -11.89 1.01
C ILE K 119 31.92 -12.96 0.32
N LEU K 120 31.52 -14.23 0.41
CA LEU K 120 32.27 -15.30 -0.24
C LEU K 120 32.34 -15.09 -1.76
N VAL K 121 31.23 -14.65 -2.34
CA VAL K 121 31.14 -14.42 -3.78
C VAL K 121 31.78 -13.11 -4.23
N ASP K 122 31.50 -12.03 -3.52
CA ASP K 122 32.04 -10.73 -3.88
C ASP K 122 33.55 -10.64 -3.80
N LYS K 123 34.17 -11.37 -2.86
CA LYS K 123 35.63 -11.34 -2.76
C LYS K 123 36.23 -12.53 -3.49
N GLN K 124 35.40 -13.19 -4.29
CA GLN K 124 35.80 -14.33 -5.10
C GLN K 124 36.47 -15.51 -4.41
N PHE K 125 36.04 -15.82 -3.18
CA PHE K 125 36.61 -16.97 -2.48
C PHE K 125 35.89 -18.20 -3.01
N VAL K 126 34.71 -17.98 -3.57
CA VAL K 126 33.90 -19.02 -4.20
C VAL K 126 33.23 -18.33 -5.38
N THR K 127 32.94 -19.08 -6.43
CA THR K 127 32.26 -18.50 -7.59
C THR K 127 30.77 -18.65 -7.27
N LEU K 128 29.92 -17.85 -7.91
CA LEU K 128 28.49 -17.97 -7.66
C LEU K 128 28.05 -19.37 -8.06
N THR K 129 28.72 -19.92 -9.08
CA THR K 129 28.41 -21.26 -9.57
C THR K 129 28.64 -22.28 -8.45
N GLU K 130 29.73 -22.12 -7.70
CA GLU K 130 30.01 -23.02 -6.61
C GLU K 130 28.92 -22.89 -5.54
N LEU K 131 28.49 -21.67 -5.27
CA LEU K 131 27.45 -21.45 -4.29
C LEU K 131 26.15 -22.12 -4.75
N HIS K 132 25.76 -21.87 -6.00
CA HIS K 132 24.55 -22.46 -6.55
C HIS K 132 24.61 -23.99 -6.51
N ASN K 133 25.75 -24.55 -6.91
CA ASN K 133 25.89 -26.00 -6.90
C ASN K 133 25.85 -26.55 -5.48
N LYS K 134 26.38 -25.79 -4.54
CA LYS K 134 26.40 -26.23 -3.14
C LYS K 134 24.98 -26.28 -2.59
N ILE K 135 24.15 -25.29 -2.93
CA ILE K 135 22.77 -25.28 -2.48
C ILE K 135 22.06 -26.50 -3.03
N VAL K 136 22.34 -26.83 -4.29
CA VAL K 136 21.73 -28.01 -4.91
C VAL K 136 22.15 -29.23 -4.10
N GLU K 137 23.42 -29.29 -3.73
CA GLU K 137 23.98 -30.40 -2.97
C GLU K 137 23.26 -30.59 -1.63
N MET K 138 23.04 -29.50 -0.90
CA MET K 138 22.37 -29.58 0.39
C MET K 138 20.95 -30.11 0.22
N ARG K 139 20.25 -29.62 -0.81
CA ARG K 139 18.89 -30.07 -1.06
C ARG K 139 18.83 -31.55 -1.40
N GLU K 140 19.77 -32.02 -2.20
CA GLU K 140 19.79 -33.43 -2.59
C GLU K 140 20.14 -34.30 -1.37
N ARG K 141 20.99 -33.76 -0.50
CA ARG K 141 21.41 -34.48 0.70
C ARG K 141 20.18 -34.74 1.55
N VAL K 142 19.30 -33.74 1.63
CA VAL K 142 18.07 -33.85 2.39
C VAL K 142 17.12 -34.83 1.70
N ALA K 143 16.90 -34.61 0.41
CA ALA K 143 16.01 -35.45 -0.38
C ALA K 143 16.43 -36.92 -0.40
N SER K 144 17.73 -37.17 -0.41
CA SER K 144 18.23 -38.54 -0.44
C SER K 144 18.21 -39.19 0.94
N GLY K 145 17.77 -38.45 1.95
CA GLY K 145 17.69 -38.99 3.30
C GLY K 145 19.03 -39.13 4.00
N GLN K 146 20.02 -38.38 3.55
CA GLN K 146 21.36 -38.44 4.17
C GLN K 146 21.48 -37.46 5.32
N GLY K 147 20.39 -36.77 5.63
CA GLY K 147 20.41 -35.81 6.72
C GLY K 147 21.11 -34.51 6.38
N LEU K 148 20.94 -33.50 7.22
CA LEU K 148 21.56 -32.20 7.00
C LEU K 148 22.15 -31.68 8.31
N GLY K 149 23.43 -31.94 8.51
CA GLY K 149 24.09 -31.48 9.73
C GLY K 149 23.27 -31.83 10.95
N GLU K 150 23.18 -30.88 11.90
CA GLU K 150 22.43 -31.09 13.12
C GLU K 150 20.96 -30.73 12.97
N TYR K 151 20.57 -30.31 11.77
CA TYR K 151 19.19 -29.93 11.52
C TYR K 151 18.30 -31.13 11.23
N LEU K 152 18.85 -32.13 10.56
CA LEU K 152 18.08 -33.32 10.21
C LEU K 152 18.94 -34.57 10.19
N PRO K 153 18.61 -35.54 11.05
CA PRO K 153 19.40 -36.78 11.07
C PRO K 153 19.10 -37.60 9.82
N PRO K 154 20.08 -38.39 9.35
CA PRO K 154 19.83 -39.20 8.16
C PRO K 154 18.75 -40.26 8.37
N VAL L 24 13.29 -29.06 6.97
CA VAL L 24 14.42 -28.08 6.90
C VAL L 24 14.02 -26.83 6.11
N SER L 25 14.38 -25.66 6.62
CA SER L 25 14.04 -24.40 5.95
C SER L 25 15.10 -23.97 4.95
N ASP L 26 14.78 -22.93 4.18
CA ASP L 26 15.70 -22.39 3.21
C ASP L 26 16.92 -21.81 3.94
N PHE L 27 16.67 -21.30 5.15
CA PHE L 27 17.75 -20.73 5.95
C PHE L 27 18.75 -21.78 6.39
N GLU L 28 18.24 -22.97 6.75
CA GLU L 28 19.12 -24.04 7.18
C GLU L 28 19.93 -24.60 6.00
N ILE L 29 19.30 -24.69 4.83
CA ILE L 29 20.00 -25.17 3.65
C ILE L 29 21.14 -24.21 3.29
N LEU L 30 20.87 -22.91 3.33
CA LEU L 30 21.88 -21.92 3.01
C LEU L 30 22.97 -21.84 4.08
N GLU L 31 22.59 -22.00 5.35
CA GLU L 31 23.58 -21.95 6.42
C GLU L 31 24.58 -23.09 6.22
N MET L 32 24.08 -24.28 5.95
CA MET L 32 24.95 -25.44 5.70
C MET L 32 25.87 -25.17 4.53
N ALA L 33 25.29 -24.66 3.44
CA ALA L 33 26.05 -24.37 2.22
C ALA L 33 27.19 -23.39 2.48
N VAL L 34 26.87 -22.27 3.12
CA VAL L 34 27.88 -21.24 3.41
C VAL L 34 28.99 -21.77 4.30
N ARG L 35 28.62 -22.46 5.37
CA ARG L 35 29.60 -22.98 6.31
C ARG L 35 30.52 -23.99 5.64
N GLU L 36 29.95 -24.93 4.90
CA GLU L 36 30.78 -25.92 4.24
C GLU L 36 31.73 -25.29 3.23
N LEU L 37 31.25 -24.33 2.45
CA LEU L 37 32.10 -23.68 1.45
C LEU L 37 33.24 -22.90 2.11
N ALA L 38 32.94 -22.18 3.19
CA ALA L 38 33.96 -21.41 3.88
C ALA L 38 35.07 -22.34 4.38
N ILE L 39 34.68 -23.47 4.96
CA ILE L 39 35.65 -24.43 5.48
C ILE L 39 36.41 -25.09 4.33
N GLU L 40 35.72 -25.42 3.26
CA GLU L 40 36.35 -26.05 2.09
C GLU L 40 37.40 -25.13 1.47
N LYS L 41 37.16 -23.82 1.53
CA LYS L 41 38.10 -22.85 0.96
C LYS L 41 39.16 -22.39 1.96
N GLY L 42 39.13 -22.96 3.17
CA GLY L 42 40.10 -22.59 4.18
C GLY L 42 39.95 -21.19 4.75
N LEU L 43 38.74 -20.64 4.72
CA LEU L 43 38.52 -19.31 5.27
C LEU L 43 38.58 -19.42 6.79
N PHE L 44 37.97 -20.48 7.32
CA PHE L 44 38.02 -20.78 8.74
C PHE L 44 37.80 -22.29 8.83
N SER L 45 38.21 -22.89 9.94
CA SER L 45 38.09 -24.33 10.10
C SER L 45 36.87 -24.76 10.90
N ALA L 46 36.61 -26.07 10.88
CA ALA L 46 35.49 -26.62 11.63
C ALA L 46 35.76 -26.31 13.10
N GLU L 47 37.03 -26.39 13.48
CA GLU L 47 37.44 -26.10 14.86
C GLU L 47 37.14 -24.65 15.23
N ASP L 48 37.48 -23.72 14.34
CA ASP L 48 37.23 -22.30 14.61
C ASP L 48 35.75 -22.08 14.92
N HIS L 49 34.88 -22.68 14.11
CA HIS L 49 33.45 -22.52 14.28
C HIS L 49 32.99 -23.03 15.64
N ARG L 50 33.44 -24.23 16.01
CA ARG L 50 33.07 -24.79 17.31
C ARG L 50 33.65 -23.91 18.42
N VAL L 51 34.85 -23.38 18.19
CA VAL L 51 35.50 -22.52 19.17
C VAL L 51 34.65 -21.27 19.43
N TRP L 52 34.11 -20.66 18.38
CA TRP L 52 33.30 -19.48 18.58
C TRP L 52 31.99 -19.78 19.29
N LYS L 53 31.37 -20.88 18.91
CA LYS L 53 30.11 -21.25 19.55
C LYS L 53 30.37 -21.54 21.04
N ASP L 54 31.49 -22.16 21.36
CA ASP L 54 31.79 -22.44 22.77
C ASP L 54 31.99 -21.15 23.54
N TYR L 55 32.65 -20.17 22.91
CA TYR L 55 32.89 -18.88 23.55
C TYR L 55 31.54 -18.23 23.84
N VAL L 56 30.68 -18.18 22.83
CA VAL L 56 29.35 -17.61 22.98
C VAL L 56 28.63 -18.26 24.16
N HIS L 57 28.80 -19.57 24.31
CA HIS L 57 28.15 -20.29 25.39
C HIS L 57 28.68 -19.89 26.78
N THR L 58 29.85 -19.25 26.82
CA THR L 58 30.43 -18.83 28.08
C THR L 58 29.91 -17.44 28.48
N LEU L 59 29.26 -16.77 27.53
CA LEU L 59 28.77 -15.42 27.79
C LEU L 59 27.44 -15.36 28.53
N GLY L 60 27.22 -14.23 29.20
CA GLY L 60 26.02 -14.03 29.98
C GLY L 60 26.02 -12.66 30.62
N PRO L 61 24.92 -12.27 31.28
CA PRO L 61 24.85 -10.95 31.92
C PRO L 61 25.50 -10.83 33.30
N LEU L 62 25.90 -11.95 33.91
CA LEU L 62 26.49 -11.90 35.25
C LEU L 62 27.74 -11.03 35.43
N PRO L 63 28.70 -11.11 34.50
CA PRO L 63 29.90 -10.28 34.68
C PRO L 63 29.56 -8.79 34.83
N ALA L 64 28.68 -8.30 33.97
CA ALA L 64 28.26 -6.90 34.00
C ALA L 64 27.56 -6.57 35.32
N ALA L 65 26.74 -7.51 35.79
CA ALA L 65 26.02 -7.33 37.05
C ALA L 65 27.01 -7.24 38.21
N ARG L 66 28.04 -8.07 38.16
CA ARG L 66 29.05 -8.08 39.21
C ARG L 66 29.85 -6.78 39.21
N LEU L 67 30.08 -6.22 38.03
CA LEU L 67 30.83 -4.98 37.92
C LEU L 67 30.03 -3.88 38.65
N VAL L 68 28.72 -3.89 38.46
CA VAL L 68 27.87 -2.91 39.11
C VAL L 68 27.90 -3.10 40.63
N ALA L 69 27.77 -4.34 41.08
CA ALA L 69 27.80 -4.62 42.51
C ALA L 69 29.12 -4.18 43.12
N LYS L 70 30.23 -4.49 42.45
CA LYS L 70 31.54 -4.10 42.95
C LYS L 70 31.65 -2.57 43.03
N ALA L 71 31.10 -1.89 42.03
CA ALA L 71 31.15 -0.42 42.00
C ALA L 71 30.33 0.17 43.14
N TRP L 72 29.20 -0.45 43.46
CA TRP L 72 28.35 0.03 44.55
C TRP L 72 29.08 -0.11 45.89
N LEU L 73 29.93 -1.13 46.00
CA LEU L 73 30.65 -1.39 47.23
C LEU L 73 32.06 -0.79 47.33
N ASP L 74 32.56 -0.21 46.24
CA ASP L 74 33.90 0.37 46.25
C ASP L 74 33.94 1.66 45.41
N PRO L 75 33.91 2.82 46.09
CA PRO L 75 33.94 4.12 45.42
C PRO L 75 35.08 4.31 44.43
N GLU L 76 36.25 3.77 44.74
CA GLU L 76 37.39 3.88 43.84
C GLU L 76 37.16 3.07 42.57
N TYR L 77 36.60 1.88 42.73
CA TYR L 77 36.32 1.04 41.57
C TYR L 77 35.23 1.69 40.73
N LYS L 78 34.27 2.32 41.38
CA LYS L 78 33.20 2.98 40.62
C LYS L 78 33.81 4.08 39.75
N LYS L 79 34.77 4.81 40.30
CA LYS L 79 35.44 5.87 39.55
C LYS L 79 36.12 5.27 38.33
N LEU L 80 36.77 4.12 38.52
CA LEU L 80 37.46 3.46 37.42
C LEU L 80 36.44 3.05 36.34
N CYS L 81 35.31 2.52 36.77
CA CYS L 81 34.26 2.09 35.84
C CYS L 81 33.83 3.24 34.93
N ILE L 82 33.59 4.40 35.53
CA ILE L 82 33.14 5.58 34.80
C ILE L 82 34.18 6.13 33.83
N GLU L 83 35.44 6.11 34.24
CA GLU L 83 36.51 6.66 33.42
C GLU L 83 37.13 5.69 32.41
N ASP L 84 37.21 4.42 32.78
CA ASP L 84 37.84 3.43 31.92
C ASP L 84 37.14 2.08 32.06
N GLY L 85 36.02 1.92 31.36
CA GLY L 85 35.26 0.68 31.42
C GLY L 85 36.06 -0.55 31.03
N VAL L 86 36.95 -0.39 30.07
CA VAL L 86 37.78 -1.50 29.60
C VAL L 86 38.66 -2.04 30.73
N GLU L 87 39.31 -1.15 31.46
CA GLU L 87 40.17 -1.55 32.57
C GLU L 87 39.34 -2.13 33.72
N ALA L 88 38.21 -1.50 34.00
CA ALA L 88 37.32 -1.97 35.06
C ALA L 88 36.80 -3.38 34.80
N SER L 89 36.54 -3.69 33.54
CA SER L 89 36.01 -5.00 33.17
C SER L 89 36.92 -6.17 33.57
N LYS L 90 38.22 -5.91 33.65
CA LYS L 90 39.18 -6.96 34.01
C LYS L 90 38.88 -7.49 35.41
N ALA L 91 38.31 -6.65 36.27
CA ALA L 91 38.00 -7.04 37.64
C ALA L 91 36.97 -8.17 37.70
N VAL L 92 36.13 -8.28 36.67
CA VAL L 92 35.13 -9.34 36.64
C VAL L 92 35.52 -10.45 35.66
N GLY L 93 36.80 -10.51 35.33
CA GLY L 93 37.30 -11.55 34.45
C GLY L 93 37.10 -11.40 32.95
N VAL L 94 36.50 -10.29 32.53
CA VAL L 94 36.28 -10.09 31.10
C VAL L 94 37.24 -9.07 30.53
N ASN L 95 38.31 -9.55 29.90
CA ASN L 95 39.29 -8.67 29.27
C ASN L 95 38.81 -8.54 27.84
N TRP L 96 38.33 -7.36 27.47
CA TRP L 96 37.81 -7.14 26.14
C TRP L 96 38.76 -7.46 25.00
N VAL L 97 40.06 -7.46 25.28
CA VAL L 97 41.05 -7.76 24.25
C VAL L 97 41.44 -9.23 24.22
N THR L 98 41.81 -9.77 25.38
CA THR L 98 42.27 -11.16 25.45
C THR L 98 41.29 -12.27 25.82
N SER L 99 40.09 -11.93 26.28
CA SER L 99 39.12 -12.96 26.63
C SER L 99 38.54 -13.63 25.39
N PRO L 100 38.24 -12.84 24.33
CA PRO L 100 37.69 -13.46 23.12
C PRO L 100 38.75 -14.32 22.42
N PRO L 101 38.30 -15.36 21.69
CA PRO L 101 39.20 -16.27 20.97
C PRO L 101 40.21 -15.58 20.05
N THR L 102 39.82 -14.43 19.50
CA THR L 102 40.67 -13.66 18.58
C THR L 102 41.94 -13.07 19.20
N GLN L 103 41.85 -12.75 20.48
CA GLN L 103 42.94 -12.13 21.22
C GLN L 103 43.10 -10.67 20.76
N PHE L 104 42.05 -10.11 20.16
CA PHE L 104 42.04 -8.71 19.75
C PHE L 104 40.61 -8.18 19.83
N GLY L 105 39.86 -8.74 20.76
CA GLY L 105 38.47 -8.37 20.97
C GLY L 105 37.61 -9.06 19.93
N THR L 106 36.32 -9.22 20.19
CA THR L 106 35.48 -9.85 19.19
C THR L 106 35.49 -8.92 17.98
N PRO L 107 35.32 -9.47 16.77
CA PRO L 107 35.32 -8.61 15.59
C PRO L 107 34.20 -7.58 15.59
N SER L 108 33.05 -7.95 16.14
CA SER L 108 31.89 -7.06 16.14
C SER L 108 31.60 -6.21 17.38
N ASP L 109 32.17 -6.57 18.53
CA ASP L 109 31.92 -5.79 19.75
C ASP L 109 33.05 -4.81 20.08
N TYR L 110 34.23 -5.07 19.51
CA TYR L 110 35.40 -4.22 19.71
C TYR L 110 35.90 -4.19 21.15
N CYS L 111 36.76 -3.21 21.45
CA CYS L 111 37.35 -3.11 22.78
C CYS L 111 37.22 -1.74 23.43
N ASN L 112 36.02 -1.16 23.41
CA ASN L 112 35.84 0.13 24.05
C ASN L 112 34.54 0.20 24.84
N LEU L 113 34.55 -0.47 25.99
CA LEU L 113 33.38 -0.47 26.85
C LEU L 113 33.35 0.79 27.70
N ARG L 114 32.16 1.39 27.78
CA ARG L 114 31.98 2.56 28.62
C ARG L 114 30.85 2.24 29.57
N VAL L 115 31.02 2.59 30.83
CA VAL L 115 29.98 2.33 31.83
C VAL L 115 29.30 3.67 32.12
N LEU L 116 27.97 3.69 31.95
CA LEU L 116 27.19 4.90 32.18
C LEU L 116 26.61 4.85 33.59
N ALA L 117 27.06 5.77 34.44
CA ALA L 117 26.62 5.80 35.82
C ALA L 117 25.39 6.66 36.09
N ASP L 118 24.29 6.01 36.47
CA ASP L 118 23.07 6.75 36.80
C ASP L 118 23.34 7.45 38.12
N SER L 119 22.50 8.42 38.45
CA SER L 119 22.62 9.16 39.70
C SER L 119 21.22 9.67 39.99
N PRO L 120 21.03 10.34 41.14
CA PRO L 120 19.70 10.87 41.49
C PRO L 120 19.14 11.82 40.44
N THR L 121 20.03 12.36 39.60
CA THR L 121 19.63 13.31 38.56
C THR L 121 19.92 12.84 37.13
N LEU L 122 20.37 11.59 36.98
CA LEU L 122 20.70 11.05 35.66
C LEU L 122 20.35 9.57 35.53
N LYS L 123 19.64 9.21 34.47
CA LYS L 123 19.23 7.84 34.23
C LYS L 123 19.46 7.49 32.75
N HIS L 124 20.29 6.48 32.48
CA HIS L 124 20.60 6.09 31.11
C HIS L 124 19.83 4.89 30.57
N VAL L 125 19.67 4.85 29.25
CA VAL L 125 19.05 3.72 28.57
C VAL L 125 19.80 3.64 27.23
N VAL L 126 20.12 2.41 26.83
CA VAL L 126 20.90 2.22 25.61
C VAL L 126 20.19 1.61 24.42
N VAL L 127 20.61 2.03 23.23
CA VAL L 127 20.06 1.53 21.98
C VAL L 127 21.10 1.67 20.86
N CYS L 128 20.89 0.97 19.76
CA CYS L 128 21.76 1.08 18.60
C CYS L 128 20.78 1.24 17.46
N THR L 129 20.52 2.49 17.06
CA THR L 129 19.56 2.75 16.00
C THR L 129 19.96 2.20 14.63
N LEU L 130 21.26 2.04 14.43
CA LEU L 130 21.78 1.54 13.16
C LEU L 130 21.74 0.02 13.02
N CYS L 131 21.67 -0.66 14.16
CA CYS L 131 21.62 -2.12 14.16
C CYS L 131 21.36 -2.65 15.57
N SER L 132 22.25 -3.49 16.08
CA SER L 132 22.04 -4.01 17.43
C SER L 132 23.35 -4.18 18.20
N CYS L 133 24.24 -3.19 18.05
CA CYS L 133 25.52 -3.22 18.75
C CYS L 133 25.19 -3.42 20.23
N TYR L 134 25.90 -4.36 20.83
CA TYR L 134 25.64 -4.75 22.22
C TYR L 134 26.97 -5.19 22.84
N PRO L 135 27.15 -4.96 24.16
CA PRO L 135 28.40 -5.35 24.83
C PRO L 135 28.43 -6.85 25.13
N ARG L 136 28.38 -7.66 24.08
CA ARG L 136 28.36 -9.12 24.22
C ARG L 136 29.39 -9.76 25.15
N PRO L 137 30.66 -9.34 25.06
CA PRO L 137 31.68 -9.95 25.92
C PRO L 137 31.38 -9.96 27.41
N ILE L 138 30.75 -8.90 27.90
CA ILE L 138 30.44 -8.79 29.32
C ILE L 138 28.95 -8.94 29.64
N LEU L 139 28.10 -8.89 28.63
CA LEU L 139 26.66 -8.97 28.86
C LEU L 139 25.91 -10.13 28.20
N GLY L 140 26.53 -10.77 27.20
CA GLY L 140 25.86 -11.87 26.54
C GLY L 140 25.20 -11.45 25.24
N GLN L 141 24.28 -12.26 24.75
CA GLN L 141 23.59 -11.98 23.48
C GLN L 141 22.47 -10.96 23.66
N SER L 142 22.18 -10.21 22.61
CA SER L 142 21.14 -9.17 22.65
C SER L 142 19.72 -9.73 22.63
N PRO L 143 18.77 -9.02 23.26
CA PRO L 143 17.37 -9.44 23.30
C PRO L 143 16.76 -9.22 21.91
N GLU L 144 15.78 -10.03 21.54
CA GLU L 144 15.13 -9.91 20.24
C GLU L 144 14.54 -8.51 20.03
N TRP L 145 13.86 -7.98 21.04
CA TRP L 145 13.26 -6.66 20.93
C TRP L 145 14.29 -5.54 20.78
N TYR L 146 15.48 -5.74 21.34
CA TYR L 146 16.54 -4.74 21.25
C TYR L 146 16.98 -4.56 19.80
N ARG L 147 16.83 -5.61 19.00
CA ARG L 147 17.23 -5.59 17.60
C ARG L 147 16.11 -5.16 16.65
N SER L 148 14.92 -4.96 17.19
CA SER L 148 13.77 -4.59 16.37
C SER L 148 13.80 -3.17 15.83
N PRO L 149 13.31 -2.99 14.58
CA PRO L 149 13.28 -1.67 13.97
C PRO L 149 12.48 -0.73 14.87
N ASN L 150 11.46 -1.30 15.51
CA ASN L 150 10.59 -0.52 16.39
C ASN L 150 11.33 0.17 17.54
N TYR L 151 12.06 -0.62 18.34
CA TYR L 151 12.83 -0.09 19.46
C TYR L 151 13.88 0.91 18.95
N ARG L 152 14.49 0.58 17.82
CA ARG L 152 15.52 1.41 17.21
C ARG L 152 15.01 2.74 16.66
N ARG L 153 13.75 2.78 16.25
CA ARG L 153 13.15 4.00 15.74
C ARG L 153 12.67 4.93 16.86
N ARG L 154 11.99 4.34 17.84
CA ARG L 154 11.37 5.09 18.93
C ARG L 154 12.14 5.54 20.16
N LEU L 155 13.02 4.70 20.70
CA LEU L 155 13.73 5.06 21.92
C LEU L 155 14.43 6.42 21.92
N VAL L 156 15.20 6.72 20.87
CA VAL L 156 15.92 7.98 20.82
C VAL L 156 15.01 9.21 20.83
N ARG L 157 13.77 9.04 20.35
CA ARG L 157 12.85 10.16 20.26
C ARG L 157 11.78 10.26 21.35
N TRP L 158 11.28 9.11 21.79
CA TRP L 158 10.25 9.06 22.83
C TRP L 158 10.71 8.13 23.94
N PRO L 159 11.88 8.39 24.55
CA PRO L 159 12.39 7.54 25.63
C PRO L 159 11.47 7.41 26.84
N ARG L 160 10.86 8.53 27.26
CA ARG L 160 9.95 8.53 28.40
C ARG L 160 8.79 7.58 28.13
N GLN L 161 8.21 7.70 26.94
CA GLN L 161 7.07 6.87 26.56
C GLN L 161 7.44 5.39 26.43
N VAL L 162 8.55 5.10 25.76
CA VAL L 162 8.99 3.71 25.61
C VAL L 162 9.29 3.11 26.98
N LEU L 163 10.04 3.84 27.81
CA LEU L 163 10.36 3.34 29.14
C LEU L 163 9.11 3.06 29.96
N ALA L 164 8.09 3.91 29.82
CA ALA L 164 6.84 3.71 30.55
C ALA L 164 6.20 2.39 30.13
N GLU L 165 6.31 2.06 28.84
CA GLU L 165 5.77 0.82 28.32
C GLU L 165 6.47 -0.36 29.02
N PHE L 166 7.75 -0.17 29.31
CA PHE L 166 8.56 -1.18 29.99
C PHE L 166 8.27 -1.16 31.49
N GLY L 167 7.44 -0.21 31.91
CA GLY L 167 7.10 -0.10 33.32
C GLY L 167 8.06 0.75 34.13
N LEU L 168 8.84 1.60 33.46
CA LEU L 168 9.78 2.45 34.16
C LEU L 168 9.48 3.93 33.94
N GLN L 169 9.40 4.67 35.04
CA GLN L 169 9.13 6.10 35.00
C GLN L 169 10.05 6.82 35.97
N LEU L 170 10.54 7.99 35.55
CA LEU L 170 11.42 8.79 36.40
C LEU L 170 10.89 10.21 36.51
N PRO L 171 11.28 10.91 37.59
CA PRO L 171 10.84 12.30 37.79
C PRO L 171 11.09 13.10 36.52
N SER L 172 10.21 14.05 36.23
CA SER L 172 10.34 14.86 35.03
C SER L 172 11.61 15.70 35.02
N GLU L 173 12.13 16.05 36.19
CA GLU L 173 13.34 16.86 36.27
C GLU L 173 14.62 16.03 36.12
N VAL L 174 14.52 14.73 36.34
CA VAL L 174 15.68 13.85 36.20
C VAL L 174 16.08 13.82 34.73
N GLN L 175 17.37 13.82 34.46
CA GLN L 175 17.86 13.78 33.09
C GLN L 175 17.86 12.36 32.56
N ILE L 176 17.03 12.08 31.57
CA ILE L 176 17.05 10.76 30.98
C ILE L 176 17.99 10.90 29.79
N ARG L 177 19.03 10.08 29.76
CA ARG L 177 19.98 10.14 28.66
C ARG L 177 19.95 8.86 27.85
N VAL L 178 19.66 9.00 26.56
CA VAL L 178 19.64 7.85 25.68
C VAL L 178 21.02 7.77 25.04
N ALA L 179 21.66 6.61 25.13
CA ALA L 179 22.97 6.42 24.53
C ALA L 179 22.78 5.60 23.27
N ASP L 180 23.15 6.16 22.12
CA ASP L 180 23.02 5.46 20.84
C ASP L 180 24.42 4.95 20.49
N SER L 181 24.65 3.65 20.62
CA SER L 181 25.97 3.08 20.31
C SER L 181 26.07 2.86 18.82
N ASN L 182 26.44 3.92 18.11
CA ASN L 182 26.55 3.90 16.67
C ASN L 182 27.95 3.68 16.10
N GLN L 183 28.97 3.69 16.96
CA GLN L 183 30.33 3.47 16.47
C GLN L 183 30.95 2.26 17.18
N LYS L 184 32.19 2.38 17.62
CA LYS L 184 32.85 1.24 18.26
C LYS L 184 32.68 1.09 19.78
N THR L 185 32.05 2.07 20.41
CA THR L 185 31.82 1.99 21.85
C THR L 185 30.57 1.16 22.17
N ARG L 186 30.66 0.37 23.23
CA ARG L 186 29.53 -0.44 23.68
C ARG L 186 29.31 0.02 25.13
N TYR L 187 28.05 0.05 25.58
CA TYR L 187 27.73 0.53 26.92
C TYR L 187 26.98 -0.47 27.80
N ILE L 188 27.09 -0.27 29.10
CA ILE L 188 26.31 -1.02 30.09
C ILE L 188 25.93 0.08 31.08
N VAL L 189 24.72 0.00 31.63
CA VAL L 189 24.26 0.99 32.57
C VAL L 189 24.48 0.56 34.01
N MET L 190 25.08 1.44 34.80
CA MET L 190 25.28 1.16 36.22
C MET L 190 24.16 1.94 36.91
N PRO L 191 23.06 1.24 37.27
CA PRO L 191 21.92 1.90 37.93
C PRO L 191 22.31 2.36 39.31
N VAL L 192 21.48 3.21 39.92
CA VAL L 192 21.76 3.67 41.28
C VAL L 192 21.37 2.51 42.19
N ARG L 193 22.10 2.35 43.29
CA ARG L 193 21.81 1.27 44.23
C ARG L 193 20.45 1.55 44.84
N PRO L 194 19.53 0.58 44.76
CA PRO L 194 18.20 0.77 45.33
C PRO L 194 18.14 0.68 46.85
N GLU L 195 17.11 1.28 47.43
CA GLU L 195 16.91 1.26 48.87
C GLU L 195 16.60 -0.16 49.32
N GLY L 196 16.87 -0.46 50.58
CA GLY L 196 16.58 -1.79 51.10
C GLY L 196 17.63 -2.84 50.81
N THR L 197 18.87 -2.41 50.63
CA THR L 197 19.95 -3.36 50.35
C THR L 197 21.14 -3.13 51.29
N ASP L 198 20.87 -2.51 52.43
CA ASP L 198 21.92 -2.23 53.41
C ASP L 198 22.55 -3.52 53.89
N GLY L 199 23.88 -3.55 53.90
CA GLY L 199 24.59 -4.73 54.35
C GLY L 199 24.62 -5.90 53.38
N TRP L 200 24.03 -5.71 52.20
CA TRP L 200 24.01 -6.78 51.19
C TRP L 200 25.40 -7.11 50.69
N THR L 201 25.62 -8.38 50.37
CA THR L 201 26.90 -8.83 49.86
C THR L 201 26.97 -8.56 48.35
N GLU L 202 28.16 -8.66 47.78
CA GLU L 202 28.36 -8.43 46.36
C GLU L 202 27.43 -9.34 45.55
N ASP L 203 27.33 -10.61 45.94
CA ASP L 203 26.48 -11.55 45.23
C ASP L 203 24.99 -11.19 45.31
N GLN L 204 24.55 -10.75 46.47
CA GLN L 204 23.15 -10.37 46.65
C GLN L 204 22.80 -9.15 45.80
N LEU L 205 23.74 -8.22 45.71
CA LEU L 205 23.55 -7.00 44.92
C LEU L 205 23.55 -7.30 43.42
N ALA L 206 24.51 -8.12 42.98
CA ALA L 206 24.61 -8.47 41.58
C ALA L 206 23.36 -9.20 41.11
N GLU L 207 22.79 -10.00 42.00
CA GLU L 207 21.61 -10.79 41.70
C GLU L 207 20.40 -9.99 41.22
N ILE L 208 20.26 -8.75 41.67
CA ILE L 208 19.12 -7.92 41.26
C ILE L 208 19.45 -6.99 40.08
N VAL L 209 20.70 -7.05 39.60
CA VAL L 209 21.10 -6.23 38.46
C VAL L 209 20.92 -7.11 37.23
N THR L 210 19.69 -7.14 36.72
CA THR L 210 19.36 -7.96 35.56
C THR L 210 19.86 -7.37 34.24
N ARG L 211 19.74 -8.18 33.19
CA ARG L 211 20.14 -7.76 31.84
C ARG L 211 19.42 -6.47 31.49
N ASP L 212 18.11 -6.43 31.71
CA ASP L 212 17.31 -5.25 31.40
C ASP L 212 17.78 -4.01 32.17
N CYS L 213 18.30 -4.21 33.38
CA CYS L 213 18.83 -3.11 34.18
C CYS L 213 20.10 -2.57 33.53
N LEU L 214 20.89 -3.48 32.96
CA LEU L 214 22.15 -3.12 32.33
C LEU L 214 21.92 -2.44 30.98
N ILE L 215 20.74 -2.66 30.40
CA ILE L 215 20.38 -2.02 29.14
C ILE L 215 19.77 -0.66 29.50
N GLY L 216 19.05 -0.63 30.64
CA GLY L 216 18.44 0.60 31.08
C GLY L 216 16.93 0.67 30.98
N VAL L 217 16.27 -0.39 30.52
CA VAL L 217 14.82 -0.36 30.40
C VAL L 217 14.14 -0.73 31.72
N ALA L 218 14.96 -0.97 32.74
CA ALA L 218 14.45 -1.32 34.07
C ALA L 218 15.50 -0.92 35.09
N VAL L 219 15.09 -0.84 36.35
CA VAL L 219 16.02 -0.50 37.43
C VAL L 219 15.98 -1.66 38.41
N PRO L 220 17.09 -1.88 39.14
CA PRO L 220 17.18 -2.96 40.12
C PRO L 220 16.24 -2.77 41.31
N LYS L 221 15.62 -3.86 41.75
CA LYS L 221 14.70 -3.85 42.88
C LYS L 221 14.88 -5.09 43.74
N PRO L 222 14.97 -4.92 45.07
CA PRO L 222 15.14 -6.07 45.95
C PRO L 222 14.05 -7.12 45.68
N GLY L 223 14.44 -8.39 45.64
CA GLY L 223 13.48 -9.44 45.40
C GLY L 223 13.25 -9.79 43.94
N ILE L 224 13.61 -8.90 43.04
CA ILE L 224 13.44 -9.15 41.61
C ILE L 224 14.81 -9.54 41.07
N THR L 225 14.94 -10.80 40.66
CA THR L 225 16.21 -11.30 40.18
C THR L 225 16.20 -11.80 38.74
N VAL L 226 15.11 -11.54 38.03
CA VAL L 226 15.01 -11.95 36.63
C VAL L 226 14.31 -10.83 35.86
N ASN L 227 14.53 -10.78 34.54
CA ASN L 227 13.90 -9.75 33.71
C ASN L 227 12.39 -9.92 33.76
N ALA L 228 11.67 -8.82 33.61
CA ALA L 228 10.21 -8.87 33.63
C ALA L 228 9.76 -9.88 32.59
N LYS L 229 8.76 -10.68 32.92
CA LYS L 229 8.25 -11.69 32.01
C LYS L 229 7.63 -11.01 30.79
N ARG L 230 7.97 -11.52 29.61
CA ARG L 230 7.44 -11.00 28.35
C ARG L 230 7.10 -12.17 27.47
N PRO L 231 6.29 -11.95 26.43
CA PRO L 231 5.94 -13.06 25.54
C PRO L 231 7.23 -13.60 24.94
N VAL L 232 7.29 -14.90 24.71
CA VAL L 232 8.47 -15.52 24.13
C VAL L 232 8.12 -16.21 22.83
N LEU L 233 8.67 -15.72 21.72
CA LEU L 233 8.42 -16.32 20.43
C LEU L 233 9.30 -17.55 20.31
N LYS L 234 8.68 -18.69 20.07
CA LYS L 234 9.39 -19.96 19.94
C LYS L 234 10.10 -20.10 18.60
N ALA L 235 11.23 -20.80 18.63
CA ALA L 235 12.00 -21.03 17.41
C ALA L 235 11.51 -22.33 16.79
N ASN L 236 11.66 -22.46 15.47
CA ASN L 236 11.25 -23.66 14.77
C ASN L 236 12.15 -24.82 15.22
N ARG L 237 13.43 -24.54 15.37
CA ARG L 237 14.40 -25.55 15.80
C ARG L 237 15.43 -24.86 16.70
N PRO L 238 15.09 -24.66 17.98
CA PRO L 238 15.93 -24.00 19.00
C PRO L 238 17.21 -24.71 19.41
N VAL L 239 18.18 -23.93 19.87
CA VAL L 239 19.47 -24.46 20.30
C VAL L 239 19.32 -25.23 21.60
C1 FRU M . -6.25 5.34 -16.51
C2 FRU M . -5.55 6.59 -17.17
C3 FRU M . -6.08 6.95 -18.55
C4 FRU M . -4.97 7.84 -19.15
C5 FRU M . -3.74 7.19 -18.52
C6 FRU M . -2.87 8.27 -17.82
O1 FRU M . -6.30 4.20 -17.41
O2 FRU M . -5.61 7.58 -16.16
O3 FRU M . -7.33 7.50 -18.95
O4 FRU M . -4.98 7.78 -20.56
O5 FRU M . -4.26 6.15 -17.58
O6 FRU M . -2.35 7.71 -16.67
C1 FRU N . 20.55 -0.23 -1.13
C2 FRU N . 20.64 0.49 -2.55
C3 FRU N . 22.00 1.37 -2.29
C4 FRU N . 23.27 0.49 -2.34
C5 FRU N . 22.87 -0.35 -3.43
C6 FRU N . 23.05 -1.84 -3.07
O1 FRU N . 20.81 0.62 0.01
O2 FRU N . 20.28 -0.86 -2.82
O3 FRU N . 22.24 2.26 -1.20
O4 FRU N . 24.42 1.26 -2.65
O5 FRU N . 21.48 0.12 -3.72
O6 FRU N . 24.21 -2.24 -3.68
C1 FRU O . -2.03 -14.90 -10.25
C2 FRU O . -1.30 -15.30 -11.60
C3 FRU O . -1.94 -16.46 -12.37
C4 FRU O . -0.83 -16.95 -13.30
C5 FRU O . 0.38 -16.70 -12.41
C6 FRU O . 1.42 -15.91 -13.21
O1 FRU O . -2.29 -16.04 -9.38
O2 FRU O . -1.15 -14.07 -12.30
O3 FRU O . -3.17 -16.53 -13.09
O4 FRU O . -0.99 -18.32 -13.66
O5 FRU O . -0.13 -15.99 -11.21
O6 FRU O . 2.02 -16.82 -14.04
O1 TLA P . 23.53 -1.77 -22.15
O11 TLA P . 22.83 -3.76 -22.90
C1 TLA P . 22.89 -2.85 -22.04
C2 TLA P . 22.08 -3.08 -20.73
O2 TLA P . 21.14 -4.14 -20.89
C3 TLA P . 21.33 -1.82 -20.33
O3 TLA P . 20.52 -1.38 -21.36
C4 TLA P . 20.57 -2.08 -19.04
O4 TLA P . 21.26 -2.45 -18.04
O41 TLA P . 19.32 -1.94 -19.02
O1 TLA Q . 13.35 -26.49 -37.79
O11 TLA Q . 14.07 -25.07 -39.36
C1 TLA Q . 13.46 -25.34 -38.28
C2 TLA Q . 12.81 -24.16 -37.53
O2 TLA Q . 12.48 -23.11 -38.44
C3 TLA Q . 13.76 -23.62 -36.45
O3 TLA Q . 14.99 -23.26 -37.02
C4 TLA Q . 13.07 -22.47 -35.73
O4 TLA Q . 11.98 -22.74 -35.14
O41 TLA Q . 13.62 -21.33 -35.75
O1 TLA R . -29.42 -7.95 -11.13
O11 TLA R . -29.15 -6.63 -12.94
C1 TLA R . -28.88 -6.99 -11.75
C2 TLA R . -27.77 -6.17 -11.02
O2 TLA R . -27.00 -5.44 -11.98
C3 TLA R . -26.85 -7.09 -10.23
O3 TLA R . -26.30 -8.07 -11.06
C4 TLA R . -25.80 -6.24 -9.53
O4 TLA R . -26.16 -5.41 -8.66
O41 TLA R . -24.59 -6.46 -9.86
O1 TLA S . -26.84 4.69 -39.18
O11 TLA S . -27.92 2.75 -39.62
C1 TLA S . -27.05 3.44 -39.03
C2 TLA S . -26.12 2.73 -38.02
O2 TLA S . -26.06 1.33 -38.28
C3 TLA S . -26.62 2.96 -36.58
O3 TLA S . -27.93 2.51 -36.45
C4 TLA S . -25.66 2.28 -35.63
O4 TLA S . -26.12 1.31 -34.94
O41 TLA S . -24.46 2.70 -35.56
C1 FRU T . 8.68 11.78 11.33
C2 FRU T . 8.31 13.32 11.31
C3 FRU T . 9.23 14.23 12.11
C4 FRU T . 8.40 15.52 12.29
C5 FRU T . 7.01 14.91 12.42
C6 FRU T . 6.06 15.61 11.43
O1 FRU T . 8.92 11.28 12.67
O2 FRU T . 8.13 13.60 9.93
O3 FRU T . 10.57 14.61 11.88
O4 FRU T . 8.80 16.24 13.45
O5 FRU T . 7.17 13.45 12.17
O6 FRU T . 5.11 16.19 12.20
C1 FRU U . -19.03 7.67 1.46
C2 FRU U . -20.20 7.10 0.56
C3 FRU U . -19.83 6.83 -0.89
C4 FRU U . -21.16 6.92 -1.65
C5 FRU U . -21.86 7.97 -0.83
C6 FRU U . -23.22 7.46 -0.39
O1 FRU U . -18.39 8.82 0.85
O2 FRU U . -20.75 6.02 1.30
O3 FRU U . -19.05 5.77 -1.46
O4 FRU U . -20.97 7.30 -3.00
O5 FRU U . -20.98 8.26 0.30
O6 FRU U . -23.68 8.39 0.50
C1 FRU V . -18.67 -0.59 6.64
C2 FRU V . -20.01 0.20 6.25
C3 FRU V . -21.27 -0.36 6.90
C4 FRU V . -22.43 0.19 6.05
C5 FRU V . -21.76 0.20 4.68
C6 FRU V . -21.96 1.59 4.05
O1 FRU V . -18.77 -2.02 6.49
O2 FRU V . -19.69 1.56 6.48
O3 FRU V . -21.69 -0.33 8.26
O4 FRU V . -23.57 -0.66 6.11
O5 FRU V . -20.33 -0.19 4.91
O6 FRU V . -23.31 1.76 3.86
O1 TLA W . -21.11 15.26 19.36
O11 TLA W . -21.30 16.65 17.61
C1 TLA W . -21.00 15.54 18.13
C2 TLA W . -20.44 14.42 17.22
O2 TLA W . -19.76 13.45 17.99
C3 TLA W . -19.48 15.01 16.19
O3 TLA W . -18.47 15.71 16.83
C4 TLA W . -18.96 13.91 15.29
O4 TLA W . -17.70 13.71 15.30
O41 TLA W . -19.77 13.26 14.58
O1 TLA X . -15.70 5.97 40.37
O11 TLA X . -14.37 4.19 40.75
C1 TLA X . -15.34 4.94 41.02
C2 TLA X . -16.22 4.58 42.26
O2 TLA X . -17.36 5.43 42.34
C3 TLA X . -15.39 4.70 43.54
O3 TLA X . -14.86 5.99 43.66
C4 TLA X . -16.26 4.31 44.73
O4 TLA X . -16.47 5.21 45.60
O41 TLA X . -16.70 3.13 44.79
C1 FRU Y . -4.74 -5.89 19.63
C2 FRU Y . -3.42 -6.70 19.32
C3 FRU Y . -2.37 -6.63 20.42
C4 FRU Y . -1.07 -7.05 19.70
C5 FRU Y . -1.33 -6.45 18.33
C6 FRU Y . -1.11 -7.55 17.26
O1 FRU Y . -4.46 -4.54 20.04
O2 FRU Y . -3.88 -7.99 18.94
O3 FRU Y . -2.36 -7.21 21.73
O4 FRU Y . 0.06 -6.50 20.36
O5 FRU Y . -2.71 -5.92 18.36
O6 FRU Y . -0.34 -6.99 16.29
C1 FRU Z . 23.05 -6.66 -2.00
C2 FRU Z . 21.72 -7.49 -2.25
C3 FRU Z . 21.88 -8.74 -3.09
C4 FRU Z . 20.47 -9.06 -3.60
C5 FRU Z . 19.93 -7.64 -3.75
C6 FRU Z . 18.57 -7.54 -3.07
O1 FRU Z . 23.76 -6.38 -3.24
O2 FRU Z . 21.17 -7.66 -0.95
O3 FRU Z . 22.52 -9.98 -2.78
O4 FRU Z . 20.48 -9.79 -4.81
O5 FRU Z . 20.98 -6.74 -3.20
O6 FRU Z . 17.68 -7.87 -4.04
O1 TLA AA . 22.96 -5.85 13.57
O11 TLA AA . 24.69 -6.06 12.14
C1 TLA AA . 24.16 -6.14 13.28
C2 TLA AA . 25.05 -6.63 14.46
O2 TLA AA . 24.31 -6.65 15.67
C3 TLA AA . 26.27 -5.73 14.62
O3 TLA AA . 25.88 -4.41 14.81
C4 TLA AA . 27.11 -6.26 15.78
O4 TLA AA . 27.54 -5.44 16.63
O41 TLA AA . 27.32 -7.51 15.82
O1 TLA BA . 27.08 15.54 30.14
O11 TLA BA . 28.31 13.68 30.42
C1 TLA BA . 28.13 14.94 30.47
C2 TLA BA . 29.34 15.78 30.96
O2 TLA BA . 30.48 14.97 31.15
C3 TLA BA . 28.98 16.50 32.26
O3 TLA BA . 28.58 15.58 33.22
C4 TLA BA . 30.17 17.35 32.70
O4 TLA BA . 30.79 17.02 33.76
O41 TLA BA . 30.46 18.34 31.96
#